data_5TGF
#
_entry.id   5TGF
#
_cell.length_a   63.475
_cell.length_b   68.292
_cell.length_c   88.216
_cell.angle_alpha   103.84
_cell.angle_beta   106.28
_cell.angle_gamma   101.20
#
_symmetry.space_group_name_H-M   'P 1'
#
loop_
_entity.id
_entity.type
_entity.pdbx_description
1 polymer 'Uncharacterized protein'
2 non-polymer GLYCEROL
3 non-polymer 'CALCIUM ION'
4 water water
#
_entity_poly.entity_id   1
_entity_poly.type   'polypeptide(L)'
_entity_poly.pdbx_seq_one_letter_code
;QSKQGATYDFTPLDSIISSW(MSE)DKGYYPGGAICVVKNDSVLFEKAYGSFTGDTKVYVASAGKWVAAAVIGAVVDRTD
LSWDDPVEKWLPQFRGDAKGGILLRQLLSHTSGVRPYLPAPRVDNYNHLDSAVTEILSLDTVFTPGTRFEYGGLA(MSE)
QIAGR(MSE)AEVA(MSE)GKEFEPLFQELIAAPLG(MSE)THSHFAPVNTDGGHAP(MSE)LGGGLCTTLNDYIRFLK
(MSE)IYHNGRSGNREILKPETVQT(MSE)QADQVRNAVVAPGEYVEKALGQHHTSIYGLGEWRELVDEATGEAYQISSP
GWAGAYPWINKRDGVYGFFIAHVQGEANKKDGFSSFYGSPVLSETVTKIVNQ
;
_entity_poly.pdbx_strand_id   A,B,C,D
#
# COMPACT_ATOMS: atom_id res chain seq x y z
N THR A 7 -3.98 7.10 -50.97
CA THR A 7 -3.04 8.25 -50.78
C THR A 7 -3.76 9.53 -50.33
N TYR A 8 -3.85 9.71 -49.03
CA TYR A 8 -4.56 10.81 -48.43
C TYR A 8 -3.63 11.97 -48.26
N ASP A 9 -4.17 13.19 -48.19
CA ASP A 9 -3.34 14.35 -47.88
C ASP A 9 -3.58 14.83 -46.45
N PHE A 10 -2.63 14.56 -45.55
CA PHE A 10 -2.77 14.91 -44.12
C PHE A 10 -2.22 16.30 -43.73
N THR A 11 -1.87 17.13 -44.71
CA THR A 11 -1.44 18.47 -44.45
C THR A 11 -2.36 19.30 -43.56
N PRO A 12 -3.69 19.27 -43.80
CA PRO A 12 -4.52 20.12 -42.95
C PRO A 12 -4.44 19.74 -41.44
N LEU A 13 -4.31 18.45 -41.13
CA LEU A 13 -4.18 18.01 -39.74
C LEU A 13 -2.83 18.47 -39.18
N ASP A 14 -1.76 18.22 -39.95
CA ASP A 14 -0.40 18.61 -39.52
C ASP A 14 -0.33 20.13 -39.30
N SER A 15 -1.05 20.90 -40.10
CA SER A 15 -0.97 22.35 -39.98
C SER A 15 -1.61 22.79 -38.68
N ILE A 16 -2.73 22.15 -38.34
CA ILE A 16 -3.43 22.55 -37.12
C ILE A 16 -2.59 22.21 -35.89
N ILE A 17 -2.02 21.02 -35.85
CA ILE A 17 -1.21 20.62 -34.70
C ILE A 17 0.07 21.49 -34.60
N SER A 18 0.71 21.76 -35.73
CA SER A 18 1.93 22.57 -35.75
C SER A 18 1.66 23.98 -35.23
N SER A 19 0.51 24.53 -35.61
CA SER A 19 0.13 25.85 -35.12
C SER A 19 -0.06 25.87 -33.61
N TRP A 20 -0.62 24.82 -33.03
CA TRP A 20 -0.65 24.72 -31.55
C TRP A 20 0.77 24.71 -30.94
N ASP A 22 3.53 26.01 -32.43
CA ASP A 22 4.12 27.32 -32.69
C ASP A 22 3.60 28.40 -31.74
N LYS A 23 2.35 28.27 -31.27
CA LYS A 23 1.79 29.24 -30.30
C LYS A 23 2.12 28.90 -28.85
N GLY A 24 2.84 27.82 -28.62
CA GLY A 24 3.26 27.46 -27.30
C GLY A 24 2.16 26.86 -26.39
N TYR A 25 1.02 26.50 -26.97
CA TYR A 25 -0.03 25.84 -26.20
C TYR A 25 0.45 24.52 -25.59
N TYR A 26 1.20 23.74 -26.36
CA TYR A 26 1.86 22.52 -25.88
C TYR A 26 3.39 22.57 -26.12
N PRO A 27 4.19 21.90 -25.26
CA PRO A 27 5.64 21.79 -25.52
C PRO A 27 5.96 20.69 -26.53
N GLY A 28 5.02 19.79 -26.74
CA GLY A 28 5.21 18.62 -27.58
C GLY A 28 3.88 17.91 -27.68
N GLY A 29 3.83 16.88 -28.52
CA GLY A 29 2.63 16.08 -28.69
C GLY A 29 2.89 14.96 -29.66
N ALA A 30 1.92 14.07 -29.81
CA ALA A 30 2.04 13.03 -30.81
C ALA A 30 0.66 12.56 -31.23
N ILE A 31 0.56 12.12 -32.48
CA ILE A 31 -0.70 11.59 -33.00
C ILE A 31 -0.48 10.32 -33.80
N CYS A 32 -1.49 9.45 -33.76
CA CYS A 32 -1.58 8.28 -34.65
C CYS A 32 -3.02 8.12 -35.13
N VAL A 33 -3.21 7.98 -36.46
CA VAL A 33 -4.52 7.77 -37.09
C VAL A 33 -4.49 6.48 -37.89
N VAL A 34 -5.43 5.58 -37.62
CA VAL A 34 -5.47 4.27 -38.24
C VAL A 34 -6.81 4.12 -38.94
N LYS A 35 -6.77 3.69 -40.21
CA LYS A 35 -8.01 3.47 -40.98
C LYS A 35 -8.02 2.07 -41.54
N ASN A 36 -9.09 1.34 -41.25
CA ASN A 36 -9.22 -0.04 -41.70
C ASN A 36 -7.92 -0.82 -41.39
N ASP A 37 -7.38 -0.60 -40.19
CA ASP A 37 -6.15 -1.24 -39.67
C ASP A 37 -4.82 -0.93 -40.38
N SER A 38 -4.77 0.15 -41.17
CA SER A 38 -3.50 0.67 -41.67
C SER A 38 -3.23 2.01 -40.98
N VAL A 39 -1.99 2.22 -40.57
CA VAL A 39 -1.61 3.50 -40.02
C VAL A 39 -1.52 4.56 -41.13
N LEU A 40 -2.42 5.54 -41.13
CA LEU A 40 -2.42 6.58 -42.19
C LEU A 40 -1.55 7.76 -41.87
N PHE A 41 -1.37 8.08 -40.61
CA PHE A 41 -0.63 9.25 -40.20
C PHE A 41 -0.16 9.06 -38.78
N GLU A 42 1.14 9.30 -38.56
CA GLU A 42 1.76 9.12 -37.24
C GLU A 42 2.95 10.07 -37.17
N LYS A 43 2.96 10.94 -36.16
CA LYS A 43 3.95 12.01 -36.10
C LYS A 43 4.08 12.51 -34.68
N ALA A 44 5.31 12.79 -34.29
CA ALA A 44 5.57 13.38 -32.99
C ALA A 44 6.07 14.81 -33.17
N TYR A 45 5.73 15.68 -32.22
CA TYR A 45 6.04 17.12 -32.28
C TYR A 45 6.79 17.53 -31.03
N GLY A 46 7.62 18.55 -31.16
CA GLY A 46 8.40 19.05 -30.04
C GLY A 46 9.25 17.97 -29.43
N SER A 47 9.18 17.84 -28.11
CA SER A 47 10.00 16.92 -27.34
C SER A 47 9.54 15.47 -27.41
N PHE A 48 8.33 15.21 -27.91
CA PHE A 48 7.67 13.92 -27.71
C PHE A 48 8.18 12.81 -28.65
N THR A 49 8.04 11.59 -28.19
CA THR A 49 8.04 10.39 -29.02
C THR A 49 6.77 9.59 -28.77
N GLY A 50 6.61 8.46 -29.47
CA GLY A 50 5.50 7.54 -29.22
C GLY A 50 5.47 6.95 -27.81
N ASP A 51 6.59 7.05 -27.12
CA ASP A 51 6.77 6.43 -25.84
C ASP A 51 6.86 7.45 -24.69
N THR A 52 6.63 8.72 -24.99
CA THR A 52 6.58 9.76 -23.96
C THR A 52 5.39 9.55 -23.03
N LYS A 53 5.65 9.40 -21.73
CA LYS A 53 4.58 9.22 -20.79
C LYS A 53 3.91 10.55 -20.46
N VAL A 54 2.57 10.57 -20.47
CA VAL A 54 1.81 11.77 -20.24
C VAL A 54 0.65 11.45 -19.31
N TYR A 55 0.40 12.35 -18.36
CA TYR A 55 -0.85 12.30 -17.57
C TYR A 55 -2.02 12.82 -18.40
N VAL A 56 -2.94 11.94 -18.77
CA VAL A 56 -3.98 12.28 -19.78
C VAL A 56 -5.37 12.54 -19.20
N ALA A 57 -5.43 12.55 -17.88
CA ALA A 57 -6.68 12.93 -17.18
C ALA A 57 -7.88 12.10 -17.64
N SER A 58 -8.96 12.72 -18.11
CA SER A 58 -10.18 11.97 -18.40
C SER A 58 -10.07 11.04 -19.58
N ALA A 59 -8.99 11.09 -20.35
CA ALA A 59 -8.79 10.04 -21.35
C ALA A 59 -8.77 8.65 -20.73
N GLY A 60 -8.41 8.57 -19.45
CA GLY A 60 -8.47 7.32 -18.71
C GLY A 60 -9.83 6.78 -18.34
N LYS A 61 -10.91 7.57 -18.44
CA LYS A 61 -12.24 7.07 -18.09
C LYS A 61 -12.63 5.89 -18.98
N TRP A 62 -12.27 5.99 -20.25
CA TRP A 62 -12.56 4.93 -21.23
C TRP A 62 -11.86 3.65 -20.83
N VAL A 63 -10.58 3.76 -20.53
CA VAL A 63 -9.75 2.62 -20.08
C VAL A 63 -10.27 2.05 -18.75
N ALA A 64 -10.65 2.92 -17.82
CA ALA A 64 -11.14 2.43 -16.52
C ALA A 64 -12.47 1.69 -16.64
N ALA A 65 -13.36 2.19 -17.48
CA ALA A 65 -14.60 1.47 -17.80
C ALA A 65 -14.30 0.08 -18.41
N ALA A 66 -13.28 0.01 -19.26
CA ALA A 66 -12.85 -1.29 -19.82
C ALA A 66 -12.31 -2.28 -18.76
N VAL A 67 -11.61 -1.79 -17.73
CA VAL A 67 -11.13 -2.67 -16.67
C VAL A 67 -12.35 -3.26 -15.93
N ILE A 68 -13.32 -2.40 -15.60
CA ILE A 68 -14.54 -2.83 -14.95
C ILE A 68 -15.35 -3.79 -15.84
N GLY A 69 -15.44 -3.50 -17.13
CA GLY A 69 -16.05 -4.43 -18.06
C GLY A 69 -15.38 -5.82 -18.07
N ALA A 70 -14.08 -5.88 -17.93
CA ALA A 70 -13.38 -7.18 -17.90
C ALA A 70 -13.70 -7.97 -16.60
N VAL A 71 -13.98 -7.25 -15.53
CA VAL A 71 -14.43 -7.85 -14.29
C VAL A 71 -15.86 -8.33 -14.42
N VAL A 72 -16.72 -7.52 -15.02
CA VAL A 72 -18.10 -7.92 -15.29
C VAL A 72 -18.14 -9.21 -16.12
N ASP A 73 -17.25 -9.33 -17.08
CA ASP A 73 -17.15 -10.52 -17.91
C ASP A 73 -16.78 -11.79 -17.11
N ARG A 74 -16.04 -11.65 -16.03
CA ARG A 74 -15.42 -12.77 -15.28
C ARG A 74 -16.10 -13.13 -13.93
N THR A 75 -17.06 -12.33 -13.49
CA THR A 75 -17.62 -12.46 -12.13
C THR A 75 -19.14 -12.27 -12.20
N ASP A 76 -19.81 -12.38 -11.06
CA ASP A 76 -21.23 -12.06 -10.96
C ASP A 76 -21.52 -10.54 -10.92
N LEU A 77 -20.48 -9.71 -10.96
CA LEU A 77 -20.68 -8.24 -11.08
C LEU A 77 -21.39 -7.93 -12.39
N SER A 78 -22.41 -7.08 -12.30
CA SER A 78 -23.21 -6.74 -13.46
C SER A 78 -23.51 -5.24 -13.52
N TRP A 79 -23.75 -4.72 -14.71
CA TRP A 79 -23.99 -3.30 -14.91
C TRP A 79 -25.20 -2.80 -14.14
N ASP A 80 -26.16 -3.69 -13.88
CA ASP A 80 -27.36 -3.31 -13.16
C ASP A 80 -27.31 -3.61 -11.66
N ASP A 81 -26.14 -3.99 -11.14
CA ASP A 81 -25.99 -4.20 -9.71
C ASP A 81 -25.99 -2.88 -8.91
N PRO A 82 -26.64 -2.87 -7.76
CA PRO A 82 -26.52 -1.72 -6.86
C PRO A 82 -25.26 -1.75 -6.05
N VAL A 83 -24.81 -0.58 -5.62
CA VAL A 83 -23.60 -0.45 -4.83
C VAL A 83 -23.61 -1.39 -3.61
N GLU A 84 -24.72 -1.40 -2.87
CA GLU A 84 -24.83 -2.10 -1.61
C GLU A 84 -24.80 -3.61 -1.73
N LYS A 85 -25.05 -4.15 -2.92
CA LYS A 85 -24.83 -5.59 -3.14
C LYS A 85 -23.38 -5.98 -2.89
N TRP A 86 -22.47 -5.10 -3.27
CA TRP A 86 -21.06 -5.39 -3.20
C TRP A 86 -20.36 -4.69 -2.06
N LEU A 87 -20.81 -3.49 -1.68
CA LEU A 87 -20.18 -2.70 -0.62
C LEU A 87 -21.18 -2.48 0.53
N PRO A 88 -21.26 -3.44 1.46
CA PRO A 88 -22.35 -3.41 2.44
C PRO A 88 -22.31 -2.22 3.40
N GLN A 89 -21.19 -1.52 3.51
CA GLN A 89 -21.18 -0.29 4.26
C GLN A 89 -22.12 0.78 3.70
N PHE A 90 -22.60 0.61 2.46
CA PHE A 90 -23.55 1.57 1.88
C PHE A 90 -25.02 1.29 2.23
N ARG A 91 -25.33 0.16 2.88
CA ARG A 91 -26.72 -0.13 3.27
C ARG A 91 -27.17 0.89 4.31
N GLY A 92 -28.38 1.40 4.18
CA GLY A 92 -28.86 2.46 5.06
C GLY A 92 -28.72 3.85 4.48
N ASP A 93 -27.95 3.96 3.40
CA ASP A 93 -27.70 5.22 2.71
C ASP A 93 -28.46 5.16 1.40
N ALA A 94 -29.04 6.27 0.98
CA ALA A 94 -29.69 6.32 -0.34
C ALA A 94 -28.74 5.99 -1.51
N LYS A 95 -27.43 6.22 -1.32
CA LYS A 95 -26.45 5.91 -2.34
C LYS A 95 -26.31 4.40 -2.57
N GLY A 96 -26.70 3.58 -1.60
CA GLY A 96 -26.56 2.13 -1.75
C GLY A 96 -27.30 1.57 -2.94
N GLY A 97 -28.35 2.27 -3.37
CA GLY A 97 -29.19 1.80 -4.48
C GLY A 97 -28.75 2.26 -5.86
N ILE A 98 -27.71 3.09 -5.92
CA ILE A 98 -27.13 3.51 -7.20
C ILE A 98 -26.64 2.28 -7.97
N LEU A 99 -26.89 2.25 -9.28
CA LEU A 99 -26.39 1.14 -10.11
C LEU A 99 -24.99 1.41 -10.65
N LEU A 100 -24.26 0.34 -10.91
CA LEU A 100 -22.93 0.46 -11.47
C LEU A 100 -22.92 1.26 -12.78
N ARG A 101 -23.87 0.99 -13.67
CA ARG A 101 -23.95 1.73 -14.93
C ARG A 101 -24.24 3.22 -14.71
N GLN A 102 -24.88 3.56 -13.59
CA GLN A 102 -25.17 4.98 -13.29
C GLN A 102 -23.93 5.71 -12.81
N LEU A 103 -23.13 5.02 -12.03
CA LEU A 103 -21.84 5.55 -11.61
C LEU A 103 -20.98 5.95 -12.82
N LEU A 104 -20.94 5.07 -13.82
CA LEU A 104 -20.01 5.24 -14.94
C LEU A 104 -20.57 6.14 -16.05
N SER A 105 -21.81 6.62 -15.90
CA SER A 105 -22.45 7.45 -16.91
C SER A 105 -22.75 8.86 -16.42
N HIS A 106 -22.18 9.22 -15.26
CA HIS A 106 -22.36 10.52 -14.67
C HIS A 106 -23.82 10.82 -14.31
N THR A 107 -24.60 9.76 -14.08
CA THR A 107 -26.03 9.92 -13.77
C THR A 107 -26.36 9.41 -12.36
N SER A 108 -25.35 9.26 -11.51
CA SER A 108 -25.55 8.70 -10.17
C SER A 108 -26.10 9.69 -9.14
N GLY A 109 -25.82 10.98 -9.34
CA GLY A 109 -26.04 12.02 -8.34
C GLY A 109 -25.04 12.11 -7.21
N VAL A 110 -23.95 11.34 -7.29
CA VAL A 110 -22.84 11.48 -6.36
C VAL A 110 -22.15 12.84 -6.62
N ARG A 111 -21.70 13.49 -5.56
CA ARG A 111 -21.05 14.80 -5.72
C ARG A 111 -19.86 14.64 -6.72
N PRO A 112 -19.65 15.60 -7.63
CA PRO A 112 -18.54 15.45 -8.59
C PRO A 112 -17.14 15.27 -7.99
N TYR A 113 -16.77 16.14 -7.06
CA TYR A 113 -15.44 16.14 -6.42
C TYR A 113 -15.57 16.41 -4.93
N LEU A 114 -14.53 16.08 -4.16
CA LEU A 114 -14.61 16.35 -2.70
C LEU A 114 -14.82 17.87 -2.46
N PRO A 115 -15.48 18.26 -1.35
CA PRO A 115 -15.62 19.68 -1.02
C PRO A 115 -14.26 20.36 -0.71
N ALA A 116 -14.12 21.55 -1.24
CA ALA A 116 -12.90 22.31 -1.09
C ALA A 116 -12.61 22.57 0.40
N PRO A 117 -11.33 22.52 0.81
CA PRO A 117 -10.15 22.45 -0.04
C PRO A 117 -9.64 21.02 -0.25
N ARG A 118 -10.42 20.02 0.16
CA ARG A 118 -10.01 18.61 0.06
C ARG A 118 -9.93 18.20 -1.44
N VAL A 119 -9.01 17.30 -1.76
CA VAL A 119 -8.92 16.73 -3.11
C VAL A 119 -8.72 15.20 -2.98
N ASP A 120 -9.52 14.42 -3.69
CA ASP A 120 -9.34 12.95 -3.68
C ASP A 120 -8.12 12.58 -4.52
N ASN A 121 -6.99 12.33 -3.85
CA ASN A 121 -5.74 11.85 -4.46
C ASN A 121 -5.42 10.43 -3.94
N TYR A 122 -6.42 9.71 -3.45
CA TYR A 122 -6.18 8.41 -2.81
C TYR A 122 -5.50 7.41 -3.75
N ASN A 123 -4.57 6.65 -3.22
CA ASN A 123 -3.99 5.51 -3.96
C ASN A 123 -4.63 4.17 -3.59
N HIS A 124 -5.63 4.21 -2.72
CA HIS A 124 -6.43 3.01 -2.43
C HIS A 124 -7.89 3.32 -2.43
N LEU A 125 -8.64 2.58 -3.22
CA LEU A 125 -10.05 2.89 -3.36
C LEU A 125 -10.88 2.65 -2.11
N ASP A 126 -10.46 1.69 -1.27
CA ASP A 126 -11.21 1.47 -0.04
C ASP A 126 -11.24 2.69 0.86
N SER A 127 -10.10 3.39 0.97
CA SER A 127 -10.04 4.67 1.69
C SER A 127 -10.84 5.80 0.98
N ALA A 128 -10.74 5.84 -0.34
CA ALA A 128 -11.50 6.86 -1.11
C ALA A 128 -12.97 6.72 -0.87
N VAL A 129 -13.47 5.49 -0.91
CA VAL A 129 -14.91 5.26 -0.86
C VAL A 129 -15.51 5.50 0.53
N THR A 130 -14.75 5.25 1.58
CA THR A 130 -15.13 5.66 2.95
C THR A 130 -15.37 7.16 3.06
N GLU A 131 -14.51 7.97 2.48
CA GLU A 131 -14.75 9.42 2.49
C GLU A 131 -15.95 9.82 1.63
N ILE A 132 -16.11 9.19 0.46
CA ILE A 132 -17.25 9.51 -0.40
C ILE A 132 -18.59 9.13 0.28
N LEU A 133 -18.56 8.08 1.08
CA LEU A 133 -19.78 7.58 1.74
C LEU A 133 -20.40 8.66 2.63
N SER A 134 -19.59 9.53 3.22
CA SER A 134 -20.06 10.59 4.12
C SER A 134 -20.79 11.75 3.41
N LEU A 135 -20.70 11.85 2.09
CA LEU A 135 -21.18 13.02 1.37
C LEU A 135 -22.64 12.85 0.92
N ASP A 136 -23.42 13.90 1.11
CA ASP A 136 -24.76 13.96 0.56
C ASP A 136 -24.73 13.89 -0.97
N THR A 137 -25.79 13.31 -1.51
CA THR A 137 -25.99 13.29 -2.94
C THR A 137 -26.51 14.64 -3.42
N VAL A 138 -26.47 14.87 -4.72
CA VAL A 138 -26.84 16.14 -5.36
CA VAL A 138 -26.91 16.15 -5.24
C VAL A 138 -28.23 16.03 -6.01
N PHE A 139 -28.62 14.81 -6.35
CA PHE A 139 -29.92 14.52 -6.99
C PHE A 139 -30.15 13.01 -7.03
N THR A 140 -31.39 12.66 -7.33
CA THR A 140 -31.82 11.26 -7.41
C THR A 140 -31.20 10.58 -8.60
N PRO A 141 -30.68 9.35 -8.42
CA PRO A 141 -30.03 8.65 -9.53
C PRO A 141 -30.91 8.47 -10.76
N GLY A 142 -30.29 8.66 -11.91
CA GLY A 142 -30.96 8.58 -13.17
C GLY A 142 -31.71 9.81 -13.61
N THR A 143 -31.79 10.84 -12.79
CA THR A 143 -32.66 11.99 -13.10
C THR A 143 -31.93 13.16 -13.74
N ARG A 144 -30.61 13.22 -13.57
CA ARG A 144 -29.79 14.27 -14.18
C ARG A 144 -28.41 13.72 -14.60
N PHE A 145 -27.83 14.35 -15.62
CA PHE A 145 -26.41 14.20 -16.00
C PHE A 145 -25.54 15.28 -15.35
N GLU A 146 -24.54 14.85 -14.60
CA GLU A 146 -23.55 15.75 -14.08
C GLU A 146 -22.19 15.08 -13.99
N TYR A 147 -21.26 15.59 -14.78
CA TYR A 147 -19.90 15.02 -14.89
C TYR A 147 -19.11 15.17 -13.61
N GLY A 148 -18.38 14.13 -13.28
CA GLY A 148 -17.51 14.18 -12.11
C GLY A 148 -16.61 12.98 -12.00
N GLY A 149 -15.94 12.88 -10.86
CA GLY A 149 -14.92 11.86 -10.62
C GLY A 149 -15.17 10.93 -9.43
N LEU A 150 -15.93 11.35 -8.44
CA LEU A 150 -16.12 10.51 -7.25
C LEU A 150 -16.89 9.23 -7.52
N ALA A 151 -17.94 9.28 -8.34
CA ALA A 151 -18.76 8.10 -8.57
C ALA A 151 -17.97 6.96 -9.16
N GLN A 153 -14.94 6.27 -8.54
CA GLN A 153 -14.19 5.64 -7.43
C GLN A 153 -14.97 4.50 -6.84
N ILE A 154 -16.26 4.71 -6.65
CA ILE A 154 -17.15 3.68 -6.11
C ILE A 154 -17.23 2.51 -7.10
N ALA A 155 -17.43 2.81 -8.38
CA ALA A 155 -17.45 1.79 -9.44
C ALA A 155 -16.20 0.94 -9.41
N GLY A 156 -15.04 1.59 -9.34
CA GLY A 156 -13.79 0.89 -9.24
C GLY A 156 -13.70 -0.03 -8.01
N ARG A 157 -14.17 0.44 -6.87
CA ARG A 157 -14.14 -0.34 -5.63
C ARG A 157 -15.05 -1.58 -5.75
N ALA A 159 -15.51 -3.31 -8.42
CA ALA A 159 -14.74 -4.27 -9.21
C ALA A 159 -13.64 -4.91 -8.36
N GLU A 160 -13.01 -4.13 -7.48
CA GLU A 160 -12.00 -4.62 -6.58
C GLU A 160 -12.55 -5.74 -5.67
N VAL A 161 -13.72 -5.51 -5.11
CA VAL A 161 -14.36 -6.50 -4.25
C VAL A 161 -14.74 -7.77 -5.03
N ALA A 162 -15.20 -7.61 -6.25
CA ALA A 162 -15.62 -8.76 -7.05
C ALA A 162 -14.44 -9.66 -7.41
N GLY A 164 -11.36 -9.54 -5.61
CA GLY A 164 -10.41 -9.66 -4.49
C GLY A 164 -9.04 -9.10 -4.77
N LYS A 165 -8.97 -7.99 -5.52
CA LYS A 165 -7.70 -7.47 -6.01
C LYS A 165 -7.85 -5.95 -6.28
N GLU A 166 -6.80 -5.19 -6.05
CA GLU A 166 -6.89 -3.73 -6.19
C GLU A 166 -6.90 -3.31 -7.68
N PHE A 167 -7.40 -2.11 -7.92
CA PHE A 167 -7.74 -1.65 -9.26
C PHE A 167 -6.52 -1.49 -10.18
N GLU A 168 -5.43 -0.94 -9.66
CA GLU A 168 -4.25 -0.80 -10.51
C GLU A 168 -3.70 -2.21 -10.95
N PRO A 169 -3.57 -3.15 -9.99
CA PRO A 169 -3.15 -4.48 -10.44
C PRO A 169 -4.13 -5.13 -11.39
N LEU A 170 -5.41 -4.89 -11.21
CA LEU A 170 -6.41 -5.36 -12.16
C LEU A 170 -6.23 -4.79 -13.56
N PHE A 171 -5.94 -3.50 -13.63
CA PHE A 171 -5.69 -2.89 -14.93
C PHE A 171 -4.53 -3.60 -15.64
N GLN A 172 -3.45 -3.87 -14.91
CA GLN A 172 -2.28 -4.50 -15.50
C GLN A 172 -2.64 -5.95 -15.91
N GLU A 173 -3.34 -6.66 -15.06
CA GLU A 173 -3.65 -8.08 -15.34
C GLU A 173 -4.61 -8.23 -16.54
N LEU A 174 -5.68 -7.45 -16.55
CA LEU A 174 -6.82 -7.66 -17.45
C LEU A 174 -6.78 -6.85 -18.77
N ILE A 175 -6.08 -5.73 -18.78
CA ILE A 175 -6.02 -4.90 -19.97
C ILE A 175 -4.59 -4.65 -20.46
N ALA A 176 -3.72 -4.11 -19.61
CA ALA A 176 -2.41 -3.64 -20.08
C ALA A 176 -1.48 -4.79 -20.54
N ALA A 177 -1.30 -5.80 -19.68
CA ALA A 177 -0.47 -6.95 -20.05
C ALA A 177 -0.95 -7.71 -21.31
N PRO A 178 -2.24 -8.07 -21.40
CA PRO A 178 -2.69 -8.79 -22.60
C PRO A 178 -2.59 -8.00 -23.89
N LEU A 179 -2.64 -6.66 -23.79
CA LEU A 179 -2.48 -5.79 -24.96
C LEU A 179 -1.03 -5.32 -25.22
N GLY A 180 -0.11 -5.62 -24.30
CA GLY A 180 1.25 -5.15 -24.43
C GLY A 180 1.43 -3.66 -24.18
N THR A 182 2.93 -1.16 -21.99
CA THR A 182 4.00 -1.34 -20.98
C THR A 182 4.39 -0.12 -20.19
N HIS A 183 3.78 1.03 -20.48
CA HIS A 183 4.13 2.24 -19.77
C HIS A 183 2.90 2.97 -19.25
N SER A 184 1.85 2.25 -18.89
CA SER A 184 0.62 2.86 -18.41
C SER A 184 0.33 2.54 -16.95
N HIS A 185 -0.28 3.47 -16.22
CA HIS A 185 -0.79 3.19 -14.87
C HIS A 185 -1.78 4.27 -14.41
N PHE A 186 -2.75 3.86 -13.59
CA PHE A 186 -3.70 4.76 -12.91
C PHE A 186 -3.18 5.25 -11.56
N ALA A 187 -2.31 4.46 -10.93
CA ALA A 187 -1.74 4.77 -9.62
C ALA A 187 -0.26 4.44 -9.66
N PRO A 188 0.55 5.14 -8.85
CA PRO A 188 0.14 6.20 -7.94
C PRO A 188 -0.34 7.46 -8.67
N VAL A 189 -1.23 8.16 -8.00
CA VAL A 189 -1.88 9.36 -8.52
C VAL A 189 -0.94 10.55 -8.41
N ASN A 190 -0.66 11.21 -9.54
CA ASN A 190 0.07 12.48 -9.56
C ASN A 190 -0.80 13.58 -8.98
N THR A 191 -0.22 14.44 -8.16
CA THR A 191 -0.99 15.39 -7.36
C THR A 191 -0.84 16.84 -7.79
N ASP A 192 -0.33 17.07 -9.00
CA ASP A 192 -0.08 18.43 -9.47
C ASP A 192 -1.36 19.21 -9.79
N GLY A 193 -2.48 18.52 -9.86
CA GLY A 193 -3.77 19.13 -10.11
C GLY A 193 -4.30 18.69 -11.46
N GLY A 194 -5.52 18.15 -11.43
CA GLY A 194 -6.17 17.69 -12.64
C GLY A 194 -5.79 16.31 -13.14
N HIS A 195 -5.01 15.57 -12.34
CA HIS A 195 -4.71 14.17 -12.65
C HIS A 195 -5.24 13.21 -11.58
N ALA A 196 -6.45 13.49 -11.15
CA ALA A 196 -7.09 12.82 -10.01
C ALA A 196 -8.60 13.02 -10.16
N PRO A 197 -9.43 12.14 -9.54
CA PRO A 197 -9.10 10.96 -8.74
C PRO A 197 -8.63 9.81 -9.61
N LEU A 199 -9.52 6.83 -11.06
CA LEU A 199 -10.13 6.32 -12.28
C LEU A 199 -10.43 7.50 -13.20
N GLY A 200 -11.04 8.51 -12.62
CA GLY A 200 -11.56 9.60 -13.47
C GLY A 200 -10.47 10.40 -14.17
N GLY A 201 -9.32 10.55 -13.50
CA GLY A 201 -8.29 11.40 -13.97
C GLY A 201 -6.85 10.96 -13.74
N GLY A 202 -6.63 9.73 -13.27
CA GLY A 202 -5.29 9.34 -12.85
C GLY A 202 -4.34 8.79 -13.90
N LEU A 203 -4.88 8.37 -15.05
CA LEU A 203 -4.13 7.60 -16.04
C LEU A 203 -2.92 8.34 -16.59
N CYS A 204 -1.78 7.68 -16.48
CA CYS A 204 -0.55 8.05 -17.17
C CYS A 204 -0.33 7.01 -18.28
N THR A 205 -0.10 7.46 -19.52
CA THR A 205 0.03 6.57 -20.66
C THR A 205 0.91 7.17 -21.77
N THR A 206 1.00 6.45 -22.88
CA THR A 206 1.78 6.91 -24.03
C THR A 206 0.91 6.79 -25.27
N LEU A 207 1.35 7.40 -26.36
CA LEU A 207 0.70 7.21 -27.64
C LEU A 207 0.64 5.72 -28.02
N ASN A 208 1.77 5.01 -27.90
CA ASN A 208 1.84 3.61 -28.34
C ASN A 208 0.95 2.73 -27.49
N ASP A 209 0.94 2.95 -26.17
CA ASP A 209 0.07 2.18 -25.29
C ASP A 209 -1.41 2.40 -25.61
N TYR A 210 -1.83 3.66 -25.72
CA TYR A 210 -3.27 3.92 -25.84
C TYR A 210 -3.82 3.49 -27.21
N ILE A 211 -2.99 3.58 -28.23
CA ILE A 211 -3.37 3.07 -29.56
C ILE A 211 -3.68 1.56 -29.50
N ARG A 212 -2.92 0.80 -28.71
CA ARG A 212 -3.23 -0.64 -28.53
C ARG A 212 -4.59 -0.87 -27.92
N PHE A 213 -4.92 -0.06 -26.92
CA PHE A 213 -6.24 -0.07 -26.30
C PHE A 213 -7.38 0.20 -27.30
N LEU A 214 -7.23 1.28 -28.08
CA LEU A 214 -8.25 1.69 -29.06
C LEU A 214 -8.45 0.62 -30.16
N LYS A 215 -7.36 0.00 -30.60
CA LYS A 215 -7.44 -1.11 -31.56
C LYS A 215 -8.32 -2.23 -31.02
N ILE A 217 -10.69 -1.96 -28.71
CA ILE A 217 -12.06 -1.51 -28.69
C ILE A 217 -12.67 -1.52 -30.08
N TYR A 218 -11.90 -1.05 -31.06
CA TYR A 218 -12.33 -0.97 -32.45
C TYR A 218 -12.70 -2.35 -33.01
N HIS A 219 -12.01 -3.38 -32.55
CA HIS A 219 -12.33 -4.75 -32.92
C HIS A 219 -13.28 -5.45 -31.93
N ASN A 220 -14.17 -4.65 -31.29
CA ASN A 220 -15.23 -5.18 -30.45
CA ASN A 220 -15.23 -5.20 -30.47
C ASN A 220 -14.68 -6.12 -29.38
N GLY A 221 -13.51 -5.77 -28.86
CA GLY A 221 -12.94 -6.45 -27.71
C GLY A 221 -11.96 -7.57 -28.01
N ARG A 222 -11.69 -7.85 -29.30
CA ARG A 222 -10.74 -8.90 -29.65
C ARG A 222 -9.37 -8.30 -29.83
N SER A 223 -8.34 -9.04 -29.43
CA SER A 223 -6.98 -8.74 -29.84
C SER A 223 -6.27 -10.03 -30.27
N GLY A 224 -6.01 -10.16 -31.57
CA GLY A 224 -5.48 -11.40 -32.13
C GLY A 224 -6.45 -12.54 -31.90
N ASN A 225 -6.00 -13.58 -31.22
CA ASN A 225 -6.86 -14.70 -30.92
C ASN A 225 -7.49 -14.61 -29.52
N ARG A 226 -7.27 -13.50 -28.80
CA ARG A 226 -7.78 -13.35 -27.43
C ARG A 226 -9.03 -12.48 -27.39
N GLU A 227 -9.97 -12.85 -26.53
CA GLU A 227 -11.12 -12.04 -26.20
C GLU A 227 -10.82 -11.22 -24.95
N ILE A 228 -10.46 -9.96 -25.14
CA ILE A 228 -10.07 -9.10 -24.00
C ILE A 228 -11.33 -8.58 -23.30
N LEU A 229 -12.31 -8.18 -24.09
CA LEU A 229 -13.65 -7.92 -23.61
C LEU A 229 -14.63 -8.70 -24.47
N LYS A 230 -15.75 -9.09 -23.89
CA LYS A 230 -16.82 -9.69 -24.68
C LYS A 230 -17.48 -8.66 -25.60
N PRO A 231 -17.89 -9.08 -26.80
CA PRO A 231 -18.52 -8.15 -27.74
C PRO A 231 -19.68 -7.42 -27.14
N GLU A 232 -20.51 -8.11 -26.34
CA GLU A 232 -21.66 -7.46 -25.70
C GLU A 232 -21.26 -6.36 -24.72
N THR A 233 -20.12 -6.55 -24.07
CA THR A 233 -19.62 -5.60 -23.09
C THR A 233 -19.19 -4.30 -23.77
N VAL A 234 -18.45 -4.43 -24.88
CA VAL A 234 -18.09 -3.26 -25.68
C VAL A 234 -19.35 -2.52 -26.18
N GLN A 235 -20.35 -3.27 -26.64
CA GLN A 235 -21.60 -2.66 -27.09
C GLN A 235 -22.31 -1.88 -25.98
N THR A 236 -22.35 -2.47 -24.80
CA THR A 236 -22.97 -1.82 -23.63
C THR A 236 -22.19 -0.55 -23.22
N GLN A 238 -20.75 1.42 -25.18
CA GLN A 238 -21.04 2.40 -26.24
C GLN A 238 -22.51 2.78 -26.37
N ALA A 239 -23.39 2.13 -25.60
CA ALA A 239 -24.82 2.39 -25.65
C ALA A 239 -25.19 3.66 -24.87
N ASP A 240 -26.40 4.13 -25.08
CA ASP A 240 -26.97 5.20 -24.30
C ASP A 240 -27.08 4.80 -22.83
N GLN A 241 -26.28 5.39 -21.98
CA GLN A 241 -26.40 5.17 -20.55
C GLN A 241 -26.95 6.39 -19.80
N VAL A 242 -27.27 7.45 -20.54
CA VAL A 242 -27.85 8.65 -19.94
C VAL A 242 -29.36 8.42 -19.78
N ARG A 243 -29.97 7.88 -20.82
CA ARG A 243 -31.38 7.49 -20.83
C ARG A 243 -32.34 8.65 -20.59
N ASN A 244 -33.11 8.66 -19.52
CA ASN A 244 -34.07 9.76 -19.30
C ASN A 244 -33.52 10.85 -18.42
N ALA A 245 -32.25 10.77 -18.03
CA ALA A 245 -31.68 11.79 -17.19
C ALA A 245 -31.72 13.13 -17.93
N VAL A 246 -31.98 14.21 -17.20
CA VAL A 246 -32.03 15.56 -17.75
C VAL A 246 -30.62 16.03 -18.06
N VAL A 247 -30.41 16.43 -19.32
CA VAL A 247 -29.12 16.97 -19.75
C VAL A 247 -29.28 18.47 -19.84
N ALA A 248 -28.49 19.19 -19.07
CA ALA A 248 -28.51 20.67 -19.11
C ALA A 248 -27.88 21.18 -20.39
N PRO A 249 -28.29 22.38 -20.83
CA PRO A 249 -27.60 23.04 -21.94
C PRO A 249 -26.12 23.16 -21.69
N GLY A 250 -25.33 23.02 -22.76
CA GLY A 250 -23.90 23.37 -22.68
C GLY A 250 -22.95 22.29 -22.12
N GLU A 251 -23.36 21.02 -22.13
CA GLU A 251 -22.39 19.96 -21.82
C GLU A 251 -21.49 19.77 -23.06
N TYR A 252 -20.43 18.98 -22.88
CA TYR A 252 -19.37 18.87 -23.87
C TYR A 252 -19.83 18.57 -25.29
N VAL A 253 -20.74 17.61 -25.48
CA VAL A 253 -21.14 17.24 -26.84
C VAL A 253 -21.83 18.43 -27.57
N GLU A 254 -22.71 19.12 -26.87
CA GLU A 254 -23.41 20.28 -27.46
C GLU A 254 -22.46 21.46 -27.68
N LYS A 255 -21.59 21.70 -26.70
CA LYS A 255 -20.68 22.82 -26.73
C LYS A 255 -19.53 22.64 -27.71
N ALA A 256 -18.96 21.45 -27.74
CA ALA A 256 -17.80 21.15 -28.59
C ALA A 256 -18.12 20.69 -29.99
N LEU A 257 -19.22 19.95 -30.16
CA LEU A 257 -19.57 19.40 -31.46
C LEU A 257 -20.85 19.95 -32.08
N GLY A 258 -21.64 20.71 -31.30
CA GLY A 258 -22.93 21.20 -31.84
C GLY A 258 -24.01 20.16 -32.00
N GLN A 259 -23.89 19.03 -31.34
CA GLN A 259 -24.88 17.97 -31.48
C GLN A 259 -25.85 18.06 -30.29
N HIS A 260 -27.13 17.79 -30.54
CA HIS A 260 -28.16 18.07 -29.51
C HIS A 260 -28.91 16.86 -28.97
N HIS A 261 -28.49 15.65 -29.33
CA HIS A 261 -29.04 14.46 -28.73
C HIS A 261 -28.83 14.45 -27.22
N THR A 262 -29.68 13.72 -26.49
CA THR A 262 -29.54 13.65 -25.03
C THR A 262 -28.67 12.45 -24.63
N SER A 263 -28.48 11.49 -25.54
CA SER A 263 -27.76 10.25 -25.26
C SER A 263 -26.24 10.47 -25.39
N ILE A 264 -25.74 11.41 -24.61
CA ILE A 264 -24.35 11.92 -24.81
C ILE A 264 -23.24 11.07 -24.19
N TYR A 265 -23.60 10.04 -23.43
CA TYR A 265 -22.55 9.29 -22.70
C TYR A 265 -22.93 7.83 -22.58
N GLY A 266 -21.90 6.98 -22.65
CA GLY A 266 -22.00 5.57 -22.39
C GLY A 266 -21.43 5.23 -21.05
N LEU A 267 -20.54 4.22 -21.00
CA LEU A 267 -19.76 3.90 -19.80
C LEU A 267 -18.36 4.44 -19.93
N GLY A 268 -18.07 5.52 -19.22
CA GLY A 268 -16.75 6.18 -19.29
C GLY A 268 -16.33 6.74 -20.64
N GLU A 269 -17.29 7.09 -21.50
CA GLU A 269 -17.00 7.56 -22.84
C GLU A 269 -18.16 8.39 -23.37
N TRP A 270 -17.83 9.41 -24.15
CA TRP A 270 -18.82 10.27 -24.79
C TRP A 270 -19.28 9.66 -26.10
N ARG A 271 -20.59 9.73 -26.31
CA ARG A 271 -21.24 9.47 -27.58
C ARG A 271 -21.35 10.75 -28.39
N GLU A 272 -20.29 11.08 -29.14
CA GLU A 272 -20.18 12.40 -29.77
C GLU A 272 -21.13 12.52 -30.98
N LEU A 273 -21.20 11.49 -31.81
CA LEU A 273 -22.11 11.53 -32.97
C LEU A 273 -22.98 10.27 -32.94
N VAL A 274 -24.28 10.48 -33.16
CA VAL A 274 -25.27 9.41 -33.01
C VAL A 274 -26.21 9.39 -34.20
N ASP A 275 -26.52 8.18 -34.64
CA ASP A 275 -27.56 7.99 -35.68
C ASP A 275 -28.94 7.88 -34.99
N GLU A 276 -29.79 8.89 -35.19
CA GLU A 276 -31.16 8.94 -34.60
C GLU A 276 -32.00 7.69 -34.88
N ALA A 277 -31.97 7.21 -36.12
CA ALA A 277 -32.86 6.13 -36.55
C ALA A 277 -32.58 4.82 -35.80
N THR A 278 -31.31 4.57 -35.46
CA THR A 278 -30.92 3.34 -34.79
C THR A 278 -30.50 3.55 -33.34
N GLY A 279 -30.26 4.81 -32.95
CA GLY A 279 -29.66 5.10 -31.66
C GLY A 279 -28.21 4.66 -31.46
N GLU A 280 -27.52 4.21 -32.52
CA GLU A 280 -26.14 3.80 -32.41
C GLU A 280 -25.23 5.05 -32.47
N ALA A 281 -24.20 5.04 -31.64
CA ALA A 281 -23.17 6.07 -31.70
C ALA A 281 -22.09 5.60 -32.69
N TYR A 282 -21.72 6.47 -33.61
CA TYR A 282 -20.70 6.15 -34.58
C TYR A 282 -19.44 6.97 -34.42
N GLN A 283 -19.46 7.94 -33.52
CA GLN A 283 -18.20 8.54 -33.03
C GLN A 283 -18.23 8.59 -31.51
N ILE A 284 -17.22 7.99 -30.91
CA ILE A 284 -17.08 7.88 -29.47
C ILE A 284 -15.66 8.40 -29.07
N SER A 285 -15.58 9.05 -27.92
CA SER A 285 -14.34 9.64 -27.44
C SER A 285 -14.27 9.70 -25.93
N SER A 286 -13.08 10.02 -25.43
CA SER A 286 -12.87 10.31 -24.00
C SER A 286 -11.81 11.45 -23.81
N PRO A 287 -12.17 12.71 -24.14
CA PRO A 287 -11.19 13.78 -24.07
C PRO A 287 -10.79 14.10 -22.65
N GLY A 288 -9.56 14.51 -22.44
CA GLY A 288 -9.12 15.06 -21.15
C GLY A 288 -8.97 16.56 -21.23
N TRP A 289 -9.02 17.23 -20.09
CA TRP A 289 -9.02 18.68 -20.05
C TRP A 289 -7.75 19.28 -20.68
N ALA A 290 -6.63 18.56 -20.60
CA ALA A 290 -5.32 19.08 -20.98
C ALA A 290 -4.91 18.73 -22.41
N GLY A 291 -5.83 18.18 -23.19
CA GLY A 291 -5.63 18.03 -24.63
C GLY A 291 -5.61 16.63 -25.20
N ALA A 292 -5.51 15.60 -24.35
CA ALA A 292 -5.54 14.23 -24.83
C ALA A 292 -6.93 13.96 -25.46
N TYR A 293 -6.92 13.42 -26.67
CA TYR A 293 -8.17 13.16 -27.41
C TYR A 293 -8.07 11.82 -28.14
N PRO A 294 -8.65 10.79 -27.57
CA PRO A 294 -8.85 9.54 -28.25
C PRO A 294 -10.24 9.44 -28.88
N TRP A 295 -10.33 8.86 -30.07
CA TRP A 295 -11.64 8.65 -30.66
C TRP A 295 -11.71 7.46 -31.58
N ILE A 296 -12.94 7.03 -31.82
CA ILE A 296 -13.25 6.07 -32.86
C ILE A 296 -14.39 6.68 -33.69
N ASN A 297 -14.27 6.62 -35.02
CA ASN A 297 -15.38 6.93 -35.93
C ASN A 297 -15.67 5.71 -36.79
N LYS A 298 -16.78 5.03 -36.48
CA LYS A 298 -17.09 3.78 -37.15
C LYS A 298 -17.44 3.95 -38.63
N ARG A 299 -17.99 5.09 -39.00
CA ARG A 299 -18.32 5.34 -40.38
C ARG A 299 -17.09 5.57 -41.23
N ASP A 300 -16.09 6.29 -40.70
CA ASP A 300 -14.76 6.43 -41.33
C ASP A 300 -13.94 5.14 -41.30
N GLY A 301 -14.24 4.25 -40.36
CA GLY A 301 -13.39 3.10 -40.07
C GLY A 301 -12.07 3.48 -39.40
N VAL A 302 -12.11 4.55 -38.60
CA VAL A 302 -10.93 5.18 -38.04
C VAL A 302 -10.87 5.01 -36.51
N TYR A 303 -9.67 4.76 -35.99
CA TYR A 303 -9.37 5.13 -34.61
C TYR A 303 -8.09 5.97 -34.56
N GLY A 304 -8.06 6.94 -33.63
CA GLY A 304 -6.90 7.77 -33.45
C GLY A 304 -6.71 8.28 -32.02
N PHE A 305 -5.54 8.86 -31.80
CA PHE A 305 -5.24 9.40 -30.49
C PHE A 305 -4.25 10.53 -30.67
N PHE A 306 -4.60 11.70 -30.15
CA PHE A 306 -3.64 12.79 -29.97
C PHE A 306 -3.29 12.90 -28.48
N ILE A 307 -2.00 12.84 -28.17
CA ILE A 307 -1.53 12.92 -26.79
C ILE A 307 -0.63 14.16 -26.60
N ALA A 308 -0.90 14.88 -25.52
CA ALA A 308 -0.26 16.11 -25.19
C ALA A 308 -0.81 16.60 -23.85
N HIS A 309 -0.15 17.59 -23.27
CA HIS A 309 -0.59 18.20 -22.00
C HIS A 309 -0.40 19.71 -22.12
N VAL A 310 -1.50 20.43 -22.09
CA VAL A 310 -1.49 21.91 -22.24
C VAL A 310 -0.59 22.54 -21.19
N GLN A 311 0.06 23.63 -21.57
CA GLN A 311 0.73 24.48 -20.59
C GLN A 311 -0.11 25.71 -20.37
N GLY A 312 -0.28 26.05 -19.10
CA GLY A 312 -1.14 27.15 -18.71
C GLY A 312 -2.58 26.69 -18.63
N GLU A 313 -3.50 27.64 -18.73
CA GLU A 313 -4.91 27.33 -18.68
C GLU A 313 -5.33 26.62 -19.95
N ALA A 314 -6.28 25.73 -19.77
CA ALA A 314 -6.85 24.96 -20.85
C ALA A 314 -7.59 25.88 -21.82
N ASN A 315 -8.21 26.95 -21.31
CA ASN A 315 -9.06 27.83 -22.13
C ASN A 315 -8.41 29.22 -22.20
N LYS A 316 -7.94 29.59 -23.39
CA LYS A 316 -7.02 30.71 -23.55
C LYS A 316 -7.73 31.87 -24.25
N LYS A 317 -7.14 33.07 -24.16
CA LYS A 317 -7.84 34.29 -24.54
C LYS A 317 -8.11 34.37 -26.03
N ASP A 318 -7.33 33.69 -26.86
CA ASP A 318 -7.63 33.64 -28.29
C ASP A 318 -8.76 32.66 -28.67
N GLY A 319 -9.41 32.08 -27.67
CA GLY A 319 -10.52 31.16 -27.94
C GLY A 319 -10.11 29.69 -28.05
N PHE A 320 -8.81 29.40 -28.04
CA PHE A 320 -8.37 27.99 -28.03
C PHE A 320 -8.81 27.34 -26.74
N SER A 321 -9.12 26.05 -26.82
CA SER A 321 -9.41 25.25 -25.64
C SER A 321 -8.89 23.86 -25.86
N SER A 322 -8.04 23.39 -24.94
CA SER A 322 -7.47 22.05 -25.03
C SER A 322 -8.53 20.97 -24.73
N PHE A 323 -9.69 21.37 -24.24
CA PHE A 323 -10.81 20.42 -24.01
C PHE A 323 -11.89 20.55 -25.10
N TYR A 324 -12.52 21.73 -25.17
CA TYR A 324 -13.64 21.92 -26.11
C TYR A 324 -13.24 22.01 -27.56
N GLY A 325 -11.96 22.27 -27.85
CA GLY A 325 -11.47 22.38 -29.22
C GLY A 325 -11.08 21.04 -29.84
N SER A 326 -10.93 20.01 -29.00
CA SER A 326 -10.34 18.75 -29.45
C SER A 326 -11.02 18.02 -30.62
N PRO A 327 -12.37 18.04 -30.70
CA PRO A 327 -13.00 17.39 -31.86
C PRO A 327 -12.64 18.00 -33.22
N VAL A 328 -11.92 19.12 -33.27
CA VAL A 328 -11.36 19.56 -34.57
C VAL A 328 -10.47 18.47 -35.19
N LEU A 329 -9.90 17.61 -34.34
CA LEU A 329 -9.01 16.56 -34.82
C LEU A 329 -9.78 15.47 -35.58
N SER A 330 -10.85 14.97 -34.98
CA SER A 330 -11.68 13.97 -35.66
C SER A 330 -12.42 14.59 -36.86
N GLU A 331 -12.81 15.86 -36.77
CA GLU A 331 -13.50 16.53 -37.88
C GLU A 331 -12.55 16.61 -39.08
N THR A 332 -11.30 16.99 -38.82
CA THR A 332 -10.29 17.17 -39.88
C THR A 332 -9.91 15.82 -40.49
N VAL A 333 -9.79 14.79 -39.66
CA VAL A 333 -9.58 13.42 -40.18
C VAL A 333 -10.76 12.95 -41.04
N THR A 334 -11.97 13.22 -40.61
CA THR A 334 -13.15 12.84 -41.38
C THR A 334 -13.12 13.47 -42.77
N LYS A 335 -12.76 14.73 -42.85
CA LYS A 335 -12.60 15.42 -44.13
C LYS A 335 -11.50 14.76 -44.98
N ILE A 336 -10.36 14.47 -44.36
CA ILE A 336 -9.20 13.96 -45.07
C ILE A 336 -9.47 12.59 -45.65
N VAL A 337 -10.03 11.68 -44.87
CA VAL A 337 -10.14 10.30 -45.31
C VAL A 337 -11.32 10.07 -46.23
N ASN A 338 -12.18 11.07 -46.40
CA ASN A 338 -13.28 10.96 -47.36
C ASN A 338 -13.03 11.91 -48.55
N GLN A 339 -11.87 11.77 -49.17
CA GLN A 339 -11.41 12.67 -50.24
C GLN A 339 -11.47 14.13 -49.81
N THR B 7 -5.45 33.80 40.95
CA THR B 7 -6.23 32.56 40.63
C THR B 7 -7.15 32.78 39.41
N TYR B 8 -7.13 31.84 38.47
CA TYR B 8 -7.94 31.96 37.24
C TYR B 8 -8.85 30.75 37.09
N ASP B 9 -10.04 30.95 36.51
CA ASP B 9 -10.96 29.84 36.27
C ASP B 9 -11.14 29.70 34.77
N PHE B 10 -10.56 28.65 34.19
CA PHE B 10 -10.59 28.46 32.74
C PHE B 10 -11.76 27.60 32.24
N THR B 11 -12.77 27.41 33.11
CA THR B 11 -13.99 26.69 32.75
C THR B 11 -14.65 27.18 31.46
N PRO B 12 -14.78 28.51 31.26
CA PRO B 12 -15.40 28.99 30.04
C PRO B 12 -14.66 28.62 28.74
N LEU B 13 -13.33 28.51 28.82
CA LEU B 13 -12.55 28.14 27.66
C LEU B 13 -12.68 26.65 27.40
N ASP B 14 -12.60 25.85 28.46
CA ASP B 14 -12.74 24.40 28.33
C ASP B 14 -14.15 23.97 27.90
N SER B 15 -15.17 24.73 28.29
CA SER B 15 -16.54 24.44 27.82
C SER B 15 -16.66 24.59 26.31
N ILE B 16 -16.10 25.69 25.79
CA ILE B 16 -16.12 25.99 24.34
C ILE B 16 -15.39 24.89 23.56
N ILE B 17 -14.18 24.55 23.98
CA ILE B 17 -13.41 23.58 23.22
C ILE B 17 -14.05 22.17 23.36
N SER B 18 -14.49 21.85 24.56
CA SER B 18 -15.17 20.57 24.78
C SER B 18 -16.45 20.43 23.96
N SER B 19 -17.16 21.53 23.72
CA SER B 19 -18.36 21.53 22.87
CA SER B 19 -18.35 21.51 22.88
C SER B 19 -18.00 21.13 21.43
N TRP B 20 -16.92 21.69 20.90
CA TRP B 20 -16.44 21.34 19.58
C TRP B 20 -16.11 19.85 19.47
N ASP B 22 -17.31 17.44 21.41
CA ASP B 22 -18.53 16.67 21.54
C ASP B 22 -19.34 16.63 20.26
N LYS B 23 -19.39 17.76 19.54
CA LYS B 23 -20.13 17.81 18.28
C LYS B 23 -19.38 17.19 17.11
N GLY B 24 -18.14 16.75 17.34
CA GLY B 24 -17.36 16.10 16.30
C GLY B 24 -16.74 17.03 15.27
N TYR B 25 -16.61 18.32 15.58
CA TYR B 25 -15.93 19.21 14.66
C TYR B 25 -14.44 18.82 14.47
N TYR B 26 -13.84 18.28 15.53
CA TYR B 26 -12.44 17.88 15.58
C TYR B 26 -12.40 16.49 16.19
N PRO B 27 -11.47 15.62 15.77
CA PRO B 27 -11.31 14.32 16.43
C PRO B 27 -10.54 14.37 17.74
N GLY B 28 -9.94 15.52 18.04
CA GLY B 28 -9.11 15.70 19.21
C GLY B 28 -8.38 17.03 19.01
N GLY B 29 -7.56 17.41 19.96
CA GLY B 29 -6.82 18.67 19.83
C GLY B 29 -6.08 19.00 21.11
N ALA B 30 -5.55 20.21 21.18
CA ALA B 30 -4.85 20.64 22.37
C ALA B 30 -4.74 22.17 22.45
N ILE B 31 -4.64 22.68 23.67
CA ILE B 31 -4.62 24.10 23.92
C ILE B 31 -3.51 24.36 24.98
N CYS B 32 -2.80 25.48 24.82
CA CYS B 32 -1.87 25.98 25.87
C CYS B 32 -1.96 27.48 25.90
N VAL B 33 -2.05 28.02 27.10
CA VAL B 33 -2.16 29.47 27.32
C VAL B 33 -1.12 29.87 28.39
N VAL B 34 -0.30 30.84 28.07
CA VAL B 34 0.83 31.25 28.93
C VAL B 34 0.63 32.72 29.27
N LYS B 35 0.68 33.04 30.56
CA LYS B 35 0.74 34.45 30.99
C LYS B 35 1.97 34.73 31.82
N ASN B 36 2.69 35.80 31.48
CA ASN B 36 3.89 36.22 32.17
C ASN B 36 4.82 35.02 32.47
N ASP B 37 4.95 34.18 31.46
CA ASP B 37 5.85 33.04 31.44
C ASP B 37 5.49 31.90 32.39
N SER B 38 4.20 31.80 32.74
CA SER B 38 3.68 30.61 33.42
C SER B 38 2.55 30.02 32.60
N VAL B 39 2.55 28.70 32.41
CA VAL B 39 1.43 28.03 31.76
C VAL B 39 0.19 28.17 32.64
N LEU B 40 -0.81 28.91 32.19
CA LEU B 40 -2.05 29.02 32.98
C LEU B 40 -2.99 27.83 32.80
N PHE B 41 -3.07 27.33 31.57
CA PHE B 41 -4.02 26.30 31.20
C PHE B 41 -3.43 25.50 30.05
N GLU B 42 -3.42 24.18 30.17
CA GLU B 42 -3.03 23.35 29.06
C GLU B 42 -3.74 22.02 29.16
N LYS B 43 -4.23 21.53 28.02
CA LYS B 43 -5.11 20.35 28.01
C LYS B 43 -5.09 19.73 26.63
N ALA B 44 -5.06 18.42 26.58
CA ALA B 44 -5.20 17.69 25.33
C ALA B 44 -6.60 17.01 25.34
N TYR B 45 -7.19 16.91 24.15
CA TYR B 45 -8.49 16.29 23.94
C TYR B 45 -8.33 15.14 22.96
N GLY B 46 -9.11 14.08 23.14
CA GLY B 46 -8.97 12.90 22.30
C GLY B 46 -7.64 12.22 22.53
N SER B 47 -7.04 11.77 21.44
CA SER B 47 -5.75 11.10 21.47
C SER B 47 -4.49 12.00 21.52
N PHE B 48 -4.66 13.31 21.66
CA PHE B 48 -3.54 14.25 21.42
C PHE B 48 -2.54 14.22 22.56
N THR B 49 -1.29 14.48 22.22
CA THR B 49 -0.28 14.92 23.18
C THR B 49 0.33 16.25 22.65
N GLY B 50 1.22 16.80 23.46
CA GLY B 50 1.94 18.00 23.09
C GLY B 50 2.81 17.86 21.87
N ASP B 51 3.13 16.62 21.49
CA ASP B 51 3.96 16.34 20.31
C ASP B 51 3.19 15.71 19.15
N THR B 52 1.87 15.70 19.21
CA THR B 52 1.05 15.24 18.09
C THR B 52 1.14 16.21 16.92
N LYS B 53 1.54 15.70 15.77
CA LYS B 53 1.73 16.50 14.57
C LYS B 53 0.42 16.78 13.87
N VAL B 54 0.25 18.02 13.44
CA VAL B 54 -0.94 18.42 12.68
C VAL B 54 -0.51 19.37 11.58
N TYR B 55 -1.12 19.21 10.42
CA TYR B 55 -1.02 20.18 9.35
C TYR B 55 -1.86 21.39 9.67
N VAL B 56 -1.20 22.53 9.90
CA VAL B 56 -1.87 23.71 10.47
C VAL B 56 -2.20 24.80 9.46
N ALA B 57 -1.84 24.54 8.20
CA ALA B 57 -2.17 25.45 7.10
C ALA B 57 -1.62 26.88 7.38
N SER B 58 -2.47 27.91 7.28
CA SER B 58 -2.02 29.31 7.41
C SER B 58 -1.44 29.72 8.77
N ALA B 59 -1.57 28.90 9.80
CA ALA B 59 -0.79 29.13 11.02
C ALA B 59 0.71 29.19 10.74
N GLY B 60 1.16 28.48 9.72
CA GLY B 60 2.57 28.53 9.31
C GLY B 60 3.03 29.87 8.70
N LYS B 61 2.12 30.75 8.31
CA LYS B 61 2.53 32.00 7.66
C LYS B 61 3.41 32.83 8.61
N TRP B 62 3.06 32.82 9.88
CA TRP B 62 3.83 33.57 10.92
C TRP B 62 5.24 33.05 11.06
N VAL B 63 5.35 31.74 11.08
CA VAL B 63 6.61 31.04 11.17
C VAL B 63 7.47 31.24 9.91
N ALA B 64 6.83 31.20 8.73
CA ALA B 64 7.54 31.45 7.49
C ALA B 64 8.12 32.86 7.42
N ALA B 65 7.34 33.84 7.85
CA ALA B 65 7.88 35.20 7.93
C ALA B 65 9.06 35.33 8.90
N ALA B 66 9.05 34.55 9.97
CA ALA B 66 10.18 34.54 10.90
C ALA B 66 11.44 33.95 10.26
N VAL B 67 11.30 32.89 9.47
CA VAL B 67 12.44 32.29 8.80
C VAL B 67 13.06 33.34 7.88
N ILE B 68 12.21 34.05 7.14
CA ILE B 68 12.70 35.08 6.23
C ILE B 68 13.36 36.19 7.04
N GLY B 69 12.75 36.58 8.16
CA GLY B 69 13.36 37.59 9.05
C GLY B 69 14.75 37.21 9.54
N ALA B 70 14.95 35.94 9.84
CA ALA B 70 16.23 35.45 10.27
C ALA B 70 17.29 35.58 9.14
N VAL B 71 16.83 35.40 7.89
CA VAL B 71 17.71 35.62 6.73
C VAL B 71 18.00 37.11 6.54
N VAL B 72 16.99 37.95 6.66
CA VAL B 72 17.21 39.37 6.57
C VAL B 72 18.24 39.81 7.64
N ASP B 73 18.18 39.22 8.82
CA ASP B 73 19.09 39.62 9.90
C ASP B 73 20.55 39.25 9.60
N ARG B 74 20.79 38.27 8.72
CA ARG B 74 22.12 37.68 8.53
C ARG B 74 22.75 38.04 7.15
N THR B 75 22.01 38.73 6.30
CA THR B 75 22.40 38.91 4.89
C THR B 75 21.98 40.31 4.48
N ASP B 76 22.33 40.68 3.25
CA ASP B 76 21.93 41.94 2.66
C ASP B 76 20.49 41.97 2.21
N LEU B 77 19.77 40.86 2.30
CA LEU B 77 18.33 40.87 2.03
C LEU B 77 17.64 41.84 2.96
N SER B 78 16.71 42.63 2.41
CA SER B 78 15.98 43.61 3.20
C SER B 78 14.50 43.65 2.79
N TRP B 79 13.68 44.14 3.72
CA TRP B 79 12.25 44.20 3.53
C TRP B 79 11.82 45.02 2.32
N ASP B 80 12.59 46.04 1.98
CA ASP B 80 12.21 46.95 0.89
C ASP B 80 12.91 46.55 -0.40
N ASP B 81 13.53 45.37 -0.44
CA ASP B 81 14.19 44.94 -1.67
C ASP B 81 13.17 44.53 -2.70
N PRO B 82 13.38 44.94 -3.97
CA PRO B 82 12.51 44.45 -5.05
C PRO B 82 12.94 43.06 -5.46
N VAL B 83 11.99 42.30 -5.99
CA VAL B 83 12.28 40.92 -6.39
C VAL B 83 13.47 40.83 -7.33
N GLU B 84 13.56 41.75 -8.28
CA GLU B 84 14.63 41.64 -9.31
C GLU B 84 16.04 41.86 -8.76
N LYS B 85 16.17 42.41 -7.56
CA LYS B 85 17.49 42.53 -6.96
C LYS B 85 18.11 41.16 -6.74
N TRP B 86 17.27 40.17 -6.38
CA TRP B 86 17.75 38.86 -6.02
C TRP B 86 17.41 37.75 -7.03
N LEU B 87 16.28 37.87 -7.72
CA LEU B 87 15.80 36.80 -8.61
C LEU B 87 15.90 37.27 -10.08
N PRO B 88 16.93 36.80 -10.79
CA PRO B 88 17.25 37.35 -12.11
C PRO B 88 16.16 37.18 -13.15
N GLN B 89 15.33 36.13 -13.02
CA GLN B 89 14.23 35.91 -13.98
C GLN B 89 13.24 37.05 -14.01
N PHE B 90 13.14 37.83 -12.92
CA PHE B 90 12.18 38.96 -12.89
C PHE B 90 12.74 40.28 -13.47
N ARG B 91 14.02 40.29 -13.87
CA ARG B 91 14.65 41.53 -14.33
C ARG B 91 14.03 41.97 -15.67
N GLY B 92 13.71 43.24 -15.80
CA GLY B 92 13.07 43.74 -17.01
C GLY B 92 11.59 43.40 -17.11
N ASP B 93 11.01 42.90 -16.02
CA ASP B 93 9.58 42.69 -15.93
C ASP B 93 9.02 43.63 -14.88
N ALA B 94 7.81 44.15 -15.11
CA ALA B 94 7.10 44.93 -14.09
C ALA B 94 7.06 44.20 -12.73
N LYS B 95 6.81 42.88 -12.76
CA LYS B 95 6.80 42.04 -11.55
C LYS B 95 8.07 42.17 -10.71
N GLY B 96 9.20 42.43 -11.36
CA GLY B 96 10.46 42.54 -10.66
C GLY B 96 10.48 43.67 -9.63
N GLY B 97 9.55 44.61 -9.78
CA GLY B 97 9.47 45.77 -8.93
C GLY B 97 8.79 45.51 -7.60
N ILE B 98 8.11 44.38 -7.47
CA ILE B 98 7.38 44.06 -6.24
C ILE B 98 8.38 43.98 -5.12
N LEU B 99 8.01 44.49 -3.94
CA LEU B 99 8.92 44.51 -2.76
C LEU B 99 8.67 43.28 -1.84
N LEU B 100 9.72 42.83 -1.15
CA LEU B 100 9.62 41.72 -0.21
C LEU B 100 8.50 41.91 0.79
N ARG B 101 8.42 43.11 1.37
CA ARG B 101 7.38 43.39 2.33
C ARG B 101 5.98 43.29 1.76
N GLN B 102 5.80 43.63 0.48
CA GLN B 102 4.50 43.52 -0.16
C GLN B 102 4.10 42.03 -0.38
N LEU B 103 5.06 41.19 -0.71
CA LEU B 103 4.79 39.78 -0.91
C LEU B 103 4.22 39.19 0.42
N LEU B 104 4.81 39.59 1.55
CA LEU B 104 4.46 39.03 2.85
C LEU B 104 3.25 39.66 3.53
N SER B 105 2.68 40.71 2.94
CA SER B 105 1.54 41.40 3.53
C SER B 105 0.28 41.31 2.66
N HIS B 106 0.31 40.45 1.65
CA HIS B 106 -0.85 40.27 0.75
C HIS B 106 -1.19 41.54 -0.06
N THR B 107 -0.18 42.37 -0.33
CA THR B 107 -0.40 43.61 -1.08
C THR B 107 0.40 43.66 -2.38
N SER B 108 0.86 42.50 -2.84
CA SER B 108 1.73 42.46 -3.99
C SER B 108 0.96 42.52 -5.32
N GLY B 109 -0.28 42.07 -5.32
CA GLY B 109 -1.01 41.83 -6.55
C GLY B 109 -0.66 40.55 -7.31
N VAL B 110 0.12 39.66 -6.71
CA VAL B 110 0.36 38.33 -7.30
C VAL B 110 -0.95 37.55 -7.14
N ARG B 111 -1.27 36.73 -8.13
CA ARG B 111 -2.50 35.94 -8.08
C ARG B 111 -2.48 35.09 -6.78
N PRO B 112 -3.62 34.93 -6.14
CA PRO B 112 -3.64 34.13 -4.87
C PRO B 112 -3.18 32.66 -4.96
N TYR B 113 -3.65 31.96 -5.98
CA TYR B 113 -3.39 30.52 -6.15
C TYR B 113 -3.29 30.20 -7.63
N LEU B 114 -2.72 29.03 -7.96
CA LEU B 114 -2.60 28.68 -9.38
C LEU B 114 -3.99 28.55 -9.99
N PRO B 115 -4.13 28.84 -11.31
CA PRO B 115 -5.44 28.67 -11.95
C PRO B 115 -5.88 27.21 -11.98
N ALA B 116 -7.17 26.93 -11.70
CA ALA B 116 -7.65 25.55 -11.69
C ALA B 116 -7.44 24.90 -13.06
N PRO B 117 -7.15 23.57 -13.07
CA PRO B 117 -7.15 22.65 -11.95
C PRO B 117 -5.78 22.45 -11.30
N ARG B 118 -4.80 23.28 -11.65
CA ARG B 118 -3.44 23.17 -11.12
C ARG B 118 -3.43 23.57 -9.66
N VAL B 119 -2.53 22.94 -8.90
CA VAL B 119 -2.30 23.27 -7.48
C VAL B 119 -0.78 23.36 -7.23
N ASP B 120 -0.35 24.44 -6.58
CA ASP B 120 1.07 24.52 -6.17
C ASP B 120 1.31 23.64 -4.94
N ASN B 121 1.80 22.43 -5.18
CA ASN B 121 2.31 21.54 -4.16
C ASN B 121 3.83 21.34 -4.27
N TYR B 122 4.54 22.30 -4.86
CA TYR B 122 5.97 22.17 -5.13
C TYR B 122 6.75 21.94 -3.84
N ASN B 123 7.67 21.00 -3.90
CA ASN B 123 8.66 20.82 -2.83
C ASN B 123 9.94 21.60 -3.06
N HIS B 124 10.01 22.33 -4.15
CA HIS B 124 11.18 23.18 -4.42
C HIS B 124 10.70 24.53 -4.90
N LEU B 125 11.10 25.59 -4.19
CA LEU B 125 10.61 26.89 -4.50
C LEU B 125 11.11 27.44 -5.86
N ASP B 126 12.25 26.98 -6.34
CA ASP B 126 12.70 27.46 -7.65
C ASP B 126 11.70 27.08 -8.74
N SER B 127 11.28 25.83 -8.73
CA SER B 127 10.26 25.35 -9.66
C SER B 127 8.93 26.08 -9.49
N ALA B 128 8.52 26.27 -8.25
CA ALA B 128 7.30 27.03 -7.96
C ALA B 128 7.33 28.44 -8.55
N VAL B 129 8.44 29.14 -8.38
CA VAL B 129 8.47 30.55 -8.76
C VAL B 129 8.53 30.70 -10.30
N THR B 130 9.18 29.75 -10.97
CA THR B 130 9.15 29.72 -12.45
C THR B 130 7.73 29.64 -12.98
N GLU B 131 6.88 28.82 -12.33
CA GLU B 131 5.47 28.77 -12.74
C GLU B 131 4.74 30.07 -12.41
N ILE B 132 4.98 30.59 -11.22
CA ILE B 132 4.32 31.81 -10.78
C ILE B 132 4.65 32.99 -11.70
N LEU B 133 5.90 33.05 -12.14
CA LEU B 133 6.39 34.17 -12.95
C LEU B 133 5.55 34.34 -14.22
N SER B 134 5.09 33.24 -14.81
CA SER B 134 4.30 33.30 -16.05
C SER B 134 2.87 33.80 -15.87
N LEU B 135 2.39 33.95 -14.64
CA LEU B 135 1.02 34.38 -14.44
C LEU B 135 0.88 35.90 -14.49
N ASP B 136 -0.26 36.35 -15.00
CA ASP B 136 -0.64 37.75 -14.90
C ASP B 136 -0.87 38.15 -13.44
N THR B 137 -0.43 39.35 -13.07
CA THR B 137 -0.80 39.97 -11.80
C THR B 137 -2.24 40.47 -11.83
N VAL B 138 -2.79 40.67 -10.65
CA VAL B 138 -4.20 41.04 -10.49
CA VAL B 138 -4.20 41.06 -10.53
C VAL B 138 -4.37 42.54 -10.17
N PHE B 139 -3.31 43.18 -9.67
CA PHE B 139 -3.34 44.62 -9.43
C PHE B 139 -1.93 45.14 -9.15
N THR B 140 -1.78 46.46 -9.22
CA THR B 140 -0.53 47.15 -8.96
C THR B 140 -0.07 46.97 -7.50
N PRO B 141 1.24 46.77 -7.28
CA PRO B 141 1.72 46.48 -5.93
C PRO B 141 1.44 47.64 -4.98
N GLY B 142 0.95 47.31 -3.78
CA GLY B 142 0.68 48.32 -2.76
C GLY B 142 -0.72 48.93 -2.85
N THR B 143 -1.51 48.56 -3.86
CA THR B 143 -2.79 49.25 -4.07
C THR B 143 -3.99 48.57 -3.50
N ARG B 144 -3.91 47.25 -3.27
CA ARG B 144 -5.03 46.50 -2.69
C ARG B 144 -4.49 45.40 -1.75
N PHE B 145 -5.34 44.97 -0.82
CA PHE B 145 -5.10 43.78 -0.01
C PHE B 145 -5.88 42.62 -0.62
N GLU B 146 -5.18 41.53 -0.92
CA GLU B 146 -5.84 40.29 -1.31
C GLU B 146 -5.08 39.06 -0.80
N TYR B 147 -5.73 38.28 0.04
CA TYR B 147 -5.05 37.16 0.73
C TYR B 147 -4.73 36.06 -0.26
N GLY B 148 -3.55 35.47 -0.14
CA GLY B 148 -3.17 34.34 -1.02
C GLY B 148 -1.93 33.63 -0.60
N GLY B 149 -1.46 32.70 -1.43
CA GLY B 149 -0.34 31.85 -1.12
C GLY B 149 0.84 31.97 -2.06
N LEU B 150 0.63 32.38 -3.31
CA LEU B 150 1.72 32.36 -4.28
C LEU B 150 2.82 33.41 -3.99
N ALA B 151 2.44 34.61 -3.58
CA ALA B 151 3.39 35.70 -3.36
C ALA B 151 4.40 35.27 -2.32
N GLN B 153 5.55 32.37 -1.88
CA GLN B 153 6.54 31.48 -2.52
C GLN B 153 7.75 32.28 -3.05
N ILE B 154 7.46 33.41 -3.68
CA ILE B 154 8.51 34.28 -4.18
C ILE B 154 9.36 34.81 -3.01
N ALA B 155 8.69 35.22 -1.94
CA ALA B 155 9.40 35.69 -0.73
C ALA B 155 10.35 34.63 -0.19
N GLY B 156 9.89 33.40 -0.09
CA GLY B 156 10.74 32.32 0.34
C GLY B 156 11.94 32.10 -0.56
N ARG B 157 11.73 32.25 -1.88
CA ARG B 157 12.80 31.97 -2.83
C ARG B 157 13.93 32.99 -2.73
N ALA B 159 14.85 34.40 0.02
CA ALA B 159 15.61 33.98 1.16
C ALA B 159 16.54 32.83 0.82
N GLU B 160 16.05 31.87 0.03
CA GLU B 160 16.89 30.74 -0.38
C GLU B 160 18.14 31.29 -1.13
N VAL B 161 17.91 32.25 -2.01
CA VAL B 161 18.98 32.77 -2.85
C VAL B 161 19.95 33.58 -1.97
N ALA B 162 19.42 34.33 -1.01
CA ALA B 162 20.31 35.09 -0.12
C ALA B 162 21.20 34.15 0.72
N GLY B 164 21.76 30.63 0.00
CA GLY B 164 22.26 29.47 -0.71
C GLY B 164 21.81 28.13 -0.18
N LYS B 165 20.65 28.08 0.48
CA LYS B 165 20.06 26.83 0.93
C LYS B 165 18.56 26.86 0.69
N GLU B 166 17.97 25.68 0.66
CA GLU B 166 16.53 25.57 0.43
C GLU B 166 15.74 25.92 1.69
N PHE B 167 14.46 26.22 1.52
CA PHE B 167 13.69 26.88 2.58
C PHE B 167 13.48 25.97 3.78
N GLU B 168 13.15 24.72 3.55
CA GLU B 168 12.93 23.79 4.68
C GLU B 168 14.23 23.58 5.53
N PRO B 169 15.39 23.36 4.89
CA PRO B 169 16.63 23.37 5.69
C PRO B 169 16.92 24.72 6.36
N LEU B 170 16.54 25.82 5.74
CA LEU B 170 16.66 27.12 6.40
C LEU B 170 15.79 27.19 7.66
N PHE B 171 14.54 26.72 7.55
CA PHE B 171 13.65 26.69 8.72
C PHE B 171 14.30 25.91 9.84
N GLN B 172 14.83 24.73 9.53
CA GLN B 172 15.42 23.89 10.55
C GLN B 172 16.61 24.58 11.18
N GLU B 173 17.42 25.24 10.36
CA GLU B 173 18.69 25.82 10.81
C GLU B 173 18.49 27.10 11.63
N LEU B 174 17.59 27.98 11.18
CA LEU B 174 17.49 29.31 11.75
C LEU B 174 16.39 29.49 12.80
N ILE B 175 15.36 28.63 12.77
CA ILE B 175 14.22 28.78 13.67
C ILE B 175 14.00 27.51 14.48
N ALA B 176 13.79 26.37 13.80
CA ALA B 176 13.35 25.18 14.51
C ALA B 176 14.43 24.70 15.50
N ALA B 177 15.63 24.37 15.01
CA ALA B 177 16.66 23.80 15.92
C ALA B 177 17.02 24.78 17.06
N PRO B 178 17.14 26.09 16.76
CA PRO B 178 17.47 27.00 17.88
C PRO B 178 16.39 27.07 18.96
N LEU B 179 15.14 26.85 18.58
CA LEU B 179 14.03 26.91 19.54
C LEU B 179 13.70 25.55 20.14
N GLY B 180 14.34 24.50 19.66
CA GLY B 180 13.99 23.15 20.04
C GLY B 180 12.66 22.68 19.52
N THR B 182 11.07 20.19 17.47
CA THR B 182 11.62 18.91 17.00
C THR B 182 10.70 18.13 16.04
N HIS B 183 9.47 18.62 15.87
CA HIS B 183 8.48 17.89 15.12
C HIS B 183 7.78 18.75 14.09
N SER B 184 8.51 19.70 13.49
CA SER B 184 7.93 20.66 12.57
C SER B 184 8.62 20.60 11.22
N HIS B 185 7.88 20.86 10.14
CA HIS B 185 8.44 20.98 8.80
C HIS B 185 7.45 21.65 7.87
N PHE B 186 7.96 22.40 6.91
CA PHE B 186 7.13 22.96 5.83
C PHE B 186 7.06 22.01 4.62
N ALA B 187 8.13 21.25 4.39
CA ALA B 187 8.24 20.29 3.30
C ALA B 187 8.71 18.96 3.83
N PRO B 188 8.34 17.85 3.17
CA PRO B 188 7.52 17.78 1.96
C PRO B 188 6.10 18.25 2.19
N VAL B 189 5.50 18.80 1.14
CA VAL B 189 4.14 19.35 1.22
C VAL B 189 3.14 18.23 1.17
N ASN B 190 2.24 18.19 2.15
CA ASN B 190 1.14 17.24 2.12
C ASN B 190 0.15 17.69 1.04
N THR B 191 -0.37 16.73 0.28
CA THR B 191 -1.20 17.04 -0.90
C THR B 191 -2.69 16.66 -0.73
N ASP B 192 -3.13 16.43 0.50
CA ASP B 192 -4.55 16.13 0.75
C ASP B 192 -5.51 17.28 0.42
N GLY B 193 -4.98 18.49 0.33
CA GLY B 193 -5.77 19.66 0.01
C GLY B 193 -5.79 20.61 1.20
N GLY B 194 -5.44 21.86 0.94
CA GLY B 194 -5.45 22.89 1.96
C GLY B 194 -4.16 23.01 2.81
N HIS B 195 -3.14 22.21 2.49
CA HIS B 195 -1.87 22.23 3.22
C HIS B 195 -0.74 22.64 2.27
N ALA B 196 -1.03 23.60 1.42
CA ALA B 196 -0.16 24.04 0.35
C ALA B 196 -0.60 25.47 0.00
N PRO B 197 0.26 26.24 -0.69
CA PRO B 197 1.64 25.92 -1.04
C PRO B 197 2.57 25.96 0.18
N LEU B 199 5.00 27.71 1.85
CA LEU B 199 5.04 28.74 2.94
C LEU B 199 3.67 29.05 3.49
N GLY B 200 2.73 29.33 2.61
CA GLY B 200 1.40 29.82 3.01
C GLY B 200 0.54 28.77 3.71
N GLY B 201 0.74 27.51 3.39
CA GLY B 201 -0.14 26.43 3.86
C GLY B 201 0.54 25.12 4.29
N GLY B 202 1.87 25.04 4.22
CA GLY B 202 2.58 23.77 4.32
C GLY B 202 2.95 23.25 5.68
N LEU B 203 2.91 24.11 6.70
CA LEU B 203 3.46 23.76 8.00
C LEU B 203 2.75 22.60 8.69
N CYS B 204 3.55 21.62 9.08
CA CYS B 204 3.15 20.58 10.02
C CYS B 204 3.90 20.84 11.30
N THR B 205 3.21 20.80 12.43
CA THR B 205 3.83 21.18 13.70
C THR B 205 2.99 20.59 14.86
N THR B 206 3.32 20.98 16.08
CA THR B 206 2.77 20.44 17.31
C THR B 206 2.47 21.59 18.25
N LEU B 207 1.67 21.31 19.29
CA LEU B 207 1.40 22.28 20.34
C LEU B 207 2.71 22.80 20.91
N ASN B 208 3.59 21.87 21.29
CA ASN B 208 4.83 22.21 21.97
C ASN B 208 5.75 23.04 21.08
N ASP B 209 5.89 22.64 19.81
CA ASP B 209 6.80 23.36 18.91
C ASP B 209 6.32 24.82 18.72
N TYR B 210 5.01 25.00 18.49
CA TYR B 210 4.51 26.34 18.17
C TYR B 210 4.51 27.21 19.43
N ILE B 211 4.27 26.61 20.61
CA ILE B 211 4.41 27.34 21.87
C ILE B 211 5.87 27.85 22.09
N ARG B 212 6.88 27.06 21.71
CA ARG B 212 8.30 27.54 21.70
C ARG B 212 8.51 28.74 20.75
N PHE B 213 7.88 28.68 19.58
CA PHE B 213 7.90 29.82 18.63
C PHE B 213 7.22 31.08 19.21
N LEU B 214 6.02 30.95 19.80
CA LEU B 214 5.34 32.14 20.28
C LEU B 214 6.08 32.80 21.47
N LYS B 215 6.67 32.00 22.33
CA LYS B 215 7.55 32.55 23.37
C LYS B 215 8.61 33.50 22.79
N ILE B 217 8.57 35.10 19.94
CA ILE B 217 7.95 36.32 19.36
C ILE B 217 7.50 37.22 20.51
N TYR B 218 6.91 36.62 21.53
CA TYR B 218 6.41 37.39 22.69
C TYR B 218 7.53 38.21 23.33
N HIS B 219 8.72 37.63 23.38
CA HIS B 219 9.89 38.27 23.98
C HIS B 219 10.75 39.01 22.96
N ASN B 220 10.09 39.54 21.91
CA ASN B 220 10.71 40.42 20.93
C ASN B 220 11.91 39.82 20.28
N GLY B 221 11.86 38.51 20.01
CA GLY B 221 12.93 37.85 19.33
C GLY B 221 13.90 37.03 20.13
N ARG B 222 13.82 37.12 21.46
CA ARG B 222 14.75 36.37 22.32
C ARG B 222 14.06 35.12 22.84
N SER B 223 14.77 34.01 22.82
CA SER B 223 14.32 32.77 23.43
C SER B 223 15.31 32.46 24.58
N GLY B 224 14.89 32.67 25.82
CA GLY B 224 15.82 32.50 26.97
C GLY B 224 16.92 33.55 26.94
N ASN B 225 18.16 33.12 26.75
CA ASN B 225 19.31 34.02 26.64
C ASN B 225 19.81 34.15 25.19
N ARG B 226 19.02 33.72 24.19
CA ARG B 226 19.51 33.56 22.81
C ARG B 226 18.71 34.46 21.89
N GLU B 227 19.41 35.19 21.04
CA GLU B 227 18.74 36.06 20.06
C GLU B 227 18.42 35.20 18.85
N ILE B 228 17.13 35.05 18.57
CA ILE B 228 16.67 34.25 17.40
C ILE B 228 16.37 35.17 16.20
N LEU B 229 15.66 36.26 16.49
CA LEU B 229 15.41 37.36 15.59
C LEU B 229 15.80 38.66 16.30
N LYS B 230 16.35 39.62 15.55
CA LYS B 230 16.62 40.95 16.13
C LYS B 230 15.30 41.65 16.51
N PRO B 231 15.33 42.51 17.55
CA PRO B 231 14.06 43.10 18.02
C PRO B 231 13.42 44.01 16.98
N GLU B 232 14.24 44.69 16.19
CA GLU B 232 13.68 45.52 15.10
C GLU B 232 12.90 44.69 14.08
N THR B 233 13.34 43.46 13.87
CA THR B 233 12.71 42.60 12.91
C THR B 233 11.33 42.14 13.39
N VAL B 234 11.24 41.72 14.66
CA VAL B 234 9.95 41.41 15.24
C VAL B 234 9.01 42.61 15.16
N GLN B 235 9.53 43.80 15.47
CA GLN B 235 8.72 45.01 15.38
C GLN B 235 8.18 45.23 13.95
N THR B 236 9.02 45.04 12.96
CA THR B 236 8.58 45.19 11.55
C THR B 236 7.49 44.16 11.16
N GLN B 238 5.23 42.99 12.97
CA GLN B 238 3.96 43.32 13.61
C GLN B 238 3.43 44.72 13.20
N ALA B 239 4.24 45.48 12.47
CA ALA B 239 3.85 46.84 12.04
C ALA B 239 2.76 46.75 10.98
N ASP B 240 2.06 47.86 10.79
CA ASP B 240 1.14 48.00 9.66
C ASP B 240 1.88 47.88 8.32
N GLN B 241 1.69 46.74 7.62
CA GLN B 241 2.32 46.55 6.33
C GLN B 241 1.33 46.65 5.16
N VAL B 242 0.06 46.86 5.46
CA VAL B 242 -0.96 47.10 4.47
C VAL B 242 -0.82 48.56 3.96
N ARG B 243 -0.63 49.49 4.90
CA ARG B 243 -0.44 50.90 4.60
C ARG B 243 -1.57 51.51 3.78
N ASN B 244 -1.31 51.87 2.53
CA ASN B 244 -2.31 52.61 1.74
C ASN B 244 -3.26 51.70 0.96
N ALA B 245 -2.94 50.41 0.88
CA ALA B 245 -3.64 49.49 0.01
C ALA B 245 -5.08 49.46 0.43
N VAL B 246 -5.98 49.43 -0.53
CA VAL B 246 -7.39 49.36 -0.25
C VAL B 246 -7.80 48.01 0.32
N VAL B 247 -8.56 48.04 1.41
CA VAL B 247 -9.07 46.85 2.04
C VAL B 247 -10.56 46.76 1.77
N ALA B 248 -10.97 45.74 1.02
CA ALA B 248 -12.36 45.50 0.73
C ALA B 248 -13.10 45.14 1.99
N PRO B 249 -14.42 45.39 2.02
CA PRO B 249 -15.21 44.90 3.14
C PRO B 249 -15.32 43.38 3.21
N GLY B 250 -15.42 42.86 4.44
CA GLY B 250 -15.60 41.44 4.70
C GLY B 250 -14.34 40.60 4.86
N GLU B 251 -13.16 41.23 5.01
CA GLU B 251 -11.96 40.46 5.31
C GLU B 251 -11.99 40.00 6.77
N TYR B 252 -11.07 39.09 7.10
CA TYR B 252 -11.11 38.34 8.36
C TYR B 252 -11.25 39.26 9.61
N VAL B 253 -10.40 40.27 9.75
CA VAL B 253 -10.41 41.10 10.96
C VAL B 253 -11.77 41.76 11.16
N GLU B 254 -12.37 42.30 10.11
CA GLU B 254 -13.73 42.83 10.19
C GLU B 254 -14.76 41.76 10.45
N LYS B 255 -14.70 40.66 9.72
CA LYS B 255 -15.77 39.67 9.77
C LYS B 255 -15.72 38.82 11.04
N ALA B 256 -14.53 38.44 11.48
CA ALA B 256 -14.43 37.59 12.67
C ALA B 256 -14.36 38.36 13.99
N LEU B 257 -13.82 39.57 13.96
CA LEU B 257 -13.68 40.37 15.21
C LEU B 257 -14.48 41.68 15.27
N GLY B 258 -15.12 42.07 14.18
CA GLY B 258 -15.82 43.35 14.11
C GLY B 258 -14.97 44.61 14.17
N GLN B 259 -13.68 44.50 13.85
CA GLN B 259 -12.78 45.63 13.95
C GLN B 259 -12.60 46.29 12.58
N HIS B 260 -12.47 47.62 12.58
CA HIS B 260 -12.66 48.42 11.38
C HIS B 260 -11.40 49.12 10.87
N HIS B 261 -10.29 48.93 11.56
CA HIS B 261 -9.03 49.48 11.10
C HIS B 261 -8.63 48.83 9.79
N THR B 262 -7.82 49.52 9.00
CA THR B 262 -7.42 48.98 7.72
C THR B 262 -6.04 48.34 7.80
N SER B 263 -5.26 48.73 8.83
CA SER B 263 -3.95 48.17 9.08
C SER B 263 -4.05 46.72 9.60
N ILE B 264 -4.69 45.85 8.81
CA ILE B 264 -5.09 44.51 9.27
C ILE B 264 -4.04 43.43 9.23
N TYR B 265 -2.87 43.72 8.65
CA TYR B 265 -1.86 42.71 8.43
C TYR B 265 -0.46 43.31 8.56
N GLY B 266 0.45 42.52 9.11
CA GLY B 266 1.89 42.77 9.10
C GLY B 266 2.62 41.88 8.09
N LEU B 267 3.64 41.15 8.54
CA LEU B 267 4.33 40.20 7.69
C LEU B 267 3.93 38.79 8.13
N GLY B 268 3.12 38.13 7.32
CA GLY B 268 2.59 36.80 7.65
C GLY B 268 1.79 36.69 8.93
N GLU B 269 1.10 37.77 9.31
CA GLU B 269 0.34 37.75 10.56
C GLU B 269 -0.69 38.83 10.56
N TRP B 270 -1.86 38.50 11.12
CA TRP B 270 -2.96 39.45 11.25
C TRP B 270 -2.75 40.38 12.46
N ARG B 271 -3.09 41.66 12.27
CA ARG B 271 -3.19 42.64 13.34
C ARG B 271 -4.65 42.74 13.76
N GLU B 272 -5.06 41.88 14.71
CA GLU B 272 -6.47 41.70 15.04
C GLU B 272 -7.01 42.86 15.89
N LEU B 273 -6.26 43.28 16.91
CA LEU B 273 -6.67 44.44 17.73
C LEU B 273 -5.56 45.46 17.76
N VAL B 274 -5.90 46.71 17.45
CA VAL B 274 -4.93 47.78 17.28
C VAL B 274 -5.34 48.96 18.15
N ASP B 275 -4.35 49.58 18.78
CA ASP B 275 -4.61 50.72 19.67
C ASP B 275 -4.99 51.97 18.86
N GLU B 276 -6.16 52.53 19.16
CA GLU B 276 -6.72 53.67 18.45
C GLU B 276 -5.81 54.91 18.42
N ALA B 277 -5.12 55.18 19.51
CA ALA B 277 -4.33 56.40 19.63
C ALA B 277 -2.90 56.28 19.05
N THR B 278 -2.29 55.10 19.21
CA THR B 278 -0.90 54.89 18.79
C THR B 278 -0.73 54.10 17.51
N GLY B 279 -1.75 53.36 17.11
CA GLY B 279 -1.66 52.48 15.93
C GLY B 279 -0.90 51.19 16.14
N GLU B 280 -0.47 50.90 17.35
CA GLU B 280 0.27 49.67 17.62
C GLU B 280 -0.69 48.49 17.82
N ALA B 281 -0.32 47.35 17.25
CA ALA B 281 -1.11 46.14 17.40
C ALA B 281 -0.81 45.48 18.75
N TYR B 282 -1.85 45.20 19.52
CA TYR B 282 -1.71 44.49 20.78
C TYR B 282 -2.34 43.10 20.77
N GLN B 283 -3.06 42.74 19.70
CA GLN B 283 -3.41 41.33 19.52
C GLN B 283 -3.06 40.91 18.11
N ILE B 284 -2.26 39.85 18.00
CA ILE B 284 -1.71 39.41 16.71
C ILE B 284 -1.96 37.90 16.61
N SER B 285 -2.26 37.42 15.39
CA SER B 285 -2.54 36.01 15.20
C SER B 285 -2.17 35.49 13.81
N SER B 286 -2.28 34.20 13.60
CA SER B 286 -2.15 33.60 12.24
C SER B 286 -3.06 32.35 12.12
N PRO B 287 -4.38 32.56 12.01
CA PRO B 287 -5.30 31.41 12.00
C PRO B 287 -5.16 30.60 10.72
N GLY B 288 -5.42 29.31 10.84
CA GLY B 288 -5.55 28.49 9.64
C GLY B 288 -6.97 28.07 9.42
N TRP B 289 -7.29 27.64 8.19
CA TRP B 289 -8.68 27.29 7.83
C TRP B 289 -9.22 26.14 8.62
N ALA B 290 -8.33 25.26 9.08
CA ALA B 290 -8.79 24.02 9.69
C ALA B 290 -8.85 24.10 11.20
N GLY B 291 -8.66 25.32 11.73
CA GLY B 291 -8.92 25.62 13.13
C GLY B 291 -7.70 25.86 14.03
N ALA B 292 -6.49 25.76 13.51
CA ALA B 292 -5.31 26.09 14.32
C ALA B 292 -5.35 27.60 14.60
N TYR B 293 -5.14 28.01 15.86
CA TYR B 293 -5.26 29.44 16.23
C TYR B 293 -4.17 29.85 17.21
N PRO B 294 -3.07 30.43 16.68
CA PRO B 294 -2.02 30.97 17.58
C PRO B 294 -2.20 32.46 17.76
N TRP B 295 -1.95 32.97 18.96
CA TRP B 295 -2.10 34.41 19.18
C TRP B 295 -1.24 34.94 20.28
N ILE B 296 -1.00 36.25 20.24
CA ILE B 296 -0.40 37.01 21.32
C ILE B 296 -1.35 38.15 21.66
N ASN B 297 -1.59 38.38 22.96
CA ASN B 297 -2.26 39.62 23.39
C ASN B 297 -1.38 40.34 24.41
N LYS B 298 -0.83 41.48 24.00
CA LYS B 298 0.19 42.18 24.80
C LYS B 298 -0.41 42.87 26.04
N ARG B 299 -1.66 43.30 25.93
CA ARG B 299 -2.40 43.82 27.09
C ARG B 299 -2.68 42.77 28.13
N ASP B 300 -3.04 41.57 27.70
CA ASP B 300 -3.24 40.47 28.65
C ASP B 300 -1.91 39.91 29.18
N GLY B 301 -0.81 40.21 28.51
CA GLY B 301 0.45 39.50 28.74
C GLY B 301 0.45 38.01 28.36
N VAL B 302 -0.34 37.66 27.35
CA VAL B 302 -0.63 36.24 27.04
C VAL B 302 -0.06 35.87 25.65
N TYR B 303 0.39 34.63 25.53
CA TYR B 303 0.43 33.96 24.22
C TYR B 303 -0.24 32.61 24.35
N GLY B 304 -0.82 32.15 23.26
CA GLY B 304 -1.55 30.89 23.29
C GLY B 304 -1.63 30.19 21.97
N PHE B 305 -2.00 28.92 22.01
CA PHE B 305 -2.16 28.16 20.77
C PHE B 305 -3.17 27.04 20.96
N PHE B 306 -4.17 27.00 20.09
CA PHE B 306 -5.05 25.86 19.92
C PHE B 306 -4.70 25.12 18.64
N ILE B 307 -4.45 23.81 18.76
CA ILE B 307 -4.07 23.00 17.61
C ILE B 307 -5.10 21.87 17.42
N ALA B 308 -5.62 21.80 16.22
CA ALA B 308 -6.50 20.72 15.79
C ALA B 308 -6.69 20.83 14.25
N HIS B 309 -7.42 19.88 13.66
CA HIS B 309 -7.75 19.90 12.24
C HIS B 309 -9.20 19.48 12.07
N VAL B 310 -10.01 20.37 11.54
CA VAL B 310 -11.44 20.17 11.39
C VAL B 310 -11.68 18.94 10.54
N GLN B 311 -12.74 18.24 10.86
CA GLN B 311 -13.13 17.12 10.01
C GLN B 311 -14.34 17.57 9.22
N GLY B 312 -14.33 17.26 7.94
CA GLY B 312 -15.31 17.76 7.00
C GLY B 312 -15.08 19.22 6.71
N GLU B 313 -16.16 19.90 6.34
CA GLU B 313 -16.09 21.27 5.83
C GLU B 313 -15.82 22.28 6.96
N ALA B 314 -15.04 23.30 6.66
CA ALA B 314 -14.59 24.26 7.70
C ALA B 314 -15.74 25.14 8.16
N ASN B 315 -16.65 25.45 7.23
CA ASN B 315 -17.81 26.29 7.48
C ASN B 315 -19.06 25.40 7.37
N LYS B 316 -19.67 25.12 8.51
CA LYS B 316 -20.70 24.09 8.58
C LYS B 316 -22.13 24.67 8.53
N LYS B 317 -23.08 23.82 8.18
CA LYS B 317 -24.50 24.20 8.03
C LYS B 317 -25.09 24.80 9.32
N ASP B 318 -24.60 24.36 10.48
CA ASP B 318 -25.03 24.91 11.78
C ASP B 318 -24.36 26.23 12.18
N GLY B 319 -23.59 26.87 11.29
CA GLY B 319 -22.99 28.16 11.57
C GLY B 319 -21.54 28.12 12.07
N PHE B 320 -21.05 26.96 12.51
CA PHE B 320 -19.66 26.86 13.03
C PHE B 320 -18.68 27.13 11.91
N SER B 321 -17.62 27.87 12.22
CA SER B 321 -16.51 28.02 11.26
C SER B 321 -15.20 27.85 12.01
N SER B 322 -14.42 26.85 11.58
CA SER B 322 -13.11 26.59 12.14
C SER B 322 -12.08 27.69 11.80
N PHE B 323 -12.42 28.64 10.93
CA PHE B 323 -11.59 29.79 10.64
C PHE B 323 -12.10 31.07 11.28
N TYR B 324 -13.33 31.47 10.95
CA TYR B 324 -13.86 32.75 11.42
C TYR B 324 -14.32 32.70 12.88
N GLY B 325 -14.54 31.51 13.43
CA GLY B 325 -14.91 31.39 14.84
C GLY B 325 -13.75 31.47 15.83
N SER B 326 -12.53 31.34 15.33
CA SER B 326 -11.38 31.12 16.19
C SER B 326 -11.09 32.23 17.23
N PRO B 327 -11.30 33.50 16.89
CA PRO B 327 -11.02 34.53 17.91
C PRO B 327 -11.86 34.44 19.18
N VAL B 328 -12.89 33.60 19.21
CA VAL B 328 -13.57 33.35 20.47
C VAL B 328 -12.54 32.88 21.53
N LEU B 329 -11.48 32.20 21.09
CA LEU B 329 -10.49 31.67 22.02
C LEU B 329 -9.73 32.81 22.71
N SER B 330 -9.16 33.69 21.91
CA SER B 330 -8.44 34.84 22.48
C SER B 330 -9.39 35.76 23.31
N GLU B 331 -10.59 35.99 22.81
CA GLU B 331 -11.57 36.81 23.49
C GLU B 331 -11.91 36.20 24.86
N THR B 332 -12.15 34.92 24.89
CA THR B 332 -12.48 34.25 26.14
C THR B 332 -11.31 34.29 27.15
N VAL B 333 -10.10 34.10 26.65
CA VAL B 333 -8.94 34.21 27.53
C VAL B 333 -8.81 35.63 28.11
N THR B 334 -9.08 36.66 27.32
CA THR B 334 -9.04 38.02 27.84
C THR B 334 -10.04 38.15 29.02
N LYS B 335 -11.23 37.58 28.87
CA LYS B 335 -12.23 37.66 29.94
C LYS B 335 -11.79 36.92 31.18
N ILE B 336 -11.21 35.74 30.99
CA ILE B 336 -10.72 34.94 32.08
C ILE B 336 -9.60 35.64 32.87
N VAL B 337 -8.57 36.13 32.19
CA VAL B 337 -7.40 36.68 32.87
C VAL B 337 -7.59 38.11 33.36
N ASN B 338 -8.70 38.74 33.01
CA ASN B 338 -9.04 40.05 33.60
C ASN B 338 -10.16 39.88 34.63
N GLN B 339 -9.90 39.04 35.64
CA GLN B 339 -10.83 38.77 36.74
C GLN B 339 -12.18 38.32 36.22
N THR C 7 8.99 -31.97 -39.92
CA THR C 7 9.97 -30.91 -39.52
C THR C 7 9.24 -29.64 -39.10
N TYR C 8 9.39 -29.29 -37.82
CA TYR C 8 8.59 -28.26 -37.19
C TYR C 8 9.46 -27.03 -36.89
N ASP C 9 8.86 -25.86 -36.69
CA ASP C 9 9.59 -24.66 -36.26
C ASP C 9 9.18 -24.29 -34.84
N PHE C 10 10.07 -24.56 -33.88
CA PHE C 10 9.76 -24.30 -32.46
C PHE C 10 10.21 -22.92 -31.99
N THR C 11 10.56 -22.04 -32.92
CA THR C 11 10.89 -20.68 -32.59
C THR C 11 9.84 -19.95 -31.74
N PRO C 12 8.54 -20.07 -32.05
CA PRO C 12 7.58 -19.32 -31.23
C PRO C 12 7.64 -19.74 -29.73
N LEU C 13 7.95 -21.00 -29.49
CA LEU C 13 7.98 -21.54 -28.13
C LEU C 13 9.23 -21.00 -27.40
N ASP C 14 10.37 -21.15 -28.05
CA ASP C 14 11.64 -20.59 -27.61
C ASP C 14 11.55 -19.10 -27.31
N SER C 15 10.87 -18.35 -28.15
N SER C 15 10.87 -18.36 -28.16
CA SER C 15 10.75 -16.91 -27.94
CA SER C 15 10.75 -16.92 -27.96
C SER C 15 9.98 -16.58 -26.67
C SER C 15 10.00 -16.60 -26.67
N ILE C 16 8.92 -17.33 -26.40
CA ILE C 16 8.12 -17.07 -25.19
C ILE C 16 8.97 -17.37 -23.93
N ILE C 17 9.64 -18.50 -23.92
CA ILE C 17 10.38 -18.91 -22.72
C ILE C 17 11.56 -17.95 -22.50
N SER C 18 12.33 -17.71 -23.57
CA SER C 18 13.45 -16.75 -23.56
C SER C 18 13.05 -15.39 -23.02
N SER C 19 11.87 -14.91 -23.36
CA SER C 19 11.39 -13.63 -22.84
C SER C 19 11.15 -13.66 -21.32
N TRP C 20 10.67 -14.77 -20.80
CA TRP C 20 10.53 -14.90 -19.36
C TRP C 20 11.90 -14.86 -18.66
N ASP C 22 14.61 -13.35 -19.95
CA ASP C 22 15.15 -12.03 -20.12
C ASP C 22 14.51 -11.06 -19.14
N LYS C 23 13.24 -11.27 -18.79
CA LYS C 23 12.55 -10.39 -17.85
C LYS C 23 12.86 -10.74 -16.39
N GLY C 24 13.63 -11.79 -16.17
CA GLY C 24 14.01 -12.20 -14.84
C GLY C 24 12.93 -12.90 -14.05
N TYR C 25 11.87 -13.39 -14.70
CA TYR C 25 10.83 -14.13 -13.97
C TYR C 25 11.36 -15.47 -13.39
N TYR C 26 12.26 -16.11 -14.14
CA TYR C 26 12.94 -17.33 -13.70
C TYR C 26 14.44 -17.14 -13.89
N PRO C 27 15.28 -17.77 -13.06
CA PRO C 27 16.73 -17.72 -13.29
C PRO C 27 17.19 -18.73 -14.32
N GLY C 28 16.37 -19.72 -14.61
CA GLY C 28 16.71 -20.78 -15.54
C GLY C 28 15.47 -21.64 -15.73
N GLY C 29 15.59 -22.67 -16.55
CA GLY C 29 14.53 -23.66 -16.70
C GLY C 29 14.81 -24.63 -17.81
N ALA C 30 13.88 -25.58 -17.99
CA ALA C 30 14.02 -26.56 -19.06
C ALA C 30 12.67 -27.02 -19.60
N ILE C 31 12.67 -27.46 -20.85
CA ILE C 31 11.44 -27.94 -21.49
C ILE C 31 11.74 -29.12 -22.38
N CYS C 32 10.82 -30.08 -22.39
CA CYS C 32 10.86 -31.23 -23.31
C CYS C 32 9.45 -31.46 -23.85
N VAL C 33 9.34 -31.61 -25.17
CA VAL C 33 8.06 -31.89 -25.84
C VAL C 33 8.23 -33.15 -26.68
N VAL C 34 7.35 -34.14 -26.49
CA VAL C 34 7.45 -35.47 -27.14
C VAL C 34 6.18 -35.73 -27.95
N LYS C 35 6.33 -36.17 -29.20
CA LYS C 35 5.19 -36.52 -30.05
C LYS C 35 5.40 -37.86 -30.70
N ASN C 36 4.37 -38.71 -30.64
CA ASN C 36 4.44 -40.09 -31.10
C ASN C 36 5.76 -40.71 -30.73
N ASP C 37 6.19 -40.46 -29.49
CA ASP C 37 7.38 -41.08 -28.91
C ASP C 37 8.73 -40.64 -29.52
N SER C 38 8.78 -39.45 -30.13
CA SER C 38 10.06 -38.79 -30.47
C SER C 38 10.14 -37.41 -29.81
N VAL C 39 11.31 -37.06 -29.26
CA VAL C 39 11.55 -35.72 -28.73
C VAL C 39 11.57 -34.69 -29.88
N LEU C 40 10.58 -33.80 -29.90
CA LEU C 40 10.49 -32.76 -30.91
C LEU C 40 11.30 -31.54 -30.55
N PHE C 41 11.37 -31.22 -29.26
CA PHE C 41 12.05 -30.01 -28.79
C PHE C 41 12.44 -30.22 -27.34
N GLU C 42 13.73 -30.05 -27.07
CA GLU C 42 14.27 -30.06 -25.70
C GLU C 42 15.34 -28.99 -25.56
N LYS C 43 15.22 -28.12 -24.56
CA LYS C 43 16.17 -27.05 -24.38
C LYS C 43 16.21 -26.64 -22.91
N ALA C 44 17.43 -26.40 -22.42
CA ALA C 44 17.62 -25.81 -21.09
C ALA C 44 18.02 -24.35 -21.21
N TYR C 45 17.58 -23.58 -20.23
CA TYR C 45 17.81 -22.16 -20.15
C TYR C 45 18.66 -21.88 -18.91
N GLY C 46 19.51 -20.86 -19.01
CA GLY C 46 20.40 -20.52 -17.90
C GLY C 46 21.28 -21.72 -17.55
N SER C 47 21.43 -22.00 -16.25
CA SER C 47 22.34 -23.05 -15.83
C SER C 47 21.68 -24.41 -15.68
N PHE C 48 20.41 -24.52 -16.09
CA PHE C 48 19.67 -25.78 -15.99
C PHE C 48 20.21 -26.90 -16.90
N THR C 49 20.03 -28.15 -16.48
CA THR C 49 20.14 -29.34 -17.30
C THR C 49 18.85 -30.16 -17.12
N GLY C 50 18.73 -31.25 -17.83
CA GLY C 50 17.61 -32.16 -17.68
C GLY C 50 17.58 -32.86 -16.33
N ASP C 51 18.69 -32.78 -15.59
CA ASP C 51 18.78 -33.37 -14.25
C ASP C 51 18.73 -32.38 -13.09
N THR C 52 18.49 -31.11 -13.38
CA THR C 52 18.39 -30.11 -12.35
C THR C 52 17.16 -30.36 -11.49
N LYS C 53 17.37 -30.53 -10.20
CA LYS C 53 16.25 -30.78 -9.28
C LYS C 53 15.53 -29.46 -8.95
N VAL C 54 14.20 -29.49 -8.99
CA VAL C 54 13.37 -28.35 -8.72
C VAL C 54 12.19 -28.80 -7.84
N TYR C 55 11.83 -27.97 -6.88
CA TYR C 55 10.56 -28.16 -6.17
C TYR C 55 9.40 -27.67 -7.04
N VAL C 56 8.56 -28.59 -7.48
CA VAL C 56 7.55 -28.27 -8.52
C VAL C 56 6.13 -28.07 -8.00
N ALA C 57 5.99 -28.08 -6.69
CA ALA C 57 4.74 -27.83 -6.01
C ALA C 57 3.61 -28.71 -6.52
N SER C 58 2.47 -28.12 -6.90
CA SER C 58 1.32 -28.88 -7.41
C SER C 58 1.51 -29.76 -8.65
N ALA C 59 2.62 -29.64 -9.39
CA ALA C 59 2.88 -30.63 -10.42
C ALA C 59 2.98 -32.04 -9.84
N GLY C 60 3.27 -32.16 -8.54
CA GLY C 60 3.29 -33.47 -7.85
C GLY C 60 1.93 -34.06 -7.53
N LYS C 61 0.86 -33.28 -7.68
CA LYS C 61 -0.49 -33.82 -7.43
C LYS C 61 -0.77 -35.02 -8.37
N TRP C 62 -0.36 -34.90 -9.63
CA TRP C 62 -0.60 -35.94 -10.65
C TRP C 62 0.14 -37.20 -10.26
N VAL C 63 1.39 -37.02 -9.86
CA VAL C 63 2.22 -38.13 -9.41
C VAL C 63 1.65 -38.77 -8.18
N ALA C 64 1.25 -37.96 -7.21
CA ALA C 64 0.73 -38.47 -5.95
C ALA C 64 -0.55 -39.28 -6.20
N ALA C 65 -1.40 -38.83 -7.12
CA ALA C 65 -2.61 -39.57 -7.46
C ALA C 65 -2.25 -40.94 -8.08
N ALA C 66 -1.20 -40.97 -8.89
CA ALA C 66 -0.70 -42.22 -9.49
C ALA C 66 -0.20 -43.23 -8.42
N VAL C 67 0.46 -42.74 -7.39
CA VAL C 67 0.92 -43.63 -6.30
C VAL C 67 -0.31 -44.25 -5.62
N ILE C 68 -1.31 -43.43 -5.31
CA ILE C 68 -2.53 -43.95 -4.74
C ILE C 68 -3.25 -44.93 -5.69
N GLY C 69 -3.35 -44.57 -6.96
CA GLY C 69 -3.83 -45.49 -7.97
C GLY C 69 -3.14 -46.86 -7.97
N ALA C 70 -1.84 -46.86 -7.82
CA ALA C 70 -1.04 -48.10 -7.76
C ALA C 70 -1.39 -48.95 -6.53
N VAL C 71 -1.73 -48.28 -5.43
CA VAL C 71 -2.22 -48.95 -4.25
C VAL C 71 -3.64 -49.48 -4.43
N VAL C 72 -4.51 -48.71 -5.06
CA VAL C 72 -5.85 -49.18 -5.42
C VAL C 72 -5.76 -50.43 -6.33
N ASP C 73 -4.74 -50.47 -7.18
CA ASP C 73 -4.59 -51.58 -8.09
C ASP C 73 -4.19 -52.90 -7.38
N ARG C 74 -3.59 -52.81 -6.19
CA ARG C 74 -2.97 -53.97 -5.51
C ARG C 74 -3.69 -54.34 -4.20
N THR C 75 -4.68 -53.58 -3.76
CA THR C 75 -5.27 -53.78 -2.43
C THR C 75 -6.78 -53.67 -2.50
N ASP C 76 -7.45 -53.75 -1.34
CA ASP C 76 -8.90 -53.46 -1.24
C ASP C 76 -9.26 -51.96 -1.22
N LEU C 77 -8.27 -51.08 -1.20
CA LEU C 77 -8.57 -49.65 -1.29
C LEU C 77 -9.30 -49.32 -2.61
N SER C 78 -10.39 -48.58 -2.49
CA SER C 78 -11.20 -48.19 -3.63
C SER C 78 -11.50 -46.69 -3.61
N TRP C 79 -11.79 -46.15 -4.79
CA TRP C 79 -12.03 -44.71 -4.98
C TRP C 79 -13.31 -44.29 -4.25
N ASP C 80 -14.25 -45.23 -4.13
CA ASP C 80 -15.50 -44.99 -3.42
C ASP C 80 -15.46 -45.31 -1.94
N ASP C 81 -14.28 -45.62 -1.40
CA ASP C 81 -14.14 -45.94 0.01
C ASP C 81 -14.22 -44.65 0.86
N PRO C 82 -14.96 -44.70 1.97
CA PRO C 82 -14.93 -43.60 2.93
C PRO C 82 -13.69 -43.60 3.80
N VAL C 83 -13.27 -42.41 4.22
CA VAL C 83 -12.09 -42.25 5.09
C VAL C 83 -12.12 -43.22 6.28
N GLU C 84 -13.25 -43.26 6.98
CA GLU C 84 -13.32 -44.01 8.23
C GLU C 84 -13.23 -45.52 8.05
N LYS C 85 -13.42 -46.02 6.83
CA LYS C 85 -13.18 -47.44 6.56
C LYS C 85 -11.74 -47.83 6.84
N TRP C 86 -10.78 -46.93 6.56
CA TRP C 86 -9.35 -47.21 6.73
C TRP C 86 -8.74 -46.49 7.93
N LEU C 87 -9.32 -45.36 8.33
CA LEU C 87 -8.82 -44.54 9.43
C LEU C 87 -9.90 -44.43 10.50
N PRO C 88 -9.99 -45.43 11.39
CA PRO C 88 -11.05 -45.40 12.41
C PRO C 88 -10.99 -44.24 13.40
N GLN C 89 -9.85 -43.59 13.51
CA GLN C 89 -9.71 -42.28 14.16
C GLN C 89 -10.78 -41.24 13.70
N PHE C 90 -11.24 -41.38 12.46
CA PHE C 90 -12.22 -40.46 11.89
C PHE C 90 -13.68 -40.78 12.21
N ARG C 91 -13.95 -41.95 12.78
CA ARG C 91 -15.28 -42.31 13.24
C ARG C 91 -15.79 -41.28 14.26
N GLY C 92 -17.04 -40.84 14.08
CA GLY C 92 -17.61 -39.81 14.91
C GLY C 92 -17.36 -38.41 14.43
N ASP C 93 -16.56 -38.26 13.36
CA ASP C 93 -16.31 -36.97 12.74
C ASP C 93 -17.02 -36.92 11.39
N ALA C 94 -17.57 -35.76 11.06
CA ALA C 94 -18.20 -35.56 9.77
C ALA C 94 -17.28 -35.86 8.57
N LYS C 95 -15.97 -35.73 8.75
CA LYS C 95 -15.02 -36.04 7.67
C LYS C 95 -14.91 -37.54 7.42
N GLY C 96 -15.36 -38.36 8.37
CA GLY C 96 -15.28 -39.81 8.23
C GLY C 96 -15.96 -40.41 7.01
N GLY C 97 -17.01 -39.77 6.53
CA GLY C 97 -17.78 -40.28 5.38
C GLY C 97 -17.28 -39.83 4.01
N ILE C 98 -16.27 -38.96 4.01
CA ILE C 98 -15.74 -38.40 2.79
C ILE C 98 -15.13 -39.55 1.98
N LEU C 99 -15.30 -39.52 0.66
CA LEU C 99 -14.79 -40.57 -0.19
C LEU C 99 -13.41 -40.24 -0.72
N LEU C 100 -12.62 -41.28 -0.93
CA LEU C 100 -11.28 -41.14 -1.51
C LEU C 100 -11.29 -40.30 -2.78
N ARG C 101 -12.23 -40.55 -3.70
CA ARG C 101 -12.26 -39.76 -4.92
C ARG C 101 -12.59 -38.29 -4.65
N GLN C 102 -13.35 -38.01 -3.60
CA GLN C 102 -13.64 -36.60 -3.22
C GLN C 102 -12.42 -35.87 -2.66
N LEU C 103 -11.61 -36.56 -1.88
CA LEU C 103 -10.35 -35.98 -1.39
C LEU C 103 -9.45 -35.52 -2.57
N LEU C 104 -9.39 -36.35 -3.60
CA LEU C 104 -8.43 -36.17 -4.69
C LEU C 104 -8.94 -35.25 -5.79
N SER C 105 -10.19 -34.80 -5.68
CA SER C 105 -10.80 -33.96 -6.69
C SER C 105 -11.18 -32.56 -6.17
N HIS C 106 -10.75 -32.26 -4.95
CA HIS C 106 -11.00 -30.95 -4.31
C HIS C 106 -12.50 -30.71 -4.09
N THR C 107 -13.23 -31.80 -3.88
CA THR C 107 -14.66 -31.69 -3.60
C THR C 107 -15.03 -32.22 -2.22
N SER C 108 -14.02 -32.38 -1.36
CA SER C 108 -14.24 -33.00 -0.06
C SER C 108 -14.87 -32.06 0.99
N GLY C 109 -14.62 -30.76 0.88
CA GLY C 109 -15.00 -29.82 1.95
C GLY C 109 -14.03 -29.76 3.11
N VAL C 110 -12.88 -30.45 3.02
CA VAL C 110 -11.82 -30.29 4.01
C VAL C 110 -11.22 -28.90 3.81
N ARG C 111 -10.85 -28.26 4.92
CA ARG C 111 -10.20 -26.96 4.85
C ARG C 111 -9.00 -27.04 3.88
N PRO C 112 -8.80 -26.01 3.03
CA PRO C 112 -7.67 -26.11 2.09
C PRO C 112 -6.28 -26.26 2.72
N TYR C 113 -5.97 -25.41 3.70
CA TYR C 113 -4.67 -25.41 4.37
C TYR C 113 -4.84 -25.17 5.87
N LEU C 114 -3.85 -25.55 6.68
CA LEU C 114 -3.96 -25.30 8.12
C LEU C 114 -4.14 -23.80 8.37
N PRO C 115 -4.84 -23.45 9.44
CA PRO C 115 -5.01 -22.04 9.81
C PRO C 115 -3.69 -21.39 10.22
N ALA C 116 -3.49 -20.16 9.76
CA ALA C 116 -2.27 -19.43 10.06
C ALA C 116 -2.19 -19.25 11.57
N PRO C 117 -0.98 -19.22 12.14
CA PRO C 117 0.31 -19.30 11.50
C PRO C 117 0.80 -20.74 11.24
N ARG C 118 0.01 -21.78 11.53
CA ARG C 118 0.46 -23.15 11.23
C ARG C 118 0.58 -23.37 9.72
N VAL C 119 1.55 -24.21 9.32
N VAL C 119 1.52 -24.24 9.32
CA VAL C 119 1.65 -24.72 7.95
CA VAL C 119 1.60 -24.73 7.96
C VAL C 119 1.96 -26.22 8.02
C VAL C 119 1.99 -26.21 7.97
N ASP C 120 1.24 -27.03 7.24
CA ASP C 120 1.47 -28.48 7.22
C ASP C 120 2.77 -28.74 6.44
N ASN C 121 3.86 -28.95 7.18
CA ASN C 121 5.15 -29.37 6.64
C ASN C 121 5.53 -30.80 7.13
N TYR C 122 4.54 -31.63 7.48
CA TYR C 122 4.78 -32.89 8.13
C TYR C 122 5.52 -33.89 7.22
N ASN C 123 6.52 -34.55 7.77
CA ASN C 123 7.20 -35.63 7.06
C ASN C 123 6.61 -36.99 7.35
N HIS C 124 5.57 -37.04 8.18
CA HIS C 124 4.82 -38.29 8.39
C HIS C 124 3.32 -38.01 8.36
N LEU C 125 2.61 -38.77 7.52
CA LEU C 125 1.20 -38.49 7.30
C LEU C 125 0.33 -38.83 8.49
N ASP C 126 0.78 -39.78 9.29
CA ASP C 126 0.00 -40.12 10.46
C ASP C 126 -0.15 -38.91 11.41
N SER C 127 0.92 -38.16 11.58
CA SER C 127 0.84 -36.94 12.38
C SER C 127 0.08 -35.81 11.67
N ALA C 128 0.26 -35.69 10.36
CA ALA C 128 -0.51 -34.69 9.61
C ALA C 128 -2.00 -34.88 9.77
N VAL C 129 -2.47 -36.11 9.65
N VAL C 129 -2.50 -36.12 9.62
CA VAL C 129 -3.87 -36.41 9.64
CA VAL C 129 -3.96 -36.32 9.65
C VAL C 129 -4.53 -36.15 11.01
C VAL C 129 -4.54 -36.10 11.04
N THR C 130 -3.77 -36.37 12.09
CA THR C 130 -4.25 -36.04 13.44
C THR C 130 -4.55 -34.56 13.58
N GLU C 131 -3.70 -33.70 13.03
CA GLU C 131 -3.98 -32.28 13.06
C GLU C 131 -5.19 -31.88 12.18
N ILE C 132 -5.24 -32.44 10.98
CA ILE C 132 -6.35 -32.15 10.05
C ILE C 132 -7.69 -32.59 10.70
N LEU C 133 -7.67 -33.67 11.45
CA LEU C 133 -8.88 -34.20 12.11
C LEU C 133 -9.58 -33.17 12.99
N SER C 134 -8.81 -32.29 13.61
CA SER C 134 -9.37 -31.26 14.50
C SER C 134 -10.05 -30.09 13.77
N LEU C 135 -10.00 -30.01 12.45
CA LEU C 135 -10.55 -28.85 11.73
C LEU C 135 -11.97 -29.12 11.22
N ASP C 136 -12.86 -28.15 11.39
CA ASP C 136 -14.23 -28.24 10.84
C ASP C 136 -14.18 -28.30 9.31
N THR C 137 -15.14 -29.03 8.76
CA THR C 137 -15.38 -28.99 7.33
C THR C 137 -15.88 -27.63 6.90
N VAL C 138 -15.70 -27.31 5.62
CA VAL C 138 -16.12 -26.03 5.04
CA VAL C 138 -16.18 -26.03 5.10
C VAL C 138 -17.43 -26.16 4.24
N PHE C 139 -17.75 -27.37 3.79
CA PHE C 139 -19.00 -27.64 3.10
C PHE C 139 -19.21 -29.13 3.01
N THR C 140 -20.43 -29.52 2.65
CA THR C 140 -20.79 -30.93 2.59
C THR C 140 -20.07 -31.51 1.38
N PRO C 141 -19.52 -32.72 1.52
CA PRO C 141 -18.75 -33.26 0.37
C PRO C 141 -19.57 -33.35 -0.90
N GLY C 142 -18.91 -33.05 -2.01
CA GLY C 142 -19.52 -33.14 -3.33
C GLY C 142 -20.36 -31.95 -3.73
N THR C 143 -20.52 -30.96 -2.85
CA THR C 143 -21.39 -29.82 -3.15
C THR C 143 -20.67 -28.64 -3.78
N ARG C 144 -19.34 -28.57 -3.62
CA ARG C 144 -18.55 -27.46 -4.13
C ARG C 144 -17.15 -27.94 -4.50
N PHE C 145 -16.49 -27.19 -5.36
CA PHE C 145 -15.06 -27.37 -5.72
C PHE C 145 -14.27 -26.29 -5.00
N GLU C 146 -13.25 -26.69 -4.26
CA GLU C 146 -12.34 -25.75 -3.63
C GLU C 146 -10.95 -26.38 -3.49
N TYR C 147 -10.01 -25.80 -4.23
CA TYR C 147 -8.65 -26.33 -4.34
C TYR C 147 -7.94 -26.26 -3.01
N GLY C 148 -7.20 -27.29 -2.67
CA GLY C 148 -6.37 -27.24 -1.45
C GLY C 148 -5.41 -28.40 -1.33
N GLY C 149 -4.80 -28.51 -0.17
CA GLY C 149 -3.78 -29.56 0.05
C GLY C 149 -4.05 -30.56 1.17
N LEU C 150 -4.86 -30.18 2.16
CA LEU C 150 -5.05 -31.05 3.34
C LEU C 150 -5.78 -32.35 3.01
N ALA C 151 -6.78 -32.29 2.14
CA ALA C 151 -7.55 -33.48 1.82
C ALA C 151 -6.68 -34.60 1.26
N GLN C 153 -3.60 -35.20 1.97
CA GLN C 153 -2.86 -35.82 3.08
C GLN C 153 -3.63 -37.01 3.65
N ILE C 154 -4.96 -36.86 3.79
CA ILE C 154 -5.82 -37.94 4.25
C ILE C 154 -5.78 -39.09 3.24
N ALA C 155 -5.94 -38.74 1.96
CA ALA C 155 -5.87 -39.70 0.88
C ALA C 155 -4.59 -40.52 0.92
N GLY C 156 -3.45 -39.87 1.08
CA GLY C 156 -2.17 -40.57 1.17
C GLY C 156 -2.06 -41.49 2.37
N ARG C 157 -2.61 -41.05 3.50
CA ARG C 157 -2.61 -41.85 4.71
C ARG C 157 -3.45 -43.12 4.54
N ALA C 159 -3.76 -44.70 1.78
CA ALA C 159 -2.92 -45.63 1.00
C ALA C 159 -1.83 -46.25 1.89
N GLU C 160 -1.27 -45.47 2.81
CA GLU C 160 -0.26 -45.96 3.75
C GLU C 160 -0.79 -47.15 4.54
N VAL C 161 -1.99 -47.00 5.04
CA VAL C 161 -2.60 -48.01 5.86
C VAL C 161 -2.92 -49.25 5.02
N ALA C 162 -3.41 -49.06 3.79
CA ALA C 162 -3.67 -50.20 2.92
C ALA C 162 -2.41 -51.03 2.64
N GLY C 164 0.58 -50.82 4.54
CA GLY C 164 1.46 -50.92 5.70
C GLY C 164 2.86 -50.32 5.48
N LYS C 165 2.94 -49.23 4.73
CA LYS C 165 4.21 -48.58 4.38
C LYS C 165 3.92 -47.07 4.24
N GLU C 166 4.93 -46.25 4.49
CA GLU C 166 4.74 -44.80 4.39
C GLU C 166 4.74 -44.35 2.94
N PHE C 167 4.21 -43.16 2.70
CA PHE C 167 3.96 -42.69 1.37
C PHE C 167 5.24 -42.51 0.53
N GLU C 168 6.30 -41.92 1.09
CA GLU C 168 7.48 -41.70 0.29
C GLU C 168 8.11 -43.05 -0.15
N PRO C 169 8.22 -44.03 0.78
CA PRO C 169 8.63 -45.37 0.31
C PRO C 169 7.69 -45.98 -0.72
N LEU C 170 6.40 -45.75 -0.61
CA LEU C 170 5.46 -46.19 -1.65
C LEU C 170 5.72 -45.55 -3.04
N PHE C 171 5.93 -44.25 -3.08
CA PHE C 171 6.26 -43.57 -4.33
C PHE C 171 7.50 -44.23 -4.96
N GLN C 172 8.52 -44.50 -4.14
CA GLN C 172 9.74 -45.09 -4.63
C GLN C 172 9.46 -46.51 -5.14
N GLU C 173 8.67 -47.28 -4.40
CA GLU C 173 8.43 -48.68 -4.78
C GLU C 173 7.59 -48.80 -6.02
N LEU C 174 6.51 -48.04 -6.08
CA LEU C 174 5.47 -48.28 -7.08
C LEU C 174 5.59 -47.44 -8.37
N ILE C 175 6.29 -46.31 -8.29
CA ILE C 175 6.36 -45.39 -9.46
C ILE C 175 7.79 -45.01 -9.82
N ALA C 176 8.55 -44.48 -8.86
CA ALA C 176 9.88 -43.89 -9.15
C ALA C 176 10.93 -44.92 -9.59
N ALA C 177 11.15 -45.92 -8.74
CA ALA C 177 12.12 -46.98 -9.08
C ALA C 177 11.78 -47.72 -10.38
N PRO C 178 10.52 -48.20 -10.54
CA PRO C 178 10.19 -48.90 -11.78
C PRO C 178 10.29 -48.07 -13.05
N LEU C 179 10.12 -46.73 -12.95
CA LEU C 179 10.27 -45.85 -14.11
C LEU C 179 11.66 -45.25 -14.25
N GLY C 180 12.54 -45.46 -13.28
CA GLY C 180 13.87 -44.85 -13.28
C GLY C 180 13.90 -43.35 -12.96
N THR C 182 15.25 -41.36 -10.63
CA THR C 182 16.23 -41.51 -9.55
C THR C 182 16.51 -40.21 -8.81
N HIS C 183 15.92 -39.10 -9.21
CA HIS C 183 16.12 -37.83 -8.51
C HIS C 183 14.83 -37.18 -8.04
N SER C 184 13.84 -37.99 -7.71
CA SER C 184 12.52 -37.48 -7.33
C SER C 184 12.14 -37.93 -5.92
N HIS C 185 11.47 -37.06 -5.17
CA HIS C 185 10.95 -37.42 -3.85
C HIS C 185 9.88 -36.42 -3.40
N PHE C 186 8.90 -36.89 -2.64
CA PHE C 186 7.94 -36.01 -1.93
C PHE C 186 8.39 -35.58 -0.53
N ALA C 187 9.21 -36.40 0.11
CA ALA C 187 9.71 -36.12 1.44
C ALA C 187 11.19 -36.37 1.43
N PRO C 188 11.96 -35.67 2.29
CA PRO C 188 11.52 -34.64 3.25
C PRO C 188 10.95 -33.40 2.57
N VAL C 189 9.99 -32.77 3.26
CA VAL C 189 9.27 -31.61 2.78
C VAL C 189 10.15 -30.38 2.95
N ASN C 190 10.42 -29.68 1.86
CA ASN C 190 11.19 -28.43 1.91
C ASN C 190 10.27 -27.34 2.49
N THR C 191 10.84 -26.46 3.29
CA THR C 191 10.03 -25.50 4.07
C THR C 191 10.16 -24.03 3.61
N ASP C 192 10.68 -23.80 2.42
CA ASP C 192 10.83 -22.42 1.92
C ASP C 192 9.51 -21.75 1.57
N GLY C 193 8.41 -22.50 1.63
CA GLY C 193 7.08 -21.98 1.43
C GLY C 193 6.54 -22.30 0.04
N GLY C 194 5.38 -22.96 0.00
CA GLY C 194 4.80 -23.35 -1.28
C GLY C 194 5.24 -24.71 -1.78
N HIS C 195 6.01 -25.43 -0.98
CA HIS C 195 6.51 -26.76 -1.35
C HIS C 195 5.98 -27.78 -0.32
N ALA C 196 4.74 -27.57 0.09
CA ALA C 196 4.08 -28.31 1.14
C ALA C 196 2.59 -28.16 0.90
N PRO C 197 1.79 -29.04 1.50
CA PRO C 197 2.11 -30.23 2.28
C PRO C 197 2.65 -31.33 1.38
N LEU C 199 1.86 -34.33 -0.22
CA LEU C 199 1.33 -34.78 -1.52
C LEU C 199 1.01 -33.60 -2.42
N GLY C 200 0.34 -32.61 -1.87
CA GLY C 200 -0.14 -31.48 -2.69
C GLY C 200 0.95 -30.60 -3.25
N GLY C 201 2.03 -30.38 -2.51
CA GLY C 201 3.07 -29.48 -2.95
C GLY C 201 4.49 -29.89 -2.69
N GLY C 202 4.73 -31.10 -2.21
CA GLY C 202 6.06 -31.48 -1.79
C GLY C 202 7.05 -32.00 -2.84
N LEU C 203 6.57 -32.40 -4.03
CA LEU C 203 7.45 -33.09 -5.00
C LEU C 203 8.65 -32.26 -5.43
N CYS C 204 9.82 -32.88 -5.32
CA CYS C 204 11.06 -32.40 -5.94
C CYS C 204 11.38 -33.37 -7.07
N THR C 205 11.64 -32.85 -8.28
CA THR C 205 11.86 -33.70 -9.40
C THR C 205 12.75 -33.00 -10.43
N THR C 206 12.94 -33.65 -11.57
CA THR C 206 13.76 -33.07 -12.67
C THR C 206 12.95 -33.19 -13.96
N LEU C 207 13.41 -32.50 -15.00
CA LEU C 207 12.81 -32.62 -16.31
C LEU C 207 12.81 -34.08 -16.73
N ASN C 208 13.96 -34.74 -16.62
CA ASN C 208 14.08 -36.14 -17.09
C ASN C 208 13.19 -37.10 -16.30
N ASP C 209 13.09 -36.90 -15.00
CA ASP C 209 12.24 -37.79 -14.20
C ASP C 209 10.76 -37.62 -14.53
N TYR C 210 10.28 -36.39 -14.61
CA TYR C 210 8.85 -36.14 -14.84
C TYR C 210 8.40 -36.58 -16.23
N ILE C 211 9.29 -36.41 -17.22
CA ILE C 211 9.03 -36.90 -18.53
C ILE C 211 8.82 -38.41 -18.55
N ARG C 212 9.59 -39.14 -17.75
CA ARG C 212 9.40 -40.59 -17.61
C ARG C 212 8.02 -40.94 -17.06
N PHE C 213 7.57 -40.15 -16.10
CA PHE C 213 6.23 -40.29 -15.56
C PHE C 213 5.14 -40.04 -16.60
N LEU C 214 5.25 -38.93 -17.32
CA LEU C 214 4.26 -38.61 -18.35
C LEU C 214 4.22 -39.68 -19.47
N LYS C 215 5.38 -40.22 -19.81
CA LYS C 215 5.41 -41.30 -20.80
C LYS C 215 4.52 -42.48 -20.36
N ILE C 217 1.97 -42.42 -18.24
CA ILE C 217 0.54 -42.03 -18.28
C ILE C 217 0.02 -41.99 -19.72
N TYR C 218 0.82 -41.43 -20.62
CA TYR C 218 0.45 -41.29 -22.02
C TYR C 218 0.18 -42.66 -22.65
N HIS C 219 0.92 -43.68 -22.22
CA HIS C 219 0.69 -45.04 -22.69
C HIS C 219 -0.29 -45.81 -21.82
N ASN C 220 -1.17 -45.10 -21.12
N ASN C 220 -1.15 -45.10 -21.10
CA ASN C 220 -2.27 -45.72 -20.39
CA ASN C 220 -2.26 -45.69 -20.37
C ASN C 220 -1.76 -46.64 -19.29
C ASN C 220 -1.75 -46.64 -19.29
N GLY C 221 -0.66 -46.25 -18.65
CA GLY C 221 -0.11 -47.03 -17.53
C GLY C 221 0.96 -48.05 -17.85
N ARG C 222 1.29 -48.25 -19.12
CA ARG C 222 2.30 -49.26 -19.50
C ARG C 222 3.69 -48.63 -19.57
N SER C 223 4.69 -49.37 -19.10
CA SER C 223 6.10 -49.04 -19.36
C SER C 223 6.83 -50.33 -19.74
N GLY C 224 7.16 -50.47 -21.02
CA GLY C 224 7.68 -51.75 -21.54
C GLY C 224 6.66 -52.88 -21.51
N ASN C 225 7.06 -54.03 -20.98
CA ASN C 225 6.16 -55.15 -20.79
C ASN C 225 5.43 -55.05 -19.45
N ARG C 226 5.43 -53.87 -18.82
CA ARG C 226 4.97 -53.72 -17.43
C ARG C 226 3.73 -52.84 -17.33
N GLU C 227 2.80 -53.26 -16.48
CA GLU C 227 1.59 -52.53 -16.14
C GLU C 227 1.81 -51.76 -14.82
N ILE C 228 2.34 -50.55 -14.92
CA ILE C 228 2.65 -49.74 -13.74
C ILE C 228 1.34 -49.30 -13.07
N LEU C 229 0.40 -48.82 -13.87
CA LEU C 229 -0.99 -48.65 -13.46
C LEU C 229 -1.88 -49.44 -14.41
N LYS C 230 -2.97 -49.94 -13.89
CA LYS C 230 -3.98 -50.53 -14.73
C LYS C 230 -4.59 -49.45 -15.65
N PRO C 231 -4.98 -49.87 -16.87
CA PRO C 231 -5.64 -48.97 -17.79
C PRO C 231 -6.87 -48.28 -17.22
N GLU C 232 -7.70 -49.03 -16.50
CA GLU C 232 -8.91 -48.48 -15.85
C GLU C 232 -8.59 -47.38 -14.86
N THR C 233 -7.47 -47.52 -14.20
CA THR C 233 -7.03 -46.57 -13.19
C THR C 233 -6.61 -45.25 -13.79
N VAL C 234 -5.88 -45.30 -14.91
CA VAL C 234 -5.52 -44.08 -15.61
C VAL C 234 -6.80 -43.40 -16.13
N GLN C 235 -7.75 -44.19 -16.63
CA GLN C 235 -9.00 -43.62 -17.13
C GLN C 235 -9.80 -42.95 -16.00
N THR C 236 -9.83 -43.58 -14.83
CA THR C 236 -10.50 -42.98 -13.68
C THR C 236 -9.82 -41.67 -13.21
N GLN C 238 -8.46 -39.58 -15.07
CA GLN C 238 -8.75 -38.54 -16.12
C GLN C 238 -10.22 -38.21 -16.30
N ALA C 239 -11.08 -38.94 -15.57
CA ALA C 239 -12.51 -38.77 -15.66
C ALA C 239 -12.96 -37.53 -14.89
N ASP C 240 -14.19 -37.10 -15.18
CA ASP C 240 -14.88 -36.06 -14.38
C ASP C 240 -15.07 -36.49 -12.94
N GLN C 241 -14.30 -35.90 -12.02
CA GLN C 241 -14.49 -36.18 -10.58
C GLN C 241 -15.13 -35.02 -9.78
N VAL C 242 -15.46 -33.95 -10.49
CA VAL C 242 -16.16 -32.81 -9.90
C VAL C 242 -17.65 -33.13 -9.83
N ARG C 243 -18.17 -33.74 -10.89
CA ARG C 243 -19.57 -34.16 -10.95
C ARG C 243 -20.53 -32.99 -10.74
N ASN C 244 -21.39 -33.05 -9.71
CA ASN C 244 -22.38 -32.00 -9.50
C ASN C 244 -21.92 -30.91 -8.56
N ALA C 245 -20.65 -30.92 -8.15
CA ALA C 245 -20.15 -29.86 -7.27
C ALA C 245 -20.20 -28.51 -7.96
N VAL C 246 -20.57 -27.50 -7.20
CA VAL C 246 -20.65 -26.14 -7.71
C VAL C 246 -19.25 -25.59 -7.91
N VAL C 247 -18.98 -25.14 -9.13
CA VAL C 247 -17.71 -24.50 -9.47
C VAL C 247 -17.89 -23.00 -9.58
N ALA C 248 -17.22 -22.26 -8.72
CA ALA C 248 -17.27 -20.78 -8.73
C ALA C 248 -16.57 -20.20 -9.95
N PRO C 249 -16.96 -18.97 -10.35
CA PRO C 249 -16.25 -18.32 -11.46
C PRO C 249 -14.78 -18.11 -11.17
N GLY C 250 -13.96 -18.25 -12.20
CA GLY C 250 -12.54 -17.90 -12.12
C GLY C 250 -11.64 -18.91 -11.46
N GLU C 251 -12.03 -20.19 -11.48
CA GLU C 251 -11.05 -21.24 -11.20
C GLU C 251 -10.06 -21.35 -12.36
N TYR C 252 -9.02 -22.18 -12.17
CA TYR C 252 -7.89 -22.20 -13.09
C TYR C 252 -8.26 -22.45 -14.53
N VAL C 253 -9.14 -23.42 -14.78
CA VAL C 253 -9.45 -23.73 -16.18
C VAL C 253 -10.14 -22.57 -16.91
N GLU C 254 -11.14 -21.97 -16.30
CA GLU C 254 -11.81 -20.80 -16.88
C GLU C 254 -10.85 -19.59 -16.97
N LYS C 255 -10.13 -19.34 -15.88
CA LYS C 255 -9.24 -18.19 -15.80
C LYS C 255 -8.05 -18.29 -16.72
N ALA C 256 -7.45 -19.48 -16.81
CA ALA C 256 -6.25 -19.66 -17.60
C ALA C 256 -6.48 -20.06 -19.05
N LEU C 257 -7.53 -20.84 -19.32
CA LEU C 257 -7.79 -21.31 -20.68
C LEU C 257 -9.06 -20.78 -21.33
N GLY C 258 -9.87 -20.04 -20.58
CA GLY C 258 -11.14 -19.57 -21.14
C GLY C 258 -12.16 -20.68 -21.44
N GLN C 259 -11.99 -21.86 -20.84
CA GLN C 259 -12.97 -22.94 -21.04
C GLN C 259 -13.96 -22.94 -19.88
N HIS C 260 -15.22 -23.24 -20.19
CA HIS C 260 -16.31 -23.04 -19.21
C HIS C 260 -17.02 -24.29 -18.71
N HIS C 261 -16.54 -25.46 -19.13
CA HIS C 261 -17.09 -26.72 -18.61
C HIS C 261 -16.92 -26.80 -17.11
N THR C 262 -17.79 -27.54 -16.43
CA THR C 262 -17.68 -27.68 -14.99
C THR C 262 -16.81 -28.88 -14.58
N SER C 263 -16.51 -29.78 -15.52
CA SER C 263 -15.79 -31.02 -15.19
C SER C 263 -14.27 -30.78 -15.22
N ILE C 264 -13.80 -29.87 -14.38
CA ILE C 264 -12.48 -29.26 -14.52
C ILE C 264 -11.34 -30.05 -13.90
N TYR C 265 -11.66 -31.15 -13.21
CA TYR C 265 -10.67 -31.85 -12.44
C TYR C 265 -11.00 -33.34 -12.34
N GLY C 266 -9.96 -34.15 -12.42
CA GLY C 266 -10.03 -35.60 -12.19
C GLY C 266 -9.47 -35.97 -10.83
N LEU C 267 -8.50 -36.90 -10.80
CA LEU C 267 -7.81 -37.22 -9.53
C LEU C 267 -6.40 -36.62 -9.58
N GLY C 268 -6.20 -35.55 -8.83
CA GLY C 268 -4.89 -34.88 -8.85
C GLY C 268 -4.44 -34.25 -10.16
N GLU C 269 -5.38 -33.89 -11.03
CA GLU C 269 -5.07 -33.37 -12.34
C GLU C 269 -6.24 -32.59 -12.90
N TRP C 270 -5.93 -31.56 -13.67
CA TRP C 270 -6.92 -30.72 -14.28
C TRP C 270 -7.33 -31.27 -15.65
N ARG C 271 -8.61 -31.13 -15.95
CA ARG C 271 -9.14 -31.40 -17.28
C ARG C 271 -9.28 -30.11 -18.06
N GLU C 272 -8.23 -29.72 -18.77
CA GLU C 272 -8.13 -28.39 -19.36
C GLU C 272 -9.02 -28.26 -20.60
N LEU C 273 -9.00 -29.28 -21.47
CA LEU C 273 -9.84 -29.25 -22.68
C LEU C 273 -10.68 -30.53 -22.71
N VAL C 274 -11.96 -30.34 -22.97
CA VAL C 274 -12.93 -31.44 -22.93
C VAL C 274 -13.73 -31.47 -24.23
N ASP C 275 -14.03 -32.68 -24.70
CA ASP C 275 -14.88 -32.87 -25.88
C ASP C 275 -16.32 -33.00 -25.39
N GLU C 276 -17.15 -32.00 -25.62
CA GLU C 276 -18.54 -32.01 -25.06
C GLU C 276 -19.40 -33.19 -25.53
N ALA C 277 -19.15 -33.68 -26.74
CA ALA C 277 -19.99 -34.76 -27.30
C ALA C 277 -19.84 -36.07 -26.56
N THR C 278 -18.69 -36.30 -25.94
CA THR C 278 -18.41 -37.54 -25.20
C THR C 278 -18.09 -37.32 -23.73
N GLY C 279 -17.85 -36.07 -23.31
CA GLY C 279 -17.34 -35.80 -21.98
C GLY C 279 -15.87 -36.14 -21.73
N GLU C 280 -15.14 -36.59 -22.76
CA GLU C 280 -13.75 -37.00 -22.58
C GLU C 280 -12.81 -35.80 -22.55
N ALA C 281 -11.86 -35.82 -21.62
CA ALA C 281 -10.80 -34.81 -21.60
C ALA C 281 -9.70 -35.22 -22.56
N TYR C 282 -9.27 -34.30 -23.41
CA TYR C 282 -8.17 -34.59 -24.33
C TYR C 282 -6.94 -33.74 -24.05
N GLN C 283 -7.02 -32.81 -23.12
CA GLN C 283 -5.82 -32.16 -22.59
C GLN C 283 -5.90 -32.15 -21.08
N ILE C 284 -4.87 -32.70 -20.45
CA ILE C 284 -4.80 -32.89 -19.00
C ILE C 284 -3.45 -32.32 -18.50
N SER C 285 -3.49 -31.70 -17.32
CA SER C 285 -2.31 -31.05 -16.78
C SER C 285 -2.30 -31.07 -15.26
N SER C 286 -1.16 -30.66 -14.71
CA SER C 286 -1.06 -30.43 -13.25
C SER C 286 -0.06 -29.29 -12.95
N PRO C 287 -0.41 -28.04 -13.28
CA PRO C 287 0.51 -26.93 -13.06
C PRO C 287 0.80 -26.63 -11.59
N GLY C 288 1.99 -26.12 -11.36
CA GLY C 288 2.41 -25.67 -10.03
C GLY C 288 2.50 -24.14 -9.97
N TRP C 289 2.30 -23.56 -8.79
CA TRP C 289 2.21 -22.08 -8.67
C TRP C 289 3.49 -21.44 -9.18
N ALA C 290 4.61 -22.14 -9.04
CA ALA C 290 5.94 -21.55 -9.35
C ALA C 290 6.37 -21.74 -10.79
N GLY C 291 5.49 -22.27 -11.62
CA GLY C 291 5.79 -22.28 -13.04
C GLY C 291 5.89 -23.65 -13.71
N ALA C 292 5.98 -24.72 -12.93
CA ALA C 292 6.08 -26.03 -13.53
C ALA C 292 4.76 -26.40 -14.24
N TYR C 293 4.87 -26.89 -15.45
CA TYR C 293 3.69 -27.16 -16.29
C TYR C 293 3.86 -28.44 -17.06
N PRO C 294 3.31 -29.56 -16.55
CA PRO C 294 3.23 -30.80 -17.29
C PRO C 294 1.86 -30.96 -17.96
N TRP C 295 1.83 -31.51 -19.16
CA TRP C 295 0.56 -31.73 -19.86
C TRP C 295 0.63 -32.88 -20.81
N ILE C 296 -0.55 -33.42 -21.10
CA ILE C 296 -0.76 -34.32 -22.23
C ILE C 296 -1.87 -33.74 -23.11
N ASN C 297 -1.69 -33.75 -24.43
CA ASN C 297 -2.80 -33.45 -25.38
C ASN C 297 -2.97 -34.65 -26.31
N LYS C 298 -4.05 -35.39 -26.10
CA LYS C 298 -4.27 -36.63 -26.82
C LYS C 298 -4.54 -36.40 -28.32
N ARG C 299 -5.12 -35.27 -28.66
CA ARG C 299 -5.36 -34.98 -30.06
C ARG C 299 -4.07 -34.68 -30.84
N ASP C 300 -3.13 -33.98 -30.20
CA ASP C 300 -1.82 -33.71 -30.80
C ASP C 300 -0.91 -34.95 -30.72
N GLY C 301 -1.26 -35.89 -29.84
CA GLY C 301 -0.39 -37.01 -29.51
C GLY C 301 0.89 -36.61 -28.78
N VAL C 302 0.79 -35.58 -27.95
CA VAL C 302 1.96 -34.92 -27.34
C VAL C 302 1.92 -35.05 -25.83
N TYR C 303 3.08 -35.22 -25.23
CA TYR C 303 3.26 -34.89 -23.80
C TYR C 303 4.48 -34.00 -23.62
N GLY C 304 4.42 -33.12 -22.64
CA GLY C 304 5.43 -32.11 -22.46
C GLY C 304 5.55 -31.72 -21.03
N PHE C 305 6.72 -31.17 -20.70
CA PHE C 305 6.93 -30.60 -19.38
C PHE C 305 7.90 -29.41 -19.45
N PHE C 306 7.48 -28.31 -18.85
CA PHE C 306 8.35 -27.14 -18.59
C PHE C 306 8.60 -27.07 -17.09
N ILE C 307 9.89 -27.03 -16.71
CA ILE C 307 10.29 -27.04 -15.31
C ILE C 307 11.14 -25.80 -15.01
N ALA C 308 10.79 -25.08 -13.96
CA ALA C 308 11.42 -23.84 -13.53
C ALA C 308 10.81 -23.52 -12.19
N HIS C 309 11.32 -22.47 -11.54
CA HIS C 309 10.76 -21.96 -10.31
C HIS C 309 10.83 -20.43 -10.28
N VAL C 310 9.67 -19.80 -10.28
CA VAL C 310 9.57 -18.34 -10.32
C VAL C 310 10.35 -17.68 -9.15
N GLN C 311 10.87 -16.48 -9.41
CA GLN C 311 11.57 -15.69 -8.38
C GLN C 311 10.56 -14.78 -7.74
N GLY C 312 10.45 -14.85 -6.41
CA GLY C 312 9.41 -14.11 -5.68
C GLY C 312 8.01 -14.71 -5.80
N GLU C 313 7.04 -13.87 -6.14
CA GLU C 313 5.63 -14.32 -6.14
C GLU C 313 5.18 -14.67 -7.54
N ALA C 314 4.18 -15.55 -7.61
CA ALA C 314 3.70 -16.07 -8.87
C ALA C 314 3.07 -14.93 -9.70
N ASN C 315 2.31 -14.07 -9.04
CA ASN C 315 1.42 -13.13 -9.74
C ASN C 315 1.98 -11.72 -9.54
N LYS C 316 2.63 -11.21 -10.57
CA LYS C 316 3.47 -10.04 -10.42
C LYS C 316 2.76 -8.70 -10.70
N LYS C 317 3.40 -7.62 -10.24
CA LYS C 317 2.93 -6.25 -10.47
C LYS C 317 2.56 -5.97 -11.93
N ASP C 318 3.37 -6.48 -12.87
CA ASP C 318 3.17 -6.21 -14.30
C ASP C 318 2.09 -7.08 -14.98
N GLY C 319 1.36 -7.86 -14.20
CA GLY C 319 0.29 -8.72 -14.73
C GLY C 319 0.71 -10.15 -15.09
N PHE C 320 2.00 -10.47 -15.04
CA PHE C 320 2.48 -11.82 -15.32
C PHE C 320 2.03 -12.78 -14.24
N SER C 321 1.68 -14.02 -14.62
CA SER C 321 1.49 -15.11 -13.64
C SER C 321 2.23 -16.38 -14.05
N SER C 322 3.06 -16.94 -13.16
CA SER C 322 3.75 -18.22 -13.43
C SER C 322 2.77 -19.41 -13.29
N PHE C 323 1.59 -19.17 -12.74
CA PHE C 323 0.56 -20.20 -12.63
C PHE C 323 -0.47 -20.07 -13.77
N TYR C 324 -1.20 -18.95 -13.81
CA TYR C 324 -2.29 -18.78 -14.79
C TYR C 324 -1.82 -18.58 -16.24
N GLY C 325 -0.56 -18.25 -16.45
CA GLY C 325 -0.04 -18.09 -17.81
C GLY C 325 0.42 -19.35 -18.47
N SER C 326 0.59 -20.42 -17.68
CA SER C 326 1.22 -21.63 -18.19
C SER C 326 0.66 -22.29 -19.45
N PRO C 327 -0.68 -22.32 -19.61
CA PRO C 327 -1.22 -22.99 -20.80
C PRO C 327 -0.88 -22.31 -22.14
N VAL C 328 -0.26 -21.13 -22.13
CA VAL C 328 0.34 -20.63 -23.36
C VAL C 328 1.36 -21.64 -23.93
N LEU C 329 1.97 -22.45 -23.06
CA LEU C 329 2.94 -23.45 -23.54
C LEU C 329 2.27 -24.52 -24.40
N SER C 330 1.23 -25.14 -23.88
CA SER C 330 0.49 -26.15 -24.64
C SER C 330 -0.19 -25.58 -25.90
N GLU C 331 -0.73 -24.39 -25.80
CA GLU C 331 -1.30 -23.69 -26.95
C GLU C 331 -0.30 -23.46 -28.05
N THR C 332 0.90 -23.01 -27.68
CA THR C 332 1.95 -22.79 -28.64
C THR C 332 2.41 -24.08 -29.29
N VAL C 333 2.58 -25.15 -28.51
CA VAL C 333 2.93 -26.45 -29.08
C VAL C 333 1.81 -27.00 -29.99
N THR C 334 0.56 -26.81 -29.60
CA THR C 334 -0.55 -27.21 -30.49
C THR C 334 -0.44 -26.51 -31.88
N LYS C 335 -0.16 -25.22 -31.88
CA LYS C 335 0.02 -24.49 -33.13
C LYS C 335 1.22 -24.98 -33.92
N ILE C 336 2.32 -25.26 -33.24
CA ILE C 336 3.54 -25.68 -33.91
C ILE C 336 3.38 -27.02 -34.59
N VAL C 337 2.75 -27.96 -33.90
CA VAL C 337 2.75 -29.33 -34.37
C VAL C 337 1.63 -29.60 -35.39
N ASN C 338 0.71 -28.65 -35.57
CA ASN C 338 -0.36 -28.79 -36.53
C ASN C 338 -0.15 -27.80 -37.69
N GLN C 339 1.07 -27.79 -38.22
CA GLN C 339 1.48 -26.86 -39.30
C GLN C 339 1.31 -25.41 -38.90
N THR D 7 6.90 -6.33 52.36
CA THR D 7 6.22 -7.52 51.76
C THR D 7 5.33 -7.08 50.61
N TYR D 8 5.17 -7.96 49.64
CA TYR D 8 4.26 -7.72 48.54
C TYR D 8 3.34 -8.91 48.42
N ASP D 9 2.12 -8.65 47.98
CA ASP D 9 1.17 -9.73 47.73
C ASP D 9 1.03 -9.86 46.22
N PHE D 10 1.54 -10.96 45.67
CA PHE D 10 1.52 -11.24 44.24
C PHE D 10 0.32 -12.09 43.83
N THR D 11 -0.65 -12.25 44.73
CA THR D 11 -1.91 -12.92 44.39
C THR D 11 -2.58 -12.43 43.09
N PRO D 12 -2.68 -11.11 42.87
CA PRO D 12 -3.32 -10.65 41.64
C PRO D 12 -2.59 -11.08 40.35
N LEU D 13 -1.28 -11.22 40.40
CA LEU D 13 -0.53 -11.68 39.23
C LEU D 13 -0.72 -13.17 39.04
N ASP D 14 -0.74 -13.93 40.14
CA ASP D 14 -0.92 -15.35 40.07
C ASP D 14 -2.32 -15.72 39.58
N SER D 15 -3.33 -14.97 40.00
CA SER D 15 -4.70 -15.20 39.54
C SER D 15 -4.81 -15.09 38.04
N ILE D 16 -4.22 -14.03 37.50
CA ILE D 16 -4.32 -13.78 36.05
C ILE D 16 -3.70 -14.92 35.29
N ILE D 17 -2.50 -15.32 35.67
CA ILE D 17 -1.81 -16.40 34.92
C ILE D 17 -2.54 -17.73 35.14
N SER D 18 -2.96 -18.00 36.37
CA SER D 18 -3.73 -19.20 36.68
C SER D 18 -5.01 -19.27 35.86
N SER D 19 -5.66 -18.15 35.61
CA SER D 19 -6.87 -18.19 34.80
C SER D 19 -6.57 -18.56 33.34
N TRP D 20 -5.46 -18.08 32.80
CA TRP D 20 -5.03 -18.51 31.47
C TRP D 20 -4.75 -20.01 31.43
N ASP D 22 -6.06 -22.28 33.48
CA ASP D 22 -7.33 -22.99 33.71
C ASP D 22 -8.18 -23.04 32.47
N LYS D 23 -8.16 -21.95 31.68
CA LYS D 23 -8.88 -21.91 30.41
C LYS D 23 -8.16 -22.61 29.27
N GLY D 24 -7.01 -23.21 29.55
CA GLY D 24 -6.25 -23.93 28.54
C GLY D 24 -5.63 -23.07 27.43
N TYR D 25 -5.45 -21.78 27.69
CA TYR D 25 -4.75 -20.92 26.71
C TYR D 25 -3.27 -21.34 26.53
N TYR D 26 -2.65 -21.81 27.59
CA TYR D 26 -1.28 -22.34 27.56
C TYR D 26 -1.28 -23.72 28.26
N PRO D 27 -0.41 -24.64 27.84
CA PRO D 27 -0.29 -25.94 28.53
C PRO D 27 0.59 -25.86 29.78
N GLY D 28 1.40 -24.82 29.86
CA GLY D 28 2.36 -24.62 30.97
C GLY D 28 2.92 -23.22 30.82
N GLY D 29 3.72 -22.79 31.78
CA GLY D 29 4.42 -21.51 31.67
C GLY D 29 5.23 -21.19 32.91
N ALA D 30 5.85 -20.01 32.92
CA ALA D 30 6.64 -19.58 34.05
C ALA D 30 6.80 -18.10 34.03
N ILE D 31 6.92 -17.53 35.23
CA ILE D 31 7.00 -16.10 35.43
C ILE D 31 8.15 -15.83 36.44
N CYS D 32 8.88 -14.74 36.22
CA CYS D 32 9.91 -14.30 37.16
C CYS D 32 9.91 -12.82 37.19
N VAL D 33 9.75 -12.24 38.38
CA VAL D 33 9.72 -10.80 38.56
C VAL D 33 10.85 -10.43 39.53
N VAL D 34 11.73 -9.53 39.12
CA VAL D 34 12.87 -9.09 39.92
C VAL D 34 12.73 -7.62 40.21
N LYS D 35 12.92 -7.24 41.48
CA LYS D 35 12.92 -5.83 41.85
C LYS D 35 14.18 -5.52 42.64
N ASN D 36 14.92 -4.52 42.18
CA ASN D 36 16.20 -4.17 42.78
C ASN D 36 17.07 -5.38 43.04
N ASP D 37 17.14 -6.28 42.05
CA ASP D 37 18.06 -7.42 42.09
C ASP D 37 17.73 -8.50 43.14
N SER D 38 16.47 -8.53 43.54
N SER D 38 16.49 -8.52 43.58
CA SER D 38 15.94 -9.59 44.40
CA SER D 38 15.99 -9.64 44.36
C SER D 38 14.68 -10.17 43.73
C SER D 38 14.71 -10.18 43.69
N VAL D 39 14.64 -11.50 43.58
CA VAL D 39 13.49 -12.15 42.98
C VAL D 39 12.29 -12.01 43.91
N LEU D 40 11.31 -11.22 43.51
CA LEU D 40 10.12 -11.01 44.32
C LEU D 40 9.12 -12.16 44.14
N PHE D 41 9.03 -12.71 42.92
CA PHE D 41 8.01 -13.72 42.58
C PHE D 41 8.49 -14.53 41.42
N GLU D 42 8.51 -15.83 41.60
CA GLU D 42 8.81 -16.77 40.53
C GLU D 42 7.93 -18.00 40.72
N LYS D 43 7.28 -18.44 39.64
N LYS D 43 7.29 -18.44 39.64
CA LYS D 43 6.38 -19.58 39.73
CA LYS D 43 6.38 -19.58 39.73
C LYS D 43 6.28 -20.25 38.37
C LYS D 43 6.29 -20.25 38.38
N ALA D 44 6.24 -21.58 38.38
CA ALA D 44 6.04 -22.38 37.20
C ALA D 44 4.68 -23.07 37.24
N TYR D 45 4.09 -23.22 36.05
CA TYR D 45 2.74 -23.73 35.91
C TYR D 45 2.81 -24.94 35.01
N GLY D 46 1.94 -25.93 35.24
CA GLY D 46 2.04 -27.20 34.54
C GLY D 46 3.37 -27.86 34.85
N SER D 47 4.04 -28.42 33.84
CA SER D 47 5.29 -29.15 34.08
C SER D 47 6.57 -28.31 33.82
N PHE D 48 6.39 -27.00 33.70
CA PHE D 48 7.47 -26.08 33.34
C PHE D 48 8.51 -25.99 34.46
N THR D 49 9.78 -25.83 34.07
CA THR D 49 10.79 -25.29 34.95
C THR D 49 11.45 -24.08 34.29
N GLY D 50 12.43 -23.53 35.00
CA GLY D 50 13.22 -22.42 34.53
C GLY D 50 14.07 -22.73 33.30
N ASP D 51 14.28 -24.02 33.02
CA ASP D 51 15.03 -24.43 31.83
C ASP D 51 14.17 -25.03 30.72
N THR D 52 12.86 -24.89 30.84
CA THR D 52 11.97 -25.36 29.80
C THR D 52 12.10 -24.47 28.57
N LYS D 53 12.56 -25.05 27.46
CA LYS D 53 12.76 -24.29 26.22
C LYS D 53 11.43 -24.00 25.53
N VAL D 54 11.26 -22.74 25.11
CA VAL D 54 10.07 -22.30 24.39
C VAL D 54 10.52 -21.42 23.23
N TYR D 55 9.91 -21.60 22.07
CA TYR D 55 9.98 -20.66 20.96
C TYR D 55 9.18 -19.41 21.29
N VAL D 56 9.89 -18.28 21.41
CA VAL D 56 9.30 -17.05 21.95
C VAL D 56 9.03 -15.98 20.88
N ALA D 57 9.28 -16.31 19.62
CA ALA D 57 8.96 -15.41 18.49
C ALA D 57 9.61 -14.03 18.68
N SER D 58 8.84 -12.96 18.60
CA SER D 58 9.40 -11.60 18.67
C SER D 58 10.04 -11.18 19.98
N ALA D 59 9.92 -11.97 21.03
CA ALA D 59 10.72 -11.68 22.20
C ALA D 59 12.20 -11.72 21.88
N GLY D 60 12.56 -12.45 20.82
CA GLY D 60 13.96 -12.50 20.37
C GLY D 60 14.48 -11.21 19.72
N LYS D 61 13.59 -10.28 19.37
CA LYS D 61 14.06 -9.07 18.69
C LYS D 61 15.04 -8.28 19.58
N TRP D 62 14.71 -8.22 20.86
CA TRP D 62 15.50 -7.47 21.84
C TRP D 62 16.87 -8.07 21.93
N VAL D 63 16.89 -9.40 22.00
CA VAL D 63 18.15 -10.14 22.09
C VAL D 63 18.95 -10.00 20.81
N ALA D 64 18.26 -10.03 19.66
CA ALA D 64 18.96 -9.91 18.37
C ALA D 64 19.60 -8.52 18.24
N ALA D 65 18.89 -7.48 18.67
CA ALA D 65 19.46 -6.15 18.60
C ALA D 65 20.72 -6.03 19.51
N ALA D 66 20.71 -6.72 20.65
CA ALA D 66 21.89 -6.77 21.53
C ALA D 66 23.09 -7.46 20.85
N VAL D 67 22.86 -8.55 20.14
CA VAL D 67 23.93 -9.19 19.40
C VAL D 67 24.58 -8.21 18.41
N ILE D 68 23.75 -7.48 17.69
CA ILE D 68 24.22 -6.49 16.75
C ILE D 68 24.94 -5.38 17.49
N GLY D 69 24.38 -4.98 18.64
CA GLY D 69 25.02 -3.95 19.45
C GLY D 69 26.41 -4.35 19.93
N ALA D 70 26.59 -5.64 20.25
CA ALA D 70 27.89 -6.11 20.67
C ALA D 70 28.90 -6.04 19.48
N VAL D 71 28.40 -6.24 18.27
CA VAL D 71 29.24 -6.13 17.06
C VAL D 71 29.59 -4.66 16.80
N VAL D 72 28.61 -3.78 16.94
CA VAL D 72 28.88 -2.36 16.87
C VAL D 72 29.99 -1.97 17.86
N ASP D 73 29.98 -2.58 19.06
CA ASP D 73 30.94 -2.20 20.10
C ASP D 73 32.39 -2.61 19.73
N ARG D 74 32.55 -3.58 18.84
CA ARG D 74 33.84 -4.26 18.57
C ARG D 74 34.42 -3.93 17.20
N THR D 75 33.65 -3.31 16.31
CA THR D 75 34.02 -3.17 14.91
C THR D 75 33.71 -1.74 14.48
N ASP D 76 33.98 -1.44 13.22
CA ASP D 76 33.56 -0.15 12.65
C ASP D 76 32.08 -0.08 12.31
N LEU D 77 31.34 -1.18 12.44
CA LEU D 77 29.90 -1.13 12.18
C LEU D 77 29.26 -0.08 13.12
N SER D 78 28.41 0.78 12.57
CA SER D 78 27.69 1.76 13.38
C SER D 78 26.25 1.91 13.01
N TRP D 79 25.46 2.50 13.93
CA TRP D 79 24.03 2.58 13.76
C TRP D 79 23.63 3.38 12.56
N ASP D 80 24.42 4.41 12.21
CA ASP D 80 24.11 5.27 11.08
C ASP D 80 24.74 4.80 9.78
N ASP D 81 25.28 3.59 9.71
CA ASP D 81 25.89 3.10 8.46
C ASP D 81 24.79 2.70 7.47
N PRO D 82 24.93 3.08 6.20
CA PRO D 82 24.09 2.51 5.16
C PRO D 82 24.51 1.06 4.82
N VAL D 83 23.55 0.29 4.37
CA VAL D 83 23.72 -1.13 4.05
C VAL D 83 24.91 -1.32 3.07
N GLU D 84 25.00 -0.47 2.06
CA GLU D 84 25.98 -0.67 0.97
C GLU D 84 27.43 -0.47 1.43
N LYS D 85 27.64 0.18 2.57
CA LYS D 85 28.99 0.25 3.15
C LYS D 85 29.53 -1.13 3.47
N TRP D 86 28.64 -2.05 3.83
CA TRP D 86 29.03 -3.39 4.22
C TRP D 86 28.63 -4.52 3.27
N LEU D 87 27.51 -4.37 2.55
CA LEU D 87 27.00 -5.43 1.70
C LEU D 87 27.11 -5.01 0.22
N PRO D 88 28.14 -5.49 -0.49
CA PRO D 88 28.39 -4.95 -1.85
C PRO D 88 27.27 -5.15 -2.87
N GLN D 89 26.48 -6.21 -2.74
CA GLN D 89 25.40 -6.40 -3.69
C GLN D 89 24.35 -5.30 -3.63
N PHE D 90 24.32 -4.50 -2.55
CA PHE D 90 23.43 -3.34 -2.47
C PHE D 90 23.97 -2.07 -3.11
N ARG D 91 25.21 -2.11 -3.58
CA ARG D 91 25.84 -0.91 -4.13
C ARG D 91 25.18 -0.58 -5.46
N GLY D 92 24.86 0.69 -5.67
CA GLY D 92 24.19 1.14 -6.89
C GLY D 92 22.69 0.86 -6.90
N ASP D 93 22.15 0.46 -5.75
CA ASP D 93 20.71 0.35 -5.57
C ASP D 93 20.26 1.33 -4.48
N ALA D 94 19.07 1.89 -4.67
CA ALA D 94 18.43 2.74 -3.67
C ALA D 94 18.36 2.09 -2.29
N LYS D 95 18.13 0.77 -2.24
CA LYS D 95 18.08 0.04 -0.96
C LYS D 95 19.41 0.11 -0.21
N GLY D 96 20.49 0.39 -0.93
CA GLY D 96 21.81 0.57 -0.32
C GLY D 96 21.91 1.70 0.66
N GLY D 97 21.06 2.71 0.50
CA GLY D 97 21.06 3.86 1.40
C GLY D 97 20.36 3.68 2.74
N ILE D 98 19.62 2.60 2.90
CA ILE D 98 18.94 2.32 4.20
C ILE D 98 19.99 2.18 5.32
N LEU D 99 19.71 2.77 6.48
CA LEU D 99 20.66 2.73 7.62
C LEU D 99 20.35 1.57 8.56
N LEU D 100 21.37 1.10 9.24
CA LEU D 100 21.24 0.01 10.19
C LEU D 100 20.15 0.32 11.24
N ARG D 101 20.17 1.52 11.80
CA ARG D 101 19.14 1.86 12.79
C ARG D 101 17.72 1.78 12.23
N GLN D 102 17.53 2.10 10.94
CA GLN D 102 16.21 2.05 10.33
C GLN D 102 15.75 0.59 10.14
N LEU D 103 16.70 -0.29 9.80
CA LEU D 103 16.38 -1.73 9.73
C LEU D 103 15.81 -2.24 11.05
N LEU D 104 16.43 -1.83 12.16
CA LEU D 104 16.11 -2.35 13.47
C LEU D 104 14.98 -1.63 14.20
N SER D 105 14.44 -0.58 13.60
CA SER D 105 13.31 0.17 14.21
C SER D 105 12.04 0.12 13.37
N HIS D 106 12.00 -0.78 12.40
CA HIS D 106 10.83 -0.95 11.52
C HIS D 106 10.52 0.36 10.74
N THR D 107 11.54 1.15 10.44
CA THR D 107 11.35 2.34 9.64
C THR D 107 12.08 2.30 8.28
N SER D 108 12.55 1.11 7.86
CA SER D 108 13.37 1.00 6.66
C SER D 108 12.56 1.06 5.34
N GLY D 109 11.29 0.66 5.40
CA GLY D 109 10.47 0.42 4.23
C GLY D 109 10.73 -0.87 3.47
N VAL D 110 11.56 -1.77 4.02
CA VAL D 110 11.66 -3.13 3.51
C VAL D 110 10.32 -3.84 3.76
N ARG D 111 9.94 -4.67 2.81
CA ARG D 111 8.70 -5.44 2.95
C ARG D 111 8.71 -6.22 4.28
N PRO D 112 7.56 -6.30 4.97
CA PRO D 112 7.55 -7.02 6.22
C PRO D 112 7.97 -8.51 6.19
N TYR D 113 7.46 -9.25 5.22
CA TYR D 113 7.71 -10.70 5.08
C TYR D 113 7.73 -11.08 3.60
N LEU D 114 8.24 -12.27 3.30
CA LEU D 114 8.26 -12.71 1.91
C LEU D 114 6.82 -12.83 1.38
N PRO D 115 6.61 -12.55 0.09
CA PRO D 115 5.27 -12.69 -0.47
C PRO D 115 4.77 -14.13 -0.53
N ALA D 116 3.50 -14.33 -0.17
CA ALA D 116 2.93 -15.67 -0.19
C ALA D 116 3.11 -16.32 -1.57
N PRO D 117 3.37 -17.65 -1.59
CA PRO D 117 3.40 -18.58 -0.45
C PRO D 117 4.78 -18.77 0.20
N ARG D 118 5.77 -17.99 -0.23
CA ARG D 118 7.09 -18.10 0.34
C ARG D 118 7.12 -17.70 1.79
N VAL D 119 8.02 -18.35 2.55
CA VAL D 119 8.26 -17.97 3.94
C VAL D 119 9.77 -17.99 4.21
N ASP D 120 10.32 -16.91 4.77
CA ASP D 120 11.73 -16.91 5.17
C ASP D 120 11.96 -17.79 6.42
N ASN D 121 12.43 -19.01 6.18
CA ASN D 121 12.82 -19.95 7.20
C ASN D 121 14.31 -20.26 7.13
N TYR D 122 15.09 -19.35 6.56
CA TYR D 122 16.47 -19.63 6.23
C TYR D 122 17.36 -19.81 7.48
N ASN D 123 18.25 -20.79 7.42
CA ASN D 123 19.28 -21.01 8.43
C ASN D 123 20.60 -20.31 8.16
N HIS D 124 20.68 -19.66 7.01
CA HIS D 124 21.83 -18.83 6.66
C HIS D 124 21.42 -17.47 6.14
N LEU D 125 21.94 -16.40 6.75
CA LEU D 125 21.49 -15.07 6.40
C LEU D 125 21.94 -14.61 5.01
N ASP D 126 22.98 -15.20 4.45
CA ASP D 126 23.36 -14.82 3.09
C ASP D 126 22.28 -15.25 2.10
N SER D 127 21.76 -16.45 2.27
CA SER D 127 20.60 -16.91 1.48
C SER D 127 19.38 -16.00 1.65
N ALA D 128 19.05 -15.68 2.91
CA ALA D 128 17.92 -14.80 3.21
C ALA D 128 18.04 -13.46 2.50
N VAL D 129 19.22 -12.86 2.54
CA VAL D 129 19.37 -11.48 2.07
C VAL D 129 19.31 -11.44 0.54
N THR D 130 19.86 -12.47 -0.10
CA THR D 130 19.72 -12.66 -1.55
C THR D 130 18.25 -12.65 -1.99
N GLU D 131 17.39 -13.36 -1.27
CA GLU D 131 15.95 -13.28 -1.53
C GLU D 131 15.45 -11.85 -1.36
N ILE D 132 15.74 -11.25 -0.21
CA ILE D 132 15.17 -9.96 0.16
C ILE D 132 15.54 -8.88 -0.84
N LEU D 133 16.75 -8.99 -1.37
CA LEU D 133 17.32 -7.92 -2.18
C LEU D 133 16.48 -7.69 -3.45
N SER D 134 15.83 -8.75 -3.94
CA SER D 134 15.06 -8.66 -5.17
CA SER D 134 15.07 -8.65 -5.18
C SER D 134 13.69 -8.02 -4.99
N LEU D 135 13.21 -7.93 -3.76
CA LEU D 135 11.88 -7.39 -3.49
C LEU D 135 11.84 -5.86 -3.55
N ASP D 136 10.74 -5.32 -4.06
CA ASP D 136 10.49 -3.90 -4.05
C ASP D 136 10.38 -3.46 -2.60
N THR D 137 10.80 -2.26 -2.30
CA THR D 137 10.50 -1.66 -1.00
C THR D 137 9.08 -1.09 -1.01
N VAL D 138 8.58 -0.73 0.18
CA VAL D 138 7.19 -0.34 0.32
CA VAL D 138 7.18 -0.35 0.35
C VAL D 138 7.01 1.15 0.60
N PHE D 139 8.03 1.81 1.15
CA PHE D 139 8.04 3.28 1.31
C PHE D 139 9.48 3.73 1.53
N THR D 140 9.71 5.06 1.45
CA THR D 140 11.03 5.65 1.57
C THR D 140 11.54 5.51 3.02
N PRO D 141 12.84 5.23 3.21
CA PRO D 141 13.29 5.01 4.58
C PRO D 141 13.07 6.22 5.48
N GLY D 142 12.66 5.95 6.72
CA GLY D 142 12.44 6.98 7.73
C GLY D 142 11.09 7.69 7.66
N THR D 143 10.26 7.34 6.69
CA THR D 143 9.02 8.06 6.49
C THR D 143 7.81 7.44 7.17
N ARG D 144 7.86 6.13 7.48
CA ARG D 144 6.76 5.44 8.13
C ARG D 144 7.30 4.35 9.05
N PHE D 145 6.47 3.93 10.00
CA PHE D 145 6.70 2.76 10.81
C PHE D 145 5.83 1.62 10.30
N GLU D 146 6.46 0.49 10.02
CA GLU D 146 5.75 -0.75 9.72
C GLU D 146 6.53 -1.99 10.21
N TYR D 147 5.93 -2.73 11.13
CA TYR D 147 6.58 -3.83 11.81
C TYR D 147 6.74 -5.00 10.83
N GLY D 148 7.90 -5.63 10.87
CA GLY D 148 8.18 -6.79 10.04
C GLY D 148 9.43 -7.55 10.47
N GLY D 149 9.80 -8.54 9.66
CA GLY D 149 10.95 -9.37 9.93
C GLY D 149 12.10 -9.34 8.92
N LEU D 150 11.85 -8.99 7.67
CA LEU D 150 12.90 -9.05 6.67
C LEU D 150 14.03 -8.05 6.92
N ALA D 151 13.69 -6.82 7.31
CA ALA D 151 14.69 -5.78 7.46
C ALA D 151 15.76 -6.26 8.48
N GLN D 153 16.82 -9.20 8.99
CA GLN D 153 17.70 -10.19 8.35
C GLN D 153 18.90 -9.49 7.72
N ILE D 154 18.68 -8.32 7.11
CA ILE D 154 19.74 -7.52 6.49
C ILE D 154 20.67 -6.97 7.59
N ALA D 155 20.06 -6.51 8.70
CA ALA D 155 20.84 -6.02 9.81
C ALA D 155 21.78 -7.12 10.34
N GLY D 156 21.21 -8.29 10.56
CA GLY D 156 22.00 -9.43 11.02
C GLY D 156 23.12 -9.81 10.06
N ARG D 157 22.86 -9.67 8.77
CA ARG D 157 23.88 -9.96 7.75
C ARG D 157 25.03 -8.94 7.78
N ALA D 159 26.09 -7.55 10.46
CA ALA D 159 26.90 -7.91 11.62
C ALA D 159 27.78 -9.13 11.28
N GLU D 160 27.20 -10.12 10.59
CA GLU D 160 27.97 -11.28 10.09
C GLU D 160 29.22 -10.84 9.26
N VAL D 161 29.04 -9.92 8.34
CA VAL D 161 30.12 -9.45 7.49
C VAL D 161 31.16 -8.66 8.31
N ALA D 162 30.72 -7.82 9.23
CA ALA D 162 31.67 -7.10 10.06
C ALA D 162 32.54 -8.06 10.92
N GLY D 164 32.88 -11.63 10.29
CA GLY D 164 33.34 -12.83 9.58
C GLY D 164 32.84 -14.12 10.19
N LYS D 165 31.67 -14.10 10.81
CA LYS D 165 31.06 -15.27 11.43
C LYS D 165 29.54 -15.18 11.28
N GLU D 166 28.89 -16.32 11.29
CA GLU D 166 27.47 -16.35 11.13
C GLU D 166 26.72 -15.89 12.40
N PHE D 167 25.44 -15.56 12.25
CA PHE D 167 24.72 -14.89 13.32
C PHE D 167 24.54 -15.79 14.56
N GLU D 168 24.16 -17.05 14.36
CA GLU D 168 23.97 -17.92 15.52
C GLU D 168 25.28 -18.05 16.35
N PRO D 169 26.42 -18.35 15.71
CA PRO D 169 27.67 -18.35 16.49
C PRO D 169 27.98 -17.00 17.16
N LEU D 170 27.65 -15.89 16.52
CA LEU D 170 27.84 -14.58 17.17
C LEU D 170 26.98 -14.44 18.42
N PHE D 171 25.74 -14.92 18.36
CA PHE D 171 24.86 -14.88 19.54
C PHE D 171 25.51 -15.65 20.68
N GLN D 172 25.96 -16.86 20.39
CA GLN D 172 26.58 -17.69 21.43
C GLN D 172 27.83 -17.01 22.00
N GLU D 173 28.68 -16.48 21.11
CA GLU D 173 29.98 -15.92 21.51
C GLU D 173 29.85 -14.58 22.24
N LEU D 174 29.01 -13.69 21.74
CA LEU D 174 28.97 -12.31 22.24
C LEU D 174 27.95 -12.09 23.35
N ILE D 175 26.90 -12.90 23.38
CA ILE D 175 25.82 -12.66 24.32
C ILE D 175 25.51 -13.89 25.17
N ALA D 176 25.21 -15.03 24.56
CA ALA D 176 24.72 -16.16 25.34
C ALA D 176 25.78 -16.71 26.31
N ALA D 177 26.96 -17.03 25.81
CA ALA D 177 27.96 -17.65 26.73
C ALA D 177 28.45 -16.64 27.77
N PRO D 178 28.70 -15.35 27.39
CA PRO D 178 29.09 -14.40 28.44
C PRO D 178 28.04 -14.21 29.53
N LEU D 179 26.77 -14.51 29.24
CA LEU D 179 25.71 -14.38 30.23
C LEU D 179 25.30 -15.69 30.90
N GLY D 180 25.89 -16.81 30.50
CA GLY D 180 25.43 -18.13 30.96
C GLY D 180 24.04 -18.55 30.50
N THR D 182 22.32 -20.95 28.55
CA THR D 182 22.79 -22.27 28.17
C THR D 182 21.81 -23.07 27.28
N HIS D 183 20.59 -22.58 27.09
CA HIS D 183 19.59 -23.31 26.32
C HIS D 183 18.87 -22.42 25.29
N SER D 184 19.60 -21.49 24.70
CA SER D 184 19.01 -20.50 23.77
C SER D 184 19.69 -20.60 22.42
N HIS D 185 18.91 -20.35 21.35
CA HIS D 185 19.45 -20.30 19.98
C HIS D 185 18.44 -19.67 19.06
N PHE D 186 18.94 -18.97 18.05
CA PHE D 186 18.08 -18.44 16.97
C PHE D 186 17.91 -19.39 15.79
N ALA D 187 18.91 -20.25 15.61
CA ALA D 187 19.01 -21.18 14.50
C ALA D 187 19.42 -22.52 15.10
N PRO D 188 18.94 -23.63 14.52
CA PRO D 188 18.11 -23.67 13.33
C PRO D 188 16.71 -23.17 13.59
N VAL D 189 16.12 -22.64 12.53
CA VAL D 189 14.86 -21.97 12.61
C VAL D 189 13.77 -23.05 12.64
N ASN D 190 12.97 -23.07 13.67
CA ASN D 190 11.81 -23.94 13.71
C ASN D 190 10.74 -23.49 12.70
N THR D 191 10.16 -24.46 11.99
CA THR D 191 9.26 -24.16 10.87
C THR D 191 7.78 -24.53 11.14
N ASP D 192 7.41 -24.64 12.41
CA ASP D 192 6.03 -24.89 12.79
C ASP D 192 5.07 -23.71 12.49
N GLY D 193 5.62 -22.50 12.32
CA GLY D 193 4.82 -21.33 11.99
C GLY D 193 4.88 -20.26 13.05
N GLY D 194 5.25 -19.04 12.62
CA GLY D 194 5.43 -17.92 13.54
C GLY D 194 6.73 -17.94 14.37
N HIS D 195 7.68 -18.82 14.05
CA HIS D 195 8.97 -18.83 14.74
C HIS D 195 10.11 -18.50 13.76
N ALA D 196 9.85 -17.51 12.92
CA ALA D 196 10.66 -17.14 11.75
C ALA D 196 10.31 -15.70 11.34
N PRO D 197 11.21 -14.99 10.63
CA PRO D 197 12.58 -15.39 10.25
C PRO D 197 13.53 -15.37 11.44
N LEU D 199 16.11 -13.70 13.00
CA LEU D 199 16.21 -12.68 14.06
C LEU D 199 14.86 -12.25 14.61
N GLY D 200 13.91 -11.96 13.73
CA GLY D 200 12.66 -11.41 14.16
C GLY D 200 11.79 -12.39 14.93
N GLY D 201 11.88 -13.68 14.64
CA GLY D 201 11.02 -14.63 15.36
C GLY D 201 11.62 -15.99 15.66
N GLY D 202 12.93 -16.17 15.45
CA GLY D 202 13.55 -17.49 15.57
C GLY D 202 13.91 -17.97 16.97
N LEU D 203 14.03 -17.07 17.94
CA LEU D 203 14.67 -17.40 19.21
C LEU D 203 13.91 -18.47 20.00
N CYS D 204 14.67 -19.47 20.41
CA CYS D 204 14.23 -20.47 21.37
C CYS D 204 15.01 -20.24 22.66
N THR D 205 14.33 -20.18 23.79
CA THR D 205 15.02 -19.79 25.04
C THR D 205 14.24 -20.32 26.25
N THR D 206 14.71 -19.96 27.43
CA THR D 206 14.11 -20.39 28.69
C THR D 206 13.85 -19.19 29.58
N LEU D 207 13.06 -19.41 30.62
CA LEU D 207 12.86 -18.42 31.64
C LEU D 207 14.20 -17.93 32.20
N ASN D 208 15.06 -18.88 32.57
CA ASN D 208 16.33 -18.57 33.24
C ASN D 208 17.25 -17.77 32.28
N ASP D 209 17.30 -18.19 31.02
CA ASP D 209 18.24 -17.59 30.09
C ASP D 209 17.82 -16.11 29.86
N TYR D 210 16.53 -15.86 29.65
CA TYR D 210 16.10 -14.49 29.31
C TYR D 210 16.16 -13.57 30.53
N ILE D 211 15.97 -14.13 31.74
CA ILE D 211 16.17 -13.35 32.95
C ILE D 211 17.63 -12.86 33.07
N ARG D 212 18.58 -13.70 32.69
CA ARG D 212 19.98 -13.28 32.65
C ARG D 212 20.22 -12.17 31.62
N PHE D 213 19.58 -12.29 30.46
CA PHE D 213 19.62 -11.20 29.51
C PHE D 213 19.06 -9.90 30.06
N LEU D 214 17.89 -9.96 30.69
CA LEU D 214 17.26 -8.74 31.16
C LEU D 214 18.05 -8.06 32.28
N LYS D 215 18.68 -8.84 33.15
CA LYS D 215 19.56 -8.29 34.18
C LYS D 215 20.67 -7.41 33.58
N ILE D 217 20.64 -5.90 30.57
CA ILE D 217 20.05 -4.68 30.01
C ILE D 217 19.67 -3.70 31.14
N TYR D 218 19.09 -4.24 32.20
CA TYR D 218 18.66 -3.42 33.33
C TYR D 218 19.85 -2.66 33.96
N HIS D 219 21.00 -3.32 34.01
CA HIS D 219 22.23 -2.73 34.52
C HIS D 219 23.10 -2.06 33.43
N ASN D 220 22.43 -1.52 32.39
CA ASN D 220 23.08 -0.65 31.40
CA ASN D 220 23.06 -0.65 31.39
C ASN D 220 24.24 -1.34 30.70
N GLY D 221 24.09 -2.64 30.45
CA GLY D 221 25.11 -3.41 29.73
C GLY D 221 26.12 -4.23 30.53
N ARG D 222 26.10 -4.11 31.84
CA ARG D 222 26.99 -4.89 32.70
C ARG D 222 26.28 -6.08 33.27
N SER D 223 26.97 -7.20 33.30
CA SER D 223 26.48 -8.39 33.96
C SER D 223 27.57 -8.82 34.98
N GLY D 224 27.28 -8.71 36.27
CA GLY D 224 28.30 -8.94 37.32
C GLY D 224 29.44 -7.96 37.19
N ASN D 225 30.64 -8.47 36.94
CA ASN D 225 31.80 -7.59 36.76
C ASN D 225 32.23 -7.43 35.29
N ARG D 226 31.35 -7.80 34.36
CA ARG D 226 31.73 -7.91 32.97
C ARG D 226 30.87 -6.97 32.10
N GLU D 227 31.51 -6.17 31.28
CA GLU D 227 30.84 -5.41 30.23
C GLU D 227 30.39 -6.32 29.08
N ILE D 228 29.08 -6.43 28.89
CA ILE D 228 28.52 -7.21 27.77
C ILE D 228 28.15 -6.25 26.63
N LEU D 229 27.52 -5.13 26.97
CA LEU D 229 27.32 -4.02 26.04
C LEU D 229 27.81 -2.73 26.66
N LYS D 230 28.35 -1.87 25.83
CA LYS D 230 28.72 -0.53 26.29
C LYS D 230 27.46 0.25 26.71
N PRO D 231 27.59 1.12 27.72
CA PRO D 231 26.37 1.83 28.19
C PRO D 231 25.72 2.70 27.13
N GLU D 232 26.53 3.28 26.24
CA GLU D 232 25.98 4.16 25.18
C GLU D 232 25.10 3.32 24.24
N THR D 233 25.47 2.05 24.08
CA THR D 233 24.75 1.13 23.16
C THR D 233 23.39 0.74 23.73
N VAL D 234 23.32 0.43 25.03
CA VAL D 234 22.01 0.18 25.67
C VAL D 234 21.16 1.44 25.57
N GLN D 235 21.76 2.60 25.79
CA GLN D 235 21.01 3.86 25.66
C GLN D 235 20.45 4.07 24.26
N THR D 236 21.25 3.83 23.24
CA THR D 236 20.79 3.95 21.86
C THR D 236 19.63 2.97 21.56
N GLN D 238 17.41 1.92 23.51
CA GLN D 238 16.19 2.32 24.21
C GLN D 238 15.74 3.73 23.79
N ALA D 239 16.48 4.38 22.91
CA ALA D 239 16.14 5.73 22.44
C ALA D 239 15.03 5.69 21.44
N ASP D 240 14.40 6.85 21.23
CA ASP D 240 13.42 7.02 20.16
C ASP D 240 14.11 6.79 18.78
N GLN D 241 13.81 5.67 18.12
CA GLN D 241 14.35 5.39 16.79
C GLN D 241 13.29 5.47 15.67
N VAL D 242 12.07 5.83 16.04
CA VAL D 242 11.01 6.11 15.07
C VAL D 242 11.20 7.54 14.49
N ARG D 243 11.48 8.50 15.37
CA ARG D 243 11.84 9.90 14.98
C ARG D 243 10.66 10.51 14.28
N ASN D 244 10.82 10.91 13.02
CA ASN D 244 9.69 11.53 12.33
C ASN D 244 8.91 10.62 11.39
N ALA D 245 9.19 9.32 11.42
CA ALA D 245 8.37 8.38 10.71
C ALA D 245 6.91 8.41 11.19
N VAL D 246 5.97 8.35 10.24
CA VAL D 246 4.53 8.39 10.57
C VAL D 246 4.09 7.07 11.15
N VAL D 247 3.42 7.14 12.28
CA VAL D 247 2.85 5.99 12.97
C VAL D 247 1.35 5.98 12.76
N ALA D 248 0.87 4.98 12.04
CA ALA D 248 -0.54 4.81 11.76
C ALA D 248 -1.31 4.43 13.03
N PRO D 249 -2.63 4.69 13.04
CA PRO D 249 -3.39 4.29 14.21
C PRO D 249 -3.36 2.77 14.38
N GLY D 250 -3.42 2.33 15.64
CA GLY D 250 -3.66 0.92 15.96
C GLY D 250 -2.42 0.05 16.06
N GLU D 251 -1.24 0.64 16.19
CA GLU D 251 -0.07 -0.17 16.46
C GLU D 251 -0.10 -0.57 17.92
N TYR D 252 0.82 -1.45 18.30
CA TYR D 252 0.71 -2.19 19.55
C TYR D 252 0.63 -1.27 20.79
N VAL D 253 1.48 -0.24 20.87
CA VAL D 253 1.49 0.64 22.03
C VAL D 253 0.14 1.34 22.24
N GLU D 254 -0.44 1.92 21.20
CA GLU D 254 -1.78 2.45 21.29
C GLU D 254 -2.85 1.37 21.62
N LYS D 255 -2.83 0.27 20.90
CA LYS D 255 -3.88 -0.73 21.05
C LYS D 255 -3.76 -1.49 22.37
N ALA D 256 -2.55 -1.79 22.82
CA ALA D 256 -2.41 -2.59 24.03
C ALA D 256 -2.34 -1.74 25.29
N LEU D 257 -1.72 -0.57 25.20
CA LEU D 257 -1.48 0.25 26.40
C LEU D 257 -2.29 1.56 26.45
N GLY D 258 -2.84 1.96 25.31
CA GLY D 258 -3.60 3.20 25.24
C GLY D 258 -2.76 4.45 25.30
N GLN D 259 -1.49 4.33 24.92
CA GLN D 259 -0.58 5.46 24.95
C GLN D 259 -0.48 6.05 23.55
N HIS D 260 -0.36 7.36 23.46
CA HIS D 260 -0.48 8.05 22.20
C HIS D 260 0.81 8.75 21.70
N HIS D 261 1.93 8.52 22.37
CA HIS D 261 3.23 9.03 21.87
C HIS D 261 3.62 8.27 20.59
N THR D 262 4.37 8.91 19.70
CA THR D 262 4.75 8.25 18.46
C THR D 262 6.14 7.60 18.50
N SER D 263 6.90 7.90 19.55
CA SER D 263 8.26 7.37 19.73
C SER D 263 8.12 5.96 20.32
N ILE D 264 7.45 5.09 19.59
CA ILE D 264 7.01 3.79 20.10
C ILE D 264 8.01 2.66 20.04
N TYR D 265 9.18 2.89 19.44
CA TYR D 265 10.12 1.79 19.19
C TYR D 265 11.58 2.30 19.20
N GLY D 266 12.45 1.51 19.79
CA GLY D 266 13.90 1.74 19.72
C GLY D 266 14.56 0.81 18.72
N LEU D 267 15.51 0.00 19.19
CA LEU D 267 16.17 -1.00 18.36
C LEU D 267 15.75 -2.39 18.89
N GLY D 268 14.85 -3.01 18.14
CA GLY D 268 14.34 -4.33 18.48
C GLY D 268 13.57 -4.37 19.77
N GLU D 269 12.98 -3.23 20.18
CA GLU D 269 12.23 -3.20 21.44
C GLU D 269 11.21 -2.07 21.43
N TRP D 270 10.05 -2.31 22.03
CA TRP D 270 9.00 -1.31 22.16
C TRP D 270 9.22 -0.36 23.34
N ARG D 271 8.94 0.91 23.13
CA ARG D 271 8.93 1.94 24.19
C ARG D 271 7.48 2.12 24.62
N GLU D 272 7.06 1.27 25.55
CA GLU D 272 5.63 1.14 25.94
C GLU D 272 5.18 2.38 26.73
N LEU D 273 5.99 2.82 27.68
CA LEU D 273 5.65 4.02 28.44
C LEU D 273 6.82 4.99 28.43
N VAL D 274 6.53 6.24 28.08
CA VAL D 274 7.53 7.26 27.83
C VAL D 274 7.11 8.49 28.63
N ASP D 275 8.07 9.11 29.31
CA ASP D 275 7.83 10.33 30.11
C ASP D 275 7.62 11.50 29.16
N GLU D 276 6.43 12.08 29.17
CA GLU D 276 6.08 13.16 28.21
C GLU D 276 6.93 14.44 28.37
N ALA D 277 7.47 14.67 29.56
CA ALA D 277 8.37 15.82 29.77
C ALA D 277 9.77 15.63 29.18
N THR D 278 10.35 14.44 29.36
CA THR D 278 11.75 14.18 28.97
C THR D 278 11.92 13.32 27.73
N GLY D 279 10.88 12.59 27.33
CA GLY D 279 11.00 11.65 26.23
C GLY D 279 11.70 10.32 26.54
N GLU D 280 12.08 10.09 27.79
CA GLU D 280 12.79 8.86 28.12
C GLU D 280 11.77 7.75 28.33
N ALA D 281 12.06 6.58 27.77
CA ALA D 281 11.26 5.39 27.99
C ALA D 281 11.52 4.80 29.38
N TYR D 282 10.48 4.67 30.19
CA TYR D 282 10.65 4.02 31.49
C TYR D 282 10.02 2.61 31.54
N GLN D 283 9.24 2.22 30.53
CA GLN D 283 8.82 0.81 30.40
C GLN D 283 9.12 0.36 28.98
N ILE D 284 9.86 -0.73 28.88
CA ILE D 284 10.38 -1.23 27.60
C ILE D 284 10.10 -2.74 27.56
N SER D 285 9.71 -3.23 26.39
CA SER D 285 9.36 -4.65 26.23
C SER D 285 9.70 -5.14 24.85
N SER D 286 9.52 -6.46 24.66
CA SER D 286 9.55 -7.10 23.34
C SER D 286 8.57 -8.30 23.35
N PRO D 287 7.27 -8.02 23.29
CA PRO D 287 6.30 -9.12 23.27
C PRO D 287 6.36 -10.00 22.02
N GLY D 288 6.12 -11.29 22.20
CA GLY D 288 5.91 -12.20 21.10
C GLY D 288 4.44 -12.58 20.93
N TRP D 289 4.07 -12.97 19.70
CA TRP D 289 2.67 -13.25 19.41
C TRP D 289 2.10 -14.39 20.22
N ALA D 290 2.93 -15.31 20.64
CA ALA D 290 2.47 -16.50 21.32
C ALA D 290 2.41 -16.40 22.83
N GLY D 291 2.72 -15.23 23.38
CA GLY D 291 2.50 -14.95 24.81
C GLY D 291 3.76 -14.59 25.63
N ALA D 292 4.94 -14.75 25.04
CA ALA D 292 6.18 -14.37 25.76
C ALA D 292 6.19 -12.86 25.97
N TYR D 293 6.45 -12.43 27.21
CA TYR D 293 6.41 -11.01 27.53
C TYR D 293 7.54 -10.64 28.50
N PRO D 294 8.64 -10.11 27.96
CA PRO D 294 9.75 -9.60 28.76
C PRO D 294 9.60 -8.10 28.90
N TRP D 295 9.92 -7.55 30.05
CA TRP D 295 9.86 -6.10 30.20
C TRP D 295 10.80 -5.60 31.29
N ILE D 296 11.09 -4.31 31.21
CA ILE D 296 11.76 -3.51 32.23
C ILE D 296 10.83 -2.35 32.54
N ASN D 297 10.66 -2.05 33.82
CA ASN D 297 10.05 -0.77 34.22
C ASN D 297 11.01 -0.08 35.19
N LYS D 298 11.57 1.02 34.72
CA LYS D 298 12.62 1.74 35.44
C LYS D 298 12.08 2.47 36.67
N ARG D 299 10.84 2.90 36.62
CA ARG D 299 10.23 3.56 37.79
C ARG D 299 9.97 2.61 38.92
N ASP D 300 9.54 1.41 38.58
CA ASP D 300 9.30 0.35 39.59
C ASP D 300 10.61 -0.30 40.05
N GLY D 301 11.69 -0.12 39.29
CA GLY D 301 12.91 -0.87 39.54
C GLY D 301 12.84 -2.33 39.19
N VAL D 302 12.03 -2.66 38.20
CA VAL D 302 11.63 -4.03 37.94
C VAL D 302 12.15 -4.50 36.58
N TYR D 303 12.59 -5.74 36.51
CA TYR D 303 12.53 -6.50 35.26
C TYR D 303 11.81 -7.83 35.46
N GLY D 304 11.09 -8.28 34.44
CA GLY D 304 10.36 -9.54 34.52
C GLY D 304 10.20 -10.23 33.20
N PHE D 305 9.78 -11.49 33.25
CA PHE D 305 9.56 -12.28 32.07
C PHE D 305 8.49 -13.34 32.37
N PHE D 306 7.47 -13.37 31.52
CA PHE D 306 6.51 -14.48 31.40
C PHE D 306 6.80 -15.22 30.10
N ILE D 307 7.05 -16.53 30.23
CA ILE D 307 7.32 -17.41 29.13
C ILE D 307 6.27 -18.52 29.01
N ALA D 308 5.72 -18.66 27.81
CA ALA D 308 4.72 -19.65 27.49
C ALA D 308 4.51 -19.58 25.98
N HIS D 309 3.78 -20.55 25.45
CA HIS D 309 3.40 -20.53 24.04
C HIS D 309 1.91 -20.90 23.94
N VAL D 310 1.12 -19.98 23.41
CA VAL D 310 -0.32 -20.20 23.23
C VAL D 310 -0.59 -21.50 22.45
N GLN D 311 -1.71 -22.13 22.75
CA GLN D 311 -2.16 -23.33 22.02
C GLN D 311 -3.58 -23.07 21.51
N GLY D 312 -3.96 -23.68 20.38
CA GLY D 312 -5.31 -23.52 19.81
C GLY D 312 -5.49 -22.23 19.02
N ALA D 314 -4.25 -17.45 19.07
CA ALA D 314 -3.57 -16.27 19.63
C ALA D 314 -4.54 -15.15 19.94
N ASN D 315 -5.28 -14.70 18.92
CA ASN D 315 -6.46 -13.82 19.11
C ASN D 315 -7.72 -14.71 19.06
N LYS D 316 -8.23 -15.09 20.23
CA LYS D 316 -9.25 -16.12 20.31
C LYS D 316 -10.64 -15.51 20.20
N LYS D 317 -11.63 -16.38 20.02
CA LYS D 317 -13.02 -15.96 19.83
C LYS D 317 -13.61 -15.26 21.06
N ASP D 318 -13.11 -15.60 22.26
CA ASP D 318 -13.59 -14.98 23.51
C ASP D 318 -12.91 -13.63 23.86
N GLY D 319 -12.19 -13.02 22.91
CA GLY D 319 -11.54 -11.73 23.13
C GLY D 319 -10.12 -11.77 23.67
N PHE D 320 -9.64 -12.92 24.13
CA PHE D 320 -8.28 -13.03 24.67
C PHE D 320 -7.25 -12.82 23.55
N SER D 321 -6.12 -12.17 23.86
CA SER D 321 -5.00 -12.07 22.92
C SER D 321 -3.69 -12.31 23.65
N SER D 322 -2.95 -13.32 23.21
CA SER D 322 -1.63 -13.62 23.79
C SER D 322 -0.59 -12.56 23.40
N PHE D 323 -0.98 -11.58 22.58
CA PHE D 323 -0.08 -10.46 22.21
C PHE D 323 -0.57 -9.16 22.86
N TYR D 324 -1.76 -8.71 22.47
CA TYR D 324 -2.26 -7.40 22.91
C TYR D 324 -2.61 -7.33 24.39
N GLY D 325 -2.81 -8.48 25.05
CA GLY D 325 -3.20 -8.50 26.45
C GLY D 325 -2.02 -8.59 27.41
N SER D 326 -0.81 -8.76 26.87
CA SER D 326 0.36 -9.06 27.70
C SER D 326 0.78 -7.96 28.68
N PRO D 327 0.58 -6.67 28.34
CA PRO D 327 0.98 -5.66 29.32
C PRO D 327 0.09 -5.58 30.57
N VAL D 328 -0.96 -6.42 30.67
CA VAL D 328 -1.64 -6.57 31.95
C VAL D 328 -0.63 -7.10 33.00
N LEU D 329 0.40 -7.81 32.54
CA LEU D 329 1.41 -8.34 33.45
C LEU D 329 2.25 -7.27 34.12
N SER D 330 2.80 -6.35 33.32
CA SER D 330 3.58 -5.24 33.86
C SER D 330 2.70 -4.27 34.65
N GLU D 331 1.48 -4.04 34.16
CA GLU D 331 0.57 -3.15 34.84
C GLU D 331 0.23 -3.67 36.26
N THR D 332 -0.04 -4.97 36.38
CA THR D 332 -0.35 -5.60 37.65
C THR D 332 0.87 -5.56 38.60
N VAL D 333 2.06 -5.85 38.10
CA VAL D 333 3.27 -5.73 38.91
C VAL D 333 3.48 -4.29 39.43
N THR D 334 3.21 -3.30 38.60
CA THR D 334 3.32 -1.91 39.02
C THR D 334 2.40 -1.66 40.23
N LYS D 335 1.18 -2.19 40.20
CA LYS D 335 0.25 -1.99 41.30
C LYS D 335 0.72 -2.73 42.55
N ILE D 336 1.24 -3.94 42.37
CA ILE D 336 1.65 -4.79 43.45
C ILE D 336 2.81 -4.14 44.22
N VAL D 337 3.80 -3.60 43.51
CA VAL D 337 5.01 -3.11 44.13
C VAL D 337 4.88 -1.65 44.58
N ASN D 338 3.77 -1.00 44.25
CA ASN D 338 3.52 0.36 44.70
C ASN D 338 2.50 0.45 45.85
N GLN D 339 2.18 -0.68 46.48
CA GLN D 339 1.39 -0.69 47.72
C GLN D 339 1.34 -2.09 48.30
#